data_1SXJ
#
_entry.id   1SXJ
#
_cell.length_a   104.209
_cell.length_b   110.481
_cell.length_c   268.206
_cell.angle_alpha   90.00
_cell.angle_beta   90.00
_cell.angle_gamma   90.00
#
_symmetry.space_group_name_H-M   'P 21 21 21'
#
loop_
_entity.id
_entity.type
_entity.pdbx_description
1 polymer 'Activator 1 95 kDa subunit'
2 polymer 'Activator 1 37 kDa subunit'
3 polymer 'Activator 1 40 kDa subunit'
4 polymer 'Activator 1 41 kDa subunit'
5 polymer 'Activator 1 40 kDa subunit'
6 polymer 'Proliferating cell nuclear antigen'
7 non-polymer 'MAGNESIUM ION'
8 non-polymer 'PHOSPHOTHIOPHOSPHORIC ACID-ADENYLATE ESTER'
9 non-polymer "ADENOSINE-5'-DIPHOSPHATE"
#
loop_
_entity_poly.entity_id
_entity_poly.type
_entity_poly.pdbx_seq_one_letter_code
_entity_poly.pdbx_strand_id
1 'polypeptide(L)'
;MGSSHHHHHHSSGLEVLFQGPHMASDKLWTVKYAPTNLQQVCGNKGSVMKLKNWLANWENSKKNSFKHAGKDGSGVFRAA
MLYGPPGIGKTTAAHLVAQELGYDILEQNASDVRSKTLLNAGVKNALDNMSVVGYFKHNEEAQNLNGKHFVIIMDEVDGM
SGGDRGGVGQLAQFCRKTSTPLILICNERNLPKMRPFDRVCLDIQFRRPDANSIKSRLMTIAIREKFKLDPNVIDRLIQT
TRGDIRQVINLLSTISTTTKTINHENINEISKAWEKNIALKPFDIAHKMLDGQIYSDIGSRNFTLNDKIALYFDDFDFTP
LMIQENYLSTRPSVLKPGQSHLEAVAEAANCISLGDIVEKKIRSSEQLWSLLPLHAVLSSVYPASKVAGHMAGRINFTAW
LGQNSKSAKYYRLLQEIHYHTRLGTST(UNK)(UNK)(UNK)(UNK)(UNK)(UNK)(UNK)(UNK)(UNK)(UNK)
(UNK)(UNK)(UNK)(UNK)(UNK)(UNK)(UNK)(UNK)(UNK)(UNK)(UNK)(UNK)(UNK)(UNK)(UNK)(UNK)
(UNK)(UNK)(UNK)(UNK)(UNK)(UNK)(UNK)(UNK)(UNK)(UNK)(UNK)(UNK)(UNK)(UNK)(UNK)(UNK)
(UNK)(UNK)(UNK)(UNK)(UNK)(UNK)(UNK)(UNK)(UNK)FFVGPDVTTAIIKKIPATVKSGFTRKYNSMTHPVA
IYR
;
A
2 'polypeptide(L)'
;MSKTLSLQLPWVEKYRPQVLSDIVGNKETIDRLQQIAKDGNMPHMIISGMPGIGKTTSVHCLAHELLGRSYADGVLELNA
SDDRGIDVVRNQIKHFAQKKLHLPPGKHKIVILDEADSMTAGAQQALRRTMELYSNSTRFAFACNQSNKIIEPLQSQCAI
LRYSKLSDEDVLKRLLQIIKLEDVKYTNDGLEAIIFTAEGDMRQAINNLQSTVAGHGLVNADNVFKIVDSPHPLIVKKML
LASNLEDSIQILRTDLWKKGYSSIDIVTTSFRVTKNLAQVKESVRLEMIKEIGLTHMRILEGVGTYLQLASMLAKIHKLN
NKA
;
B
3 'polypeptide(L)'
;MSTSTEKRSKENLPWVEKYRPETLDEVYGQNEVITTVRKFVDEGKLPHLLFYGPPGTGKTSTIVALAREIYGKNYSNMVL
ELNASDDRGIDVVRNQIKDFASTRQIFSKGFKLIILDEADAMTNAAQNALRRVIERYTKNTRFCVLANYAHKLTPALLSQ
CTRFRFQPLPQEAIERRIANVLVHEKLKLSPNAEKALIELSNGDMRRVLNVLQSCKATLDNPDEDEISDDVIYECCGAPR
PSDLKAVLKSILEDDWGTAHYTLNKVRSAKGLALIDLIEGIVKILEDYELQNEETRVHLLTKLADIEYSISKGGNDQIQG
SAVIGAIKASFENETVKANV
;
C
4 'polypeptide(L)'
;MFEGFGPNKKRKISKLAAEQSLAQQPWVEKYRPKNLDEVTAQDHAVTVLKKTLKSANLPHMLFYGPPGTGKTSTILALTK
ELYGPDLMKSRILELNASDERGISIVREKVKNFARLTVSKPSKHDLENYPCPPYKIIILDEADSMTADAQSALRRTMETY
SGVTRFCLICNYVTRIIDPLASQCSKFRFKALDASNAIDRLRFISEQENVKCDDGVLERILDISAGDLRRGITLLQSASK
GAQYLGDGKNITSTQVEELAGVVPHDILIEIVEKVKSGDFDEIKKYVNTFMKSGWSAASVVNQLHEYYITNDNFDTNFKN
QISWLLFTTDSRLNNGTNEHIQLLNLLVKISQL
;
D
5 'polypeptide(L)'
;MSLWVDKYRPKSLNALSHNEELTNFLKSLSDQPRDLPHLLLYGPNGTGKKTRCMALLESIFGPGVYRLKIDVRQFVTASN
RKLELNVVSSPYHLEITPSDMGNNDRIVIQELLKEVAQMEQVDFQDSKDGLAHRYKCVIINEANSLTKDAQAALRRTMEK
YSKNIRLIMVCDSMSPIIAPIKSQCLLIRCPAPSDSEISTILSDVVTNERIQLETKDILKRIAQASNGNLRVSLLMLESM
ALNNELALKSSSPIIKPDWIIVIHKLTRKIVKERSVNSLIECRAVLYDLLAHCIPANIILKELTFSLLDVETLNTTNKSS
IIEYSSVFDERLSLGNKAIFHLEGFIAKVMCCLD
;
E
6 'polypeptide(L)'
;(MSE)GSSHHHHHHSSGLEVLFQGPH(MSE)AS(MSE)LEAKFEEASLFKRIIDGFKDCVQLVNFQCKEDGIIAQAVDDS
RVLLVSLEIGVEAFQEYRCDHPVTLG(MSE)DLTSLSKILRCGNNTDTLTLIADNTPDSIILLFEDTKKDRIAEYSLKL
(MSE)DIDADFLKIEELQYDSTLSLPSSEFSKIVRDLSQLSDSINI(MSE)ITKETIKFVADGDIGSGSVIIKPFVD
(MSE)EHPETSIKLE(MSE)DQPVDLTFGAKYLLDIIKGSSLSDRVGIRLSSEAPALFQFDLKSGFLQFFLAPKFNDEE
;
F,G,H
#
# COMPACT_ATOMS: atom_id res chain seq x y z
N ASP A 26 -7.48 41.09 6.67
CA ASP A 26 -7.29 40.16 7.82
C ASP A 26 -7.55 38.70 7.41
N LYS A 27 -8.71 38.46 6.82
CA LYS A 27 -9.11 37.15 6.35
C LYS A 27 -8.49 36.88 5.00
N LEU A 28 -8.42 35.61 4.60
CA LEU A 28 -7.85 35.28 3.30
C LEU A 28 -8.74 35.98 2.28
N TRP A 29 -8.20 36.25 1.10
CA TRP A 29 -8.98 36.93 0.09
C TRP A 29 -10.06 36.05 -0.53
N THR A 30 -9.76 34.78 -0.73
CA THR A 30 -10.73 33.86 -1.32
C THR A 30 -11.98 33.84 -0.45
N VAL A 31 -11.81 34.20 0.82
CA VAL A 31 -12.93 34.22 1.74
C VAL A 31 -13.72 35.50 1.55
N LYS A 32 -13.12 36.64 1.88
CA LYS A 32 -13.80 37.92 1.76
C LYS A 32 -14.39 38.17 0.37
N TYR A 33 -13.82 37.55 -0.66
CA TYR A 33 -14.34 37.76 -2.01
C TYR A 33 -15.02 36.52 -2.56
N ALA A 34 -15.64 35.78 -1.65
CA ALA A 34 -16.37 34.57 -2.00
C ALA A 34 -17.79 34.93 -2.44
N PRO A 35 -18.24 34.37 -3.57
CA PRO A 35 -19.58 34.65 -4.08
C PRO A 35 -20.62 34.69 -2.95
N THR A 36 -21.65 35.52 -3.13
CA THR A 36 -22.71 35.66 -2.12
C THR A 36 -24.06 35.38 -2.78
N ASN A 37 -24.03 35.25 -4.10
CA ASN A 37 -25.22 34.94 -4.90
C ASN A 37 -24.71 34.22 -6.12
N LEU A 38 -25.50 33.30 -6.67
CA LEU A 38 -25.08 32.59 -7.86
C LEU A 38 -24.74 33.63 -8.93
N GLN A 39 -25.09 34.88 -8.62
CA GLN A 39 -24.84 36.02 -9.49
C GLN A 39 -23.41 36.49 -9.33
N GLN A 40 -22.53 35.61 -8.89
CA GLN A 40 -21.14 35.95 -8.70
C GLN A 40 -20.22 34.76 -8.93
N VAL A 41 -20.76 33.71 -9.55
CA VAL A 41 -19.96 32.53 -9.84
C VAL A 41 -19.43 32.63 -11.26
N CYS A 42 -18.18 33.07 -11.38
CA CYS A 42 -17.53 33.25 -12.66
C CYS A 42 -17.43 31.96 -13.46
N GLY A 43 -18.33 31.78 -14.40
CA GLY A 43 -18.29 30.59 -15.24
C GLY A 43 -19.31 29.51 -14.95
N ASN A 44 -19.25 28.45 -15.74
CA ASN A 44 -20.14 27.32 -15.59
C ASN A 44 -21.62 27.72 -15.49
N LYS A 45 -21.92 29.01 -15.70
CA LYS A 45 -23.29 29.52 -15.65
C LYS A 45 -24.31 28.56 -16.22
N GLY A 46 -23.91 27.81 -17.25
CA GLY A 46 -24.80 26.85 -17.85
C GLY A 46 -25.10 25.73 -16.88
N SER A 47 -24.06 25.20 -16.27
CA SER A 47 -24.20 24.11 -15.31
C SER A 47 -24.87 24.59 -14.02
N VAL A 48 -24.58 25.82 -13.60
CA VAL A 48 -25.21 26.36 -12.40
C VAL A 48 -26.71 26.36 -12.60
N MET A 49 -27.13 26.77 -13.79
CA MET A 49 -28.54 26.81 -14.13
C MET A 49 -29.07 25.40 -14.02
N LYS A 50 -28.44 24.48 -14.77
CA LYS A 50 -28.84 23.08 -14.76
C LYS A 50 -29.00 22.57 -13.33
N LEU A 51 -28.19 23.10 -12.43
CA LEU A 51 -28.23 22.73 -11.02
C LEU A 51 -29.46 23.33 -10.36
N LYS A 52 -29.49 24.65 -10.32
CA LYS A 52 -30.61 25.41 -9.73
C LYS A 52 -31.97 24.87 -10.18
N ASN A 53 -32.10 24.58 -11.47
CA ASN A 53 -33.35 24.05 -11.99
C ASN A 53 -33.71 22.78 -11.24
N TRP A 54 -32.86 21.77 -11.37
CA TRP A 54 -33.07 20.49 -10.69
C TRP A 54 -33.54 20.68 -9.26
N LEU A 55 -32.90 21.59 -8.53
CA LEU A 55 -33.27 21.85 -7.15
C LEU A 55 -34.62 22.54 -7.03
N ALA A 56 -35.13 23.05 -8.15
CA ALA A 56 -36.42 23.71 -8.15
C ALA A 56 -37.54 22.69 -8.41
N ASN A 57 -37.41 21.95 -9.51
CA ASN A 57 -38.41 20.95 -9.87
C ASN A 57 -38.31 19.69 -9.01
N TRP A 58 -37.58 19.77 -7.89
CA TRP A 58 -37.42 18.59 -7.05
C TRP A 58 -38.75 18.16 -6.43
N GLU A 59 -39.46 19.11 -5.82
CA GLU A 59 -40.75 18.80 -5.19
C GLU A 59 -41.67 18.09 -6.16
N ASN A 60 -41.75 18.59 -7.39
CA ASN A 60 -42.58 17.98 -8.41
C ASN A 60 -42.04 16.62 -8.81
N SER A 61 -40.74 16.57 -9.09
CA SER A 61 -40.10 15.32 -9.48
C SER A 61 -40.52 14.27 -8.46
N LYS A 62 -40.62 14.69 -7.20
CA LYS A 62 -41.02 13.82 -6.10
C LYS A 62 -42.50 13.49 -6.29
N LYS A 63 -43.32 14.53 -6.39
CA LYS A 63 -44.75 14.37 -6.59
C LYS A 63 -45.00 13.32 -7.67
N ASN A 64 -44.14 13.29 -8.68
CA ASN A 64 -44.27 12.37 -9.80
C ASN A 64 -43.42 11.10 -9.68
N SER A 65 -43.01 10.77 -8.46
CA SER A 65 -42.20 9.57 -8.25
C SER A 65 -40.90 9.53 -9.05
N PHE A 66 -40.38 10.70 -9.40
CA PHE A 66 -39.14 10.83 -10.16
C PHE A 66 -39.08 9.99 -11.44
N LYS A 67 -40.22 9.83 -12.09
CA LYS A 67 -40.25 9.03 -13.32
C LYS A 67 -40.54 9.87 -14.55
N HIS A 68 -40.54 11.18 -14.38
CA HIS A 68 -40.79 12.10 -15.50
C HIS A 68 -39.57 12.96 -15.84
N ALA A 69 -38.65 12.39 -16.60
CA ALA A 69 -37.46 13.13 -17.00
C ALA A 69 -37.90 14.30 -17.87
N GLY A 70 -38.03 15.48 -17.26
CA GLY A 70 -38.45 16.66 -17.98
C GLY A 70 -37.62 16.97 -19.22
N LYS A 71 -37.85 18.13 -19.81
CA LYS A 71 -37.11 18.53 -21.01
C LYS A 71 -35.63 18.72 -20.69
N ASP A 72 -35.27 18.50 -19.43
CA ASP A 72 -33.89 18.66 -18.98
C ASP A 72 -33.29 17.33 -18.51
N GLY A 73 -34.15 16.36 -18.20
CA GLY A 73 -33.67 15.08 -17.71
C GLY A 73 -33.56 15.10 -16.19
N SER A 74 -33.37 16.30 -15.65
CA SER A 74 -33.24 16.49 -14.21
C SER A 74 -34.61 16.28 -13.56
N GLY A 75 -35.17 15.09 -13.71
CA GLY A 75 -36.47 14.82 -13.13
C GLY A 75 -36.60 13.40 -12.64
N VAL A 76 -35.64 12.56 -13.04
CA VAL A 76 -35.63 11.16 -12.63
C VAL A 76 -34.49 10.95 -11.63
N PHE A 77 -33.95 12.05 -11.12
CA PHE A 77 -32.85 11.99 -10.20
C PHE A 77 -33.07 12.57 -8.81
N ARG A 78 -32.94 11.72 -7.80
CA ARG A 78 -33.09 12.13 -6.42
C ARG A 78 -31.98 13.12 -6.09
N ALA A 79 -30.75 12.77 -6.50
CA ALA A 79 -29.59 13.60 -6.21
C ALA A 79 -28.75 14.01 -7.42
N ALA A 80 -28.03 15.12 -7.26
CA ALA A 80 -27.16 15.65 -8.30
C ALA A 80 -25.69 15.40 -7.92
N MET A 81 -24.86 15.16 -8.92
CA MET A 81 -23.44 14.90 -8.70
C MET A 81 -22.55 15.94 -9.39
N LEU A 82 -22.08 16.93 -8.65
CA LEU A 82 -21.21 17.96 -9.22
C LEU A 82 -19.78 17.45 -9.29
N TYR A 83 -19.04 17.86 -10.32
CA TYR A 83 -17.65 17.44 -10.45
C TYR A 83 -16.83 18.37 -11.33
N GLY A 84 -15.53 18.41 -11.09
CA GLY A 84 -14.65 19.26 -11.87
C GLY A 84 -13.37 19.60 -11.15
N PRO A 85 -12.42 20.27 -11.81
CA PRO A 85 -11.12 20.65 -11.24
C PRO A 85 -11.25 21.45 -9.95
N PRO A 86 -10.12 21.65 -9.28
CA PRO A 86 -10.02 22.40 -8.02
C PRO A 86 -10.35 23.87 -8.16
N GLY A 87 -10.95 24.42 -7.11
CA GLY A 87 -11.30 25.82 -7.04
C GLY A 87 -11.97 26.47 -8.23
N ILE A 88 -13.10 25.91 -8.67
CA ILE A 88 -13.83 26.45 -9.79
C ILE A 88 -15.27 26.83 -9.42
N GLY A 89 -15.60 26.70 -8.14
CA GLY A 89 -16.94 27.09 -7.70
C GLY A 89 -17.97 26.03 -7.36
N LYS A 90 -17.60 24.75 -7.45
CA LYS A 90 -18.54 23.68 -7.14
C LYS A 90 -19.13 23.81 -5.74
N THR A 91 -18.28 23.85 -4.73
CA THR A 91 -18.74 23.97 -3.36
C THR A 91 -19.50 25.29 -3.16
N THR A 92 -19.13 26.33 -3.91
CA THR A 92 -19.82 27.61 -3.75
C THR A 92 -21.23 27.53 -4.34
N ALA A 93 -21.32 26.96 -5.53
CA ALA A 93 -22.60 26.80 -6.21
C ALA A 93 -23.59 25.97 -5.37
N ALA A 94 -23.23 24.72 -5.08
CA ALA A 94 -24.08 23.83 -4.28
C ALA A 94 -24.66 24.52 -3.06
N HIS A 95 -23.79 25.17 -2.28
CA HIS A 95 -24.25 25.86 -1.09
C HIS A 95 -25.19 26.99 -1.42
N LEU A 96 -24.76 27.82 -2.37
CA LEU A 96 -25.50 28.99 -2.83
C LEU A 96 -26.86 28.64 -3.42
N VAL A 97 -26.89 27.66 -4.32
CA VAL A 97 -28.13 27.23 -4.95
C VAL A 97 -29.10 26.77 -3.88
N ALA A 98 -28.57 26.22 -2.80
CA ALA A 98 -29.39 25.73 -1.70
C ALA A 98 -29.97 26.90 -0.91
N GLN A 99 -29.10 27.85 -0.54
CA GLN A 99 -29.53 29.00 0.24
C GLN A 99 -30.46 29.91 -0.54
N GLU A 100 -30.43 29.80 -1.87
CA GLU A 100 -31.30 30.61 -2.70
C GLU A 100 -32.72 30.09 -2.75
N LEU A 101 -32.86 28.76 -2.68
CA LEU A 101 -34.20 28.18 -2.71
C LEU A 101 -34.74 28.01 -1.31
N GLY A 102 -34.19 28.76 -0.35
CA GLY A 102 -34.68 28.72 1.01
C GLY A 102 -34.38 27.50 1.87
N TYR A 103 -33.90 26.41 1.26
CA TYR A 103 -33.59 25.21 2.02
C TYR A 103 -32.51 25.46 3.07
N ASP A 104 -32.44 24.56 4.04
CA ASP A 104 -31.44 24.61 5.08
C ASP A 104 -30.39 23.60 4.64
N ILE A 105 -29.13 23.83 5.01
CA ILE A 105 -28.07 22.93 4.59
C ILE A 105 -27.53 22.00 5.66
N LEU A 106 -27.36 20.73 5.27
CA LEU A 106 -26.79 19.71 6.14
C LEU A 106 -25.67 19.14 5.30
N GLU A 107 -24.43 19.52 5.61
CA GLU A 107 -23.28 19.05 4.84
C GLU A 107 -22.28 18.19 5.60
N GLN A 108 -21.51 17.44 4.83
CA GLN A 108 -20.45 16.59 5.32
C GLN A 108 -19.38 16.60 4.25
N ASN A 109 -18.16 16.23 4.62
CA ASN A 109 -17.05 16.24 3.69
C ASN A 109 -16.01 15.24 4.16
N ALA A 110 -14.85 15.25 3.52
CA ALA A 110 -13.79 14.32 3.88
C ALA A 110 -13.27 14.45 5.30
N SER A 111 -13.47 15.61 5.93
CA SER A 111 -12.97 15.80 7.30
C SER A 111 -13.84 15.05 8.30
N ASP A 112 -14.99 14.55 7.82
CA ASP A 112 -15.92 13.80 8.66
C ASP A 112 -15.77 12.33 8.37
N VAL A 113 -16.18 11.48 9.30
CA VAL A 113 -16.10 10.06 9.05
C VAL A 113 -17.40 9.62 8.39
N ARG A 114 -17.33 9.26 7.11
CA ARG A 114 -18.52 8.83 6.41
C ARG A 114 -18.48 7.36 6.02
N SER A 115 -18.19 6.51 6.99
CA SER A 115 -18.15 5.07 6.75
C SER A 115 -19.59 4.62 6.70
N LYS A 116 -19.83 3.46 6.10
CA LYS A 116 -21.18 2.92 6.01
C LYS A 116 -21.84 2.90 7.39
N THR A 117 -21.10 2.47 8.41
CA THR A 117 -21.65 2.42 9.76
C THR A 117 -22.15 3.79 10.21
N LEU A 118 -21.24 4.77 10.33
CA LEU A 118 -21.65 6.10 10.79
C LEU A 118 -22.66 6.75 9.86
N LEU A 119 -22.51 6.52 8.56
CA LEU A 119 -23.42 7.06 7.54
C LEU A 119 -24.85 6.63 7.88
N ASN A 120 -25.02 5.34 8.16
CA ASN A 120 -26.32 4.75 8.51
C ASN A 120 -26.77 5.08 9.93
N ALA A 121 -25.87 5.61 10.75
CA ALA A 121 -26.20 5.96 12.13
C ALA A 121 -26.31 7.47 12.27
N GLY A 122 -26.07 8.17 11.15
CA GLY A 122 -26.13 9.61 11.17
C GLY A 122 -27.13 10.15 10.16
N VAL A 123 -26.61 10.66 9.05
CA VAL A 123 -27.44 11.24 7.99
C VAL A 123 -28.60 10.38 7.49
N LYS A 124 -28.44 9.06 7.49
CA LYS A 124 -29.51 8.19 7.03
C LYS A 124 -30.83 8.67 7.67
N ASN A 125 -30.73 9.18 8.89
CA ASN A 125 -31.87 9.66 9.66
C ASN A 125 -32.45 10.99 9.24
N ALA A 126 -31.70 11.76 8.48
CA ALA A 126 -32.18 13.07 8.01
C ALA A 126 -32.69 12.98 6.58
N LEU A 127 -32.56 11.82 5.94
CA LEU A 127 -33.01 11.70 4.57
C LEU A 127 -34.51 11.98 4.44
N ASP A 128 -35.26 11.74 5.52
CA ASP A 128 -36.71 11.98 5.54
C ASP A 128 -37.12 12.81 6.77
N ASN A 129 -36.23 13.70 7.21
CA ASN A 129 -36.52 14.53 8.38
C ASN A 129 -36.46 15.99 7.96
N MET A 130 -36.92 16.88 8.84
CA MET A 130 -36.89 18.30 8.53
C MET A 130 -36.02 19.07 9.51
N SER A 131 -35.61 20.26 9.12
CA SER A 131 -34.74 21.08 9.94
C SER A 131 -35.35 21.59 11.22
N VAL A 132 -34.67 21.35 12.33
CA VAL A 132 -35.15 21.83 13.60
C VAL A 132 -34.87 23.34 13.58
N VAL A 133 -33.91 23.74 12.77
CA VAL A 133 -33.60 25.17 12.64
C VAL A 133 -34.63 25.76 11.69
N GLY A 134 -35.17 24.90 10.83
CA GLY A 134 -36.17 25.34 9.87
C GLY A 134 -37.42 25.88 10.52
N TYR A 135 -37.57 25.68 11.83
CA TYR A 135 -38.74 26.17 12.55
C TYR A 135 -38.51 27.52 13.19
N PHE A 136 -37.43 27.62 13.97
CA PHE A 136 -37.10 28.87 14.65
C PHE A 136 -36.64 29.94 13.66
N LYS A 137 -36.84 29.66 12.37
CA LYS A 137 -36.48 30.57 11.30
C LYS A 137 -37.74 30.98 10.54
N HIS A 138 -38.82 30.24 10.77
CA HIS A 138 -40.09 30.52 10.13
C HIS A 138 -40.97 31.35 11.06
N GLN A 143 -41.91 34.75 3.78
CA GLN A 143 -42.40 33.35 3.87
C GLN A 143 -41.44 32.35 3.21
N ASN A 144 -40.85 31.48 4.01
CA ASN A 144 -39.92 30.47 3.51
C ASN A 144 -40.75 29.22 3.17
N LEU A 145 -40.54 28.68 1.97
CA LEU A 145 -41.29 27.49 1.55
C LEU A 145 -40.50 26.20 1.73
N ASN A 146 -39.19 26.34 1.96
CA ASN A 146 -38.33 25.17 2.14
C ASN A 146 -37.56 25.26 3.45
N GLY A 147 -37.62 26.41 4.09
CA GLY A 147 -36.91 26.60 5.35
C GLY A 147 -36.89 25.41 6.28
N LYS A 148 -37.94 24.59 6.22
CA LYS A 148 -38.03 23.41 7.08
C LYS A 148 -37.65 22.12 6.35
N HIS A 149 -36.78 22.24 5.36
CA HIS A 149 -36.34 21.09 4.57
C HIS A 149 -34.82 21.12 4.38
N PHE A 150 -34.23 19.93 4.26
CA PHE A 150 -32.79 19.79 4.10
C PHE A 150 -32.32 19.61 2.67
N VAL A 151 -31.08 20.03 2.45
CA VAL A 151 -30.41 19.82 1.18
C VAL A 151 -29.13 19.22 1.72
N ILE A 152 -28.92 17.95 1.42
CA ILE A 152 -27.74 17.25 1.91
C ILE A 152 -26.61 17.40 0.92
N ILE A 153 -25.54 18.06 1.36
CA ILE A 153 -24.35 18.24 0.55
C ILE A 153 -23.24 17.29 1.03
N MET A 154 -23.09 16.18 0.31
CA MET A 154 -22.02 15.22 0.60
C MET A 154 -20.85 15.73 -0.25
N ASP A 155 -19.99 16.55 0.35
CA ASP A 155 -18.86 17.12 -0.38
C ASP A 155 -17.62 16.23 -0.40
N GLU A 156 -16.67 16.59 -1.25
CA GLU A 156 -15.41 15.89 -1.37
C GLU A 156 -15.61 14.38 -1.23
N VAL A 157 -16.43 13.82 -2.11
CA VAL A 157 -16.73 12.39 -2.07
C VAL A 157 -15.64 11.49 -2.63
N ASP A 158 -14.82 12.02 -3.52
CA ASP A 158 -13.76 11.23 -4.12
C ASP A 158 -12.56 11.32 -3.21
N GLY A 159 -12.83 11.68 -1.96
CA GLY A 159 -11.78 11.79 -0.99
C GLY A 159 -12.01 10.80 0.14
N MET A 160 -13.10 10.05 0.04
CA MET A 160 -13.41 9.07 1.05
C MET A 160 -12.43 7.91 0.94
N SER A 161 -11.49 7.85 1.89
CA SER A 161 -10.44 6.85 1.93
C SER A 161 -10.77 5.62 2.78
N GLY A 162 -9.73 4.97 3.30
CA GLY A 162 -9.91 3.81 4.13
C GLY A 162 -10.59 4.18 5.44
N GLY A 163 -10.78 5.47 5.65
CA GLY A 163 -11.44 5.93 6.87
C GLY A 163 -12.93 6.00 6.64
N ASP A 164 -13.38 5.49 5.51
CA ASP A 164 -14.78 5.50 5.16
C ASP A 164 -15.14 4.18 4.48
N ARG A 165 -14.95 3.07 5.18
CA ARG A 165 -15.26 1.76 4.61
C ARG A 165 -16.70 1.67 4.15
N GLY A 166 -16.87 1.36 2.87
CA GLY A 166 -18.20 1.23 2.31
C GLY A 166 -18.97 2.54 2.19
N GLY A 167 -18.28 3.65 2.44
CA GLY A 167 -18.93 4.95 2.36
C GLY A 167 -19.59 5.24 1.02
N VAL A 168 -18.84 5.09 -0.07
CA VAL A 168 -19.38 5.36 -1.40
C VAL A 168 -20.59 4.49 -1.68
N GLY A 169 -20.50 3.22 -1.33
CA GLY A 169 -21.61 2.31 -1.55
C GLY A 169 -22.87 2.78 -0.84
N GLN A 170 -22.75 3.02 0.45
CA GLN A 170 -23.91 3.45 1.22
C GLN A 170 -24.41 4.79 0.69
N LEU A 171 -23.47 5.64 0.29
CA LEU A 171 -23.79 6.97 -0.22
C LEU A 171 -24.53 6.87 -1.55
N ALA A 172 -24.10 5.93 -2.39
CA ALA A 172 -24.73 5.75 -3.69
C ALA A 172 -26.11 5.10 -3.51
N GLN A 173 -26.31 4.44 -2.38
CA GLN A 173 -27.58 3.81 -2.09
C GLN A 173 -28.58 4.89 -1.66
N PHE A 174 -28.06 5.95 -1.03
CA PHE A 174 -28.92 7.04 -0.56
C PHE A 174 -29.49 7.80 -1.74
N CYS A 175 -28.71 7.89 -2.82
CA CYS A 175 -29.12 8.59 -4.02
C CYS A 175 -30.38 8.00 -4.61
N ARG A 176 -30.73 6.79 -4.18
CA ARG A 176 -31.93 6.11 -4.67
C ARG A 176 -33.08 6.18 -3.69
N LYS A 177 -32.77 6.22 -2.40
CA LYS A 177 -33.82 6.22 -1.39
C LYS A 177 -33.97 7.48 -0.55
N THR A 178 -33.47 8.60 -1.04
CA THR A 178 -33.60 9.82 -0.25
C THR A 178 -34.94 10.49 -0.50
N SER A 179 -35.37 11.34 0.41
CA SER A 179 -36.63 12.04 0.28
C SER A 179 -36.41 13.54 0.40
N THR A 180 -35.16 13.93 0.18
CA THR A 180 -34.77 15.34 0.23
C THR A 180 -33.65 15.52 -0.78
N PRO A 181 -33.49 16.74 -1.30
CA PRO A 181 -32.43 17.00 -2.27
C PRO A 181 -31.08 16.55 -1.71
N LEU A 182 -30.27 15.92 -2.57
CA LEU A 182 -28.97 15.42 -2.20
C LEU A 182 -27.92 15.87 -3.21
N ILE A 183 -26.92 16.63 -2.76
CA ILE A 183 -25.88 17.10 -3.66
C ILE A 183 -24.50 16.57 -3.31
N LEU A 184 -23.86 15.89 -4.26
CA LEU A 184 -22.53 15.33 -4.07
C LEU A 184 -21.49 16.02 -4.97
N ILE A 185 -20.33 16.34 -4.41
CA ILE A 185 -19.27 17.00 -5.16
C ILE A 185 -17.99 16.17 -5.17
N CYS A 186 -17.28 16.18 -6.29
CA CYS A 186 -16.01 15.44 -6.38
C CYS A 186 -15.15 16.09 -7.46
N ASN A 187 -13.90 15.67 -7.58
CA ASN A 187 -13.01 16.25 -8.60
C ASN A 187 -12.89 15.33 -9.79
N GLU A 188 -12.89 14.02 -9.55
CA GLU A 188 -12.75 13.06 -10.63
C GLU A 188 -13.94 12.10 -10.66
N ARG A 189 -14.91 12.43 -11.48
CA ARG A 189 -16.13 11.64 -11.63
C ARG A 189 -15.88 10.30 -12.32
N ASN A 190 -14.89 10.26 -13.20
CA ASN A 190 -14.57 9.06 -13.95
C ASN A 190 -13.65 8.07 -13.23
N LEU A 191 -13.67 8.08 -11.90
CA LEU A 191 -12.80 7.17 -11.15
C LEU A 191 -13.47 5.85 -10.82
N PRO A 192 -12.67 4.83 -10.49
CA PRO A 192 -13.17 3.49 -10.14
C PRO A 192 -13.98 3.55 -8.85
N LYS A 193 -13.47 4.30 -7.87
CA LYS A 193 -14.11 4.45 -6.58
C LYS A 193 -15.48 5.11 -6.72
N MET A 194 -15.66 5.87 -7.79
CA MET A 194 -16.91 6.59 -8.05
C MET A 194 -17.91 5.81 -8.91
N ARG A 195 -17.50 4.64 -9.39
CA ARG A 195 -18.34 3.80 -10.24
C ARG A 195 -19.77 3.63 -9.72
N PRO A 196 -19.92 3.24 -8.44
CA PRO A 196 -21.24 3.03 -7.83
C PRO A 196 -22.22 4.20 -7.96
N PHE A 197 -21.74 5.36 -8.42
CA PHE A 197 -22.59 6.53 -8.56
C PHE A 197 -23.14 6.72 -9.96
N ASP A 198 -22.48 6.10 -10.94
CA ASP A 198 -22.87 6.22 -12.34
C ASP A 198 -24.33 6.51 -12.67
N ARG A 199 -25.12 5.45 -12.82
CA ARG A 199 -26.53 5.57 -13.18
C ARG A 199 -27.47 6.18 -12.16
N VAL A 200 -27.03 6.28 -10.90
CA VAL A 200 -27.91 6.79 -9.85
C VAL A 200 -28.19 8.28 -9.68
N CYS A 201 -27.46 9.17 -10.37
CA CYS A 201 -27.77 10.58 -10.18
C CYS A 201 -27.46 11.54 -11.33
N LEU A 202 -28.05 12.73 -11.26
CA LEU A 202 -27.88 13.76 -12.27
C LEU A 202 -26.51 14.36 -12.11
N ASP A 203 -25.58 13.96 -12.95
CA ASP A 203 -24.25 14.51 -12.83
C ASP A 203 -24.06 15.69 -13.77
N ILE A 204 -23.88 16.86 -13.17
CA ILE A 204 -23.66 18.07 -13.91
C ILE A 204 -22.17 18.37 -13.83
N GLN A 205 -21.56 18.63 -14.99
CA GLN A 205 -20.13 18.91 -15.07
C GLN A 205 -19.76 20.39 -15.00
N PHE A 206 -18.63 20.68 -14.38
CA PHE A 206 -18.12 22.03 -14.28
C PHE A 206 -16.75 21.97 -14.94
N ARG A 207 -16.52 22.84 -15.92
CA ARG A 207 -15.22 22.85 -16.58
C ARG A 207 -14.48 24.05 -16.04
N ARG A 208 -13.23 24.21 -16.49
CA ARG A 208 -12.42 25.33 -16.04
C ARG A 208 -13.01 26.64 -16.57
N PRO A 209 -13.45 27.52 -15.65
CA PRO A 209 -14.03 28.82 -15.99
C PRO A 209 -13.32 29.51 -17.14
N ASP A 210 -14.01 30.45 -17.78
CA ASP A 210 -13.44 31.19 -18.91
C ASP A 210 -12.55 32.34 -18.46
N ALA A 211 -11.41 32.48 -19.14
CA ALA A 211 -10.42 33.50 -18.84
C ALA A 211 -11.02 34.89 -18.65
N ASN A 212 -11.90 35.30 -19.55
CA ASN A 212 -12.52 36.61 -19.46
C ASN A 212 -13.25 36.76 -18.15
N SER A 213 -13.89 35.68 -17.72
CA SER A 213 -14.64 35.65 -16.46
C SER A 213 -13.70 35.91 -15.29
N ILE A 214 -12.59 35.17 -15.27
CA ILE A 214 -11.57 35.27 -14.24
C ILE A 214 -10.82 36.59 -14.34
N LYS A 215 -10.56 37.03 -15.56
CA LYS A 215 -9.85 38.27 -15.80
C LYS A 215 -10.70 39.42 -15.28
N SER A 216 -11.98 39.40 -15.62
CA SER A 216 -12.91 40.43 -15.18
C SER A 216 -12.97 40.42 -13.67
N ARG A 217 -13.18 39.24 -13.10
CA ARG A 217 -13.28 39.08 -11.66
C ARG A 217 -12.03 39.62 -10.97
N LEU A 218 -10.86 39.16 -11.43
CA LEU A 218 -9.59 39.60 -10.85
C LEU A 218 -9.45 41.11 -10.89
N MET A 219 -9.89 41.72 -11.99
CA MET A 219 -9.80 43.17 -12.11
C MET A 219 -10.58 43.80 -10.96
N THR A 220 -11.85 43.44 -10.88
CA THR A 220 -12.73 43.94 -9.84
C THR A 220 -12.01 43.91 -8.49
N ILE A 221 -11.43 42.75 -8.18
CA ILE A 221 -10.70 42.55 -6.93
C ILE A 221 -9.64 43.61 -6.76
N ALA A 222 -8.72 43.65 -7.73
CA ALA A 222 -7.62 44.60 -7.74
C ALA A 222 -8.09 46.01 -7.43
N ILE A 223 -9.04 46.49 -8.22
CA ILE A 223 -9.57 47.82 -8.02
C ILE A 223 -9.93 48.04 -6.56
N ARG A 224 -10.67 47.10 -5.98
CA ARG A 224 -11.06 47.23 -4.58
C ARG A 224 -9.85 47.09 -3.65
N GLU A 225 -8.82 46.42 -4.13
CA GLU A 225 -7.63 46.22 -3.32
C GLU A 225 -6.61 47.34 -3.49
N LYS A 226 -7.00 48.37 -4.24
CA LYS A 226 -6.19 49.55 -4.46
C LYS A 226 -4.91 49.38 -5.28
N PHE A 227 -5.00 48.65 -6.39
CA PHE A 227 -3.82 48.46 -7.23
C PHE A 227 -4.18 48.10 -8.66
N LYS A 228 -3.22 48.21 -9.56
CA LYS A 228 -3.44 47.90 -10.97
C LYS A 228 -2.43 46.88 -11.46
N LEU A 229 -2.79 46.15 -12.51
CA LEU A 229 -1.90 45.14 -13.08
C LEU A 229 -2.10 44.98 -14.58
N ASP A 230 -0.99 44.85 -15.29
CA ASP A 230 -1.00 44.69 -16.73
C ASP A 230 -1.86 43.49 -17.12
N PRO A 231 -2.85 43.70 -18.00
CA PRO A 231 -3.72 42.61 -18.43
C PRO A 231 -2.94 41.42 -19.00
N ASN A 232 -1.65 41.60 -19.21
CA ASN A 232 -0.79 40.53 -19.72
C ASN A 232 -0.33 39.67 -18.55
N VAL A 233 -0.22 40.30 -17.38
CA VAL A 233 0.17 39.62 -16.15
C VAL A 233 -1.06 38.88 -15.62
N ILE A 234 -2.16 39.62 -15.52
CA ILE A 234 -3.43 39.07 -15.05
C ILE A 234 -3.85 37.95 -15.99
N ASP A 235 -3.32 37.99 -17.21
CA ASP A 235 -3.65 36.99 -18.22
C ASP A 235 -2.84 35.70 -18.06
N ARG A 236 -1.53 35.82 -17.92
CA ARG A 236 -0.69 34.64 -17.79
C ARG A 236 -0.93 33.91 -16.46
N LEU A 237 -1.32 34.65 -15.44
CA LEU A 237 -1.62 34.04 -14.16
C LEU A 237 -2.65 32.95 -14.43
N ILE A 238 -3.83 33.38 -14.87
CA ILE A 238 -4.92 32.48 -15.18
C ILE A 238 -4.39 31.26 -15.95
N GLN A 239 -3.48 31.51 -16.89
CA GLN A 239 -2.90 30.45 -17.72
C GLN A 239 -2.06 29.49 -16.85
N THR A 240 -1.40 30.04 -15.85
CA THR A 240 -0.57 29.25 -14.93
C THR A 240 -1.45 28.48 -13.96
N THR A 241 -2.50 29.15 -13.50
CA THR A 241 -3.45 28.59 -12.55
C THR A 241 -4.35 27.56 -13.21
N ARG A 242 -4.21 27.41 -14.53
CA ARG A 242 -5.00 26.47 -15.30
C ARG A 242 -6.49 26.63 -15.02
N GLY A 243 -6.88 27.82 -14.56
CA GLY A 243 -8.28 28.07 -14.28
C GLY A 243 -8.68 28.05 -12.81
N ASP A 244 -7.77 27.68 -11.92
CA ASP A 244 -8.09 27.62 -10.50
C ASP A 244 -8.34 29.01 -9.94
N ILE A 245 -9.60 29.43 -9.99
CA ILE A 245 -9.97 30.75 -9.50
C ILE A 245 -9.60 30.94 -8.03
N ARG A 246 -9.57 29.87 -7.27
CA ARG A 246 -9.21 29.97 -5.86
C ARG A 246 -7.74 30.31 -5.75
N GLN A 247 -6.94 29.64 -6.57
CA GLN A 247 -5.50 29.82 -6.59
C GLN A 247 -5.09 31.22 -7.03
N VAL A 248 -5.66 31.70 -8.14
CA VAL A 248 -5.32 33.04 -8.62
C VAL A 248 -5.60 34.06 -7.52
N ILE A 249 -6.76 33.97 -6.89
CA ILE A 249 -7.09 34.89 -5.81
C ILE A 249 -6.01 34.86 -4.72
N ASN A 250 -5.62 33.68 -4.28
CA ASN A 250 -4.57 33.54 -3.27
C ASN A 250 -3.27 34.08 -3.82
N LEU A 251 -2.96 33.68 -5.04
CA LEU A 251 -1.73 34.11 -5.69
C LEU A 251 -1.71 35.61 -5.91
N LEU A 252 -2.88 36.20 -6.07
CA LEU A 252 -2.99 37.64 -6.29
C LEU A 252 -2.95 38.44 -5.01
N SER A 253 -3.11 37.77 -3.87
CA SER A 253 -3.09 38.45 -2.58
C SER A 253 -1.67 38.46 -2.06
N THR A 254 -0.76 37.94 -2.85
CA THR A 254 0.64 37.87 -2.46
C THR A 254 1.32 39.22 -2.56
N ILE A 255 0.92 40.05 -3.51
CA ILE A 255 1.54 41.36 -3.67
C ILE A 255 1.32 42.25 -2.44
N SER A 256 0.10 42.74 -2.27
CA SER A 256 -0.22 43.61 -1.15
C SER A 256 0.21 43.06 0.20
N THR A 257 0.25 41.74 0.32
CA THR A 257 0.64 41.10 1.58
C THR A 257 2.16 41.11 1.76
N THR A 258 2.89 41.02 0.64
CA THR A 258 4.34 41.01 0.68
C THR A 258 4.94 42.39 0.95
N THR A 259 4.66 43.37 0.10
CA THR A 259 5.20 44.71 0.31
C THR A 259 4.49 45.38 1.48
N LYS A 260 5.14 46.38 2.09
CA LYS A 260 4.56 47.07 3.22
C LYS A 260 3.61 48.19 2.79
N THR A 261 4.07 49.04 1.87
CA THR A 261 3.24 50.14 1.39
C THR A 261 3.34 50.29 -0.12
N ILE A 262 2.19 50.18 -0.79
CA ILE A 262 2.13 50.32 -2.25
C ILE A 262 2.00 51.81 -2.58
N ASN A 263 2.66 52.23 -3.65
CA ASN A 263 2.62 53.64 -4.05
C ASN A 263 2.18 53.80 -5.51
N HIS A 264 2.25 55.03 -6.00
CA HIS A 264 1.86 55.35 -7.37
C HIS A 264 2.78 54.65 -8.36
N GLU A 265 4.09 54.71 -8.10
CA GLU A 265 5.09 54.11 -8.98
C GLU A 265 5.32 52.63 -8.70
N ASN A 266 5.43 52.27 -7.43
CA ASN A 266 5.66 50.88 -7.04
C ASN A 266 4.85 49.86 -7.84
N ILE A 267 3.56 50.15 -8.00
CA ILE A 267 2.66 49.24 -8.72
C ILE A 267 3.26 48.63 -9.99
N ASN A 268 3.88 49.45 -10.83
CA ASN A 268 4.47 48.96 -12.09
C ASN A 268 5.75 48.15 -11.91
N GLU A 269 6.49 48.42 -10.84
CA GLU A 269 7.74 47.71 -10.59
C GLU A 269 7.61 46.51 -9.66
N ILE A 270 6.70 46.59 -8.69
CA ILE A 270 6.51 45.49 -7.75
C ILE A 270 6.07 44.24 -8.51
N SER A 271 5.40 44.45 -9.64
CA SER A 271 4.95 43.34 -10.46
C SER A 271 6.14 42.46 -10.81
N LYS A 272 7.27 43.08 -11.11
CA LYS A 272 8.50 42.37 -11.46
C LYS A 272 8.93 41.41 -10.35
N ALA A 273 9.41 41.97 -9.24
CA ALA A 273 9.88 41.18 -8.10
C ALA A 273 8.86 40.13 -7.67
N TRP A 274 7.58 40.44 -7.86
CA TRP A 274 6.51 39.55 -7.50
C TRP A 274 6.35 38.48 -8.59
N GLU A 275 6.23 38.93 -9.83
CA GLU A 275 6.06 38.05 -10.96
C GLU A 275 7.26 37.13 -11.19
N LYS A 276 8.47 37.69 -11.13
CA LYS A 276 9.69 36.91 -11.35
C LYS A 276 10.14 36.09 -10.14
N ASN A 277 9.37 36.15 -9.06
CA ASN A 277 9.72 35.42 -7.85
C ASN A 277 8.58 34.56 -7.34
N ILE A 278 7.57 35.21 -6.77
CA ILE A 278 6.41 34.51 -6.22
C ILE A 278 5.42 34.01 -7.25
N ALA A 279 4.98 34.89 -8.14
CA ALA A 279 3.98 34.56 -9.17
C ALA A 279 4.41 33.63 -10.30
N LEU A 280 4.90 34.22 -11.39
CA LEU A 280 5.30 33.45 -12.56
C LEU A 280 6.77 33.05 -12.57
N LYS A 281 7.26 32.53 -11.45
CA LYS A 281 8.65 32.10 -11.34
C LYS A 281 9.00 31.07 -12.43
N PRO A 282 8.06 30.15 -12.74
CA PRO A 282 8.34 29.15 -13.78
C PRO A 282 8.68 29.80 -15.12
N PHE A 283 8.34 31.07 -15.27
CA PHE A 283 8.62 31.79 -16.50
C PHE A 283 10.01 32.40 -16.46
N ASP A 284 10.35 33.09 -15.38
CA ASP A 284 11.66 33.72 -15.28
C ASP A 284 12.76 32.65 -15.40
N ILE A 285 12.38 31.39 -15.18
CA ILE A 285 13.33 30.29 -15.29
C ILE A 285 13.51 30.00 -16.78
N ALA A 286 12.39 29.80 -17.47
CA ALA A 286 12.42 29.53 -18.90
C ALA A 286 13.05 30.69 -19.65
N HIS A 287 12.88 31.89 -19.10
CA HIS A 287 13.44 33.07 -19.73
C HIS A 287 14.96 32.94 -19.63
N LYS A 288 15.50 33.08 -18.42
CA LYS A 288 16.94 32.98 -18.19
C LYS A 288 17.55 31.83 -18.99
N MET A 289 17.02 30.63 -18.78
CA MET A 289 17.50 29.44 -19.47
C MET A 289 17.60 29.63 -20.97
N LEU A 290 16.62 30.30 -21.56
CA LEU A 290 16.60 30.50 -23.01
C LEU A 290 17.26 31.78 -23.51
N ASP A 291 17.99 32.49 -22.64
CA ASP A 291 18.68 33.71 -23.06
C ASP A 291 20.08 33.38 -23.54
N GLY A 292 20.31 33.52 -24.84
CA GLY A 292 21.61 33.22 -25.41
C GLY A 292 22.82 33.92 -24.80
N GLN A 293 22.58 35.03 -24.11
CA GLN A 293 23.67 35.80 -23.51
C GLN A 293 24.43 35.00 -22.45
N ILE A 294 23.76 33.99 -21.90
CA ILE A 294 24.32 33.13 -20.87
C ILE A 294 25.20 32.02 -21.44
N TYR A 295 25.06 31.75 -22.73
CA TYR A 295 25.85 30.71 -23.37
C TYR A 295 27.05 31.21 -24.15
N SER A 296 27.15 32.53 -24.29
CA SER A 296 28.27 33.14 -25.00
C SER A 296 29.48 33.23 -24.08
N ASP A 297 30.65 32.87 -24.62
CA ASP A 297 31.93 32.90 -23.89
C ASP A 297 31.97 33.81 -22.67
N ILE A 298 31.58 35.06 -22.85
CA ILE A 298 31.59 36.04 -21.78
C ILE A 298 30.64 35.65 -20.64
N GLY A 299 29.33 35.78 -20.89
CA GLY A 299 28.35 35.43 -19.88
C GLY A 299 28.49 33.99 -19.45
N SER A 300 29.10 33.19 -20.33
CA SER A 300 29.34 31.78 -20.09
C SER A 300 30.14 31.53 -18.79
N ARG A 301 30.77 32.57 -18.27
CA ARG A 301 31.55 32.41 -17.04
C ARG A 301 31.04 33.30 -15.91
N ASN A 302 30.06 34.15 -16.20
CA ASN A 302 29.45 35.00 -15.18
C ASN A 302 28.35 34.13 -14.63
N PHE A 303 27.66 33.46 -15.55
CA PHE A 303 26.60 32.53 -15.20
C PHE A 303 27.09 31.18 -15.69
N THR A 304 27.84 30.51 -14.81
CA THR A 304 28.46 29.23 -15.07
C THR A 304 27.52 28.03 -15.35
N LEU A 305 28.13 26.93 -15.80
CA LEU A 305 27.40 25.70 -16.11
C LEU A 305 26.70 25.30 -14.84
N ASN A 306 27.39 25.48 -13.72
CA ASN A 306 26.86 25.14 -12.41
C ASN A 306 25.60 25.95 -12.09
N ASP A 307 25.54 27.20 -12.53
CA ASP A 307 24.37 28.02 -12.26
C ASP A 307 23.21 27.62 -13.17
N LYS A 308 23.51 27.40 -14.45
CA LYS A 308 22.47 27.00 -15.39
C LYS A 308 21.80 25.75 -14.83
N ILE A 309 22.58 24.73 -14.49
CA ILE A 309 22.03 23.50 -13.93
C ILE A 309 21.22 23.81 -12.67
N ALA A 310 21.73 24.71 -11.84
CA ALA A 310 21.05 25.08 -10.61
C ALA A 310 19.66 25.70 -10.86
N LEU A 311 19.52 26.52 -11.90
CA LEU A 311 18.22 27.12 -12.21
C LEU A 311 17.14 26.05 -12.26
N TYR A 312 17.56 24.86 -12.66
CA TYR A 312 16.67 23.70 -12.76
C TYR A 312 16.09 23.37 -11.40
N PHE A 313 16.95 23.36 -10.39
CA PHE A 313 16.52 23.05 -9.04
C PHE A 313 15.77 24.20 -8.38
N ASP A 314 15.29 25.13 -9.19
CA ASP A 314 14.53 26.28 -8.71
C ASP A 314 13.05 25.95 -8.89
N ASP A 315 12.78 24.83 -9.53
CA ASP A 315 11.44 24.36 -9.81
C ASP A 315 11.57 23.17 -10.74
N PHE A 316 12.32 22.17 -10.31
CA PHE A 316 12.57 20.96 -11.09
C PHE A 316 11.30 20.22 -11.52
N ASP A 317 10.17 20.78 -11.13
CA ASP A 317 8.87 20.21 -11.46
C ASP A 317 8.45 20.68 -12.84
N PHE A 318 8.37 22.00 -12.99
CA PHE A 318 7.96 22.64 -14.24
C PHE A 318 9.07 22.91 -15.26
N THR A 319 10.27 23.21 -14.79
CA THR A 319 11.36 23.52 -15.71
C THR A 319 11.45 22.63 -16.95
N PRO A 320 11.41 21.30 -16.78
CA PRO A 320 11.48 20.44 -17.97
C PRO A 320 10.28 20.67 -18.89
N LEU A 321 9.11 20.84 -18.28
CA LEU A 321 7.89 21.09 -19.04
C LEU A 321 7.98 22.43 -19.75
N MET A 322 8.55 23.42 -19.08
CA MET A 322 8.69 24.75 -19.63
C MET A 322 9.59 24.77 -20.86
N ILE A 323 10.80 24.24 -20.73
CA ILE A 323 11.71 24.24 -21.86
C ILE A 323 11.09 23.52 -23.05
N GLN A 324 10.59 22.31 -22.86
CA GLN A 324 9.97 21.57 -23.95
C GLN A 324 8.87 22.43 -24.58
N GLU A 325 8.10 23.11 -23.73
CA GLU A 325 7.03 23.96 -24.21
C GLU A 325 7.50 25.01 -25.20
N ASN A 326 8.58 25.73 -24.89
CA ASN A 326 9.02 26.76 -25.81
C ASN A 326 10.50 26.82 -26.20
N TYR A 327 11.06 25.69 -26.61
CA TYR A 327 12.47 25.68 -27.01
C TYR A 327 12.49 25.91 -28.51
N LEU A 328 11.31 25.84 -29.13
CA LEU A 328 11.24 26.04 -30.57
C LEU A 328 10.64 27.39 -30.96
N SER A 329 10.43 28.25 -29.98
CA SER A 329 9.89 29.59 -30.24
C SER A 329 10.91 30.66 -29.87
N THR A 330 12.12 30.50 -30.38
CA THR A 330 13.21 31.43 -30.14
C THR A 330 13.96 31.75 -31.43
N ARG A 331 14.68 32.87 -31.39
CA ARG A 331 15.51 33.30 -32.50
C ARG A 331 16.90 33.06 -31.93
N PRO A 332 17.46 31.88 -32.21
CA PRO A 332 18.79 31.46 -31.73
C PRO A 332 19.91 32.41 -32.12
N SER A 333 20.85 32.57 -31.20
CA SER A 333 22.00 33.42 -31.40
C SER A 333 23.20 32.57 -31.03
N VAL A 334 22.94 31.29 -30.75
CA VAL A 334 23.99 30.38 -30.33
C VAL A 334 24.37 29.34 -31.38
N LEU A 335 23.66 29.34 -32.51
CA LEU A 335 23.93 28.35 -33.55
C LEU A 335 25.37 28.40 -33.99
N LYS A 336 25.93 27.25 -34.34
CA LYS A 336 27.31 27.21 -34.81
C LYS A 336 27.25 27.93 -36.15
N PRO A 337 28.38 28.49 -36.62
CA PRO A 337 28.32 29.17 -37.91
C PRO A 337 27.82 28.22 -39.00
N GLY A 338 26.78 28.62 -39.72
CA GLY A 338 26.24 27.79 -40.77
C GLY A 338 25.44 26.60 -40.28
N GLN A 339 24.64 26.80 -39.24
CA GLN A 339 23.79 25.76 -38.66
C GLN A 339 22.37 26.32 -38.66
N SER A 340 21.44 25.59 -39.28
CA SER A 340 20.07 26.09 -39.35
C SER A 340 19.28 25.93 -38.06
N HIS A 341 18.36 26.87 -37.85
CA HIS A 341 17.48 26.88 -36.70
C HIS A 341 16.90 25.48 -36.51
N LEU A 342 16.41 24.91 -37.61
CA LEU A 342 15.82 23.58 -37.61
C LEU A 342 16.77 22.52 -37.03
N GLU A 343 17.96 22.42 -37.62
CA GLU A 343 18.96 21.45 -37.19
C GLU A 343 19.22 21.49 -35.68
N ALA A 344 19.48 22.67 -35.14
CA ALA A 344 19.74 22.84 -33.72
C ALA A 344 18.54 22.40 -32.89
N VAL A 345 17.34 22.63 -33.43
CA VAL A 345 16.13 22.23 -32.73
C VAL A 345 16.02 20.70 -32.63
N ALA A 346 16.30 20.02 -33.74
CA ALA A 346 16.24 18.57 -33.79
C ALA A 346 17.19 17.96 -32.77
N GLU A 347 18.30 18.65 -32.50
CA GLU A 347 19.26 18.16 -31.52
C GLU A 347 18.67 18.27 -30.12
N ALA A 348 17.99 19.37 -29.86
CA ALA A 348 17.37 19.57 -28.56
C ALA A 348 16.14 18.67 -28.49
N ALA A 349 15.50 18.46 -29.64
CA ALA A 349 14.32 17.61 -29.65
C ALA A 349 14.77 16.24 -29.11
N ASN A 350 15.86 15.74 -29.67
CA ASN A 350 16.42 14.45 -29.27
C ASN A 350 16.74 14.40 -27.79
N CYS A 351 17.40 15.45 -27.29
CA CYS A 351 17.76 15.51 -25.88
C CYS A 351 16.52 15.54 -25.01
N ILE A 352 15.51 16.28 -25.43
CA ILE A 352 14.27 16.36 -24.68
C ILE A 352 13.75 14.93 -24.56
N SER A 353 13.86 14.20 -25.66
CA SER A 353 13.42 12.83 -25.73
C SER A 353 14.18 11.94 -24.73
N LEU A 354 15.51 12.06 -24.72
CA LEU A 354 16.35 11.28 -23.82
C LEU A 354 16.06 11.59 -22.37
N GLY A 355 15.98 12.87 -22.07
CA GLY A 355 15.70 13.28 -20.71
C GLY A 355 14.43 12.64 -20.20
N ASP A 356 13.48 12.41 -21.10
CA ASP A 356 12.23 11.79 -20.70
C ASP A 356 12.55 10.40 -20.20
N ILE A 357 13.26 9.62 -21.00
CA ILE A 357 13.64 8.28 -20.63
C ILE A 357 14.20 8.29 -19.23
N VAL A 358 15.02 9.29 -18.93
CA VAL A 358 15.63 9.43 -17.62
C VAL A 358 14.57 9.69 -16.55
N GLU A 359 13.67 10.62 -16.83
CA GLU A 359 12.62 10.95 -15.87
C GLU A 359 11.83 9.70 -15.47
N LYS A 360 11.36 8.96 -16.46
CA LYS A 360 10.57 7.75 -16.20
C LYS A 360 11.24 6.88 -15.16
N LYS A 361 12.56 6.69 -15.28
CA LYS A 361 13.25 5.85 -14.33
C LYS A 361 13.33 6.54 -12.98
N ILE A 362 13.55 7.84 -12.98
CA ILE A 362 13.62 8.56 -11.72
C ILE A 362 12.30 8.42 -10.98
N ARG A 363 11.21 8.30 -11.72
CA ARG A 363 9.90 8.16 -11.11
C ARG A 363 9.46 6.71 -10.96
N SER A 364 10.39 5.78 -11.13
CA SER A 364 10.06 4.36 -11.00
C SER A 364 10.67 3.81 -9.73
N SER A 365 11.39 4.66 -9.01
CA SER A 365 12.06 4.27 -7.77
C SER A 365 12.25 5.46 -6.87
N GLU A 366 11.45 5.54 -5.81
CA GLU A 366 11.53 6.64 -4.85
C GLU A 366 12.98 6.95 -4.45
N GLN A 367 13.87 6.02 -4.78
CA GLN A 367 15.29 6.16 -4.45
C GLN A 367 16.18 6.28 -5.68
N LEU A 368 15.95 7.32 -6.48
CA LEU A 368 16.73 7.56 -7.69
C LEU A 368 16.99 9.05 -7.92
N TRP A 369 16.64 9.86 -6.93
CA TRP A 369 16.82 11.31 -6.99
C TRP A 369 18.25 11.72 -7.38
N SER A 370 19.19 10.79 -7.27
CA SER A 370 20.59 11.07 -7.59
C SER A 370 20.82 11.14 -9.10
N LEU A 371 19.75 11.17 -9.87
CA LEU A 371 19.83 11.22 -11.32
C LEU A 371 19.31 12.57 -11.83
N LEU A 372 18.74 13.36 -10.93
CA LEU A 372 18.19 14.66 -11.28
C LEU A 372 19.19 15.59 -11.99
N PRO A 373 20.46 15.61 -11.54
CA PRO A 373 21.43 16.49 -12.21
C PRO A 373 21.53 16.15 -13.68
N LEU A 374 21.56 14.86 -14.00
CA LEU A 374 21.63 14.43 -15.38
C LEU A 374 20.41 14.89 -16.12
N HIS A 375 19.26 14.81 -15.44
CA HIS A 375 17.99 15.21 -16.02
C HIS A 375 17.99 16.73 -16.23
N ALA A 376 18.69 17.43 -15.35
CA ALA A 376 18.79 18.88 -15.49
C ALA A 376 19.47 19.14 -16.83
N VAL A 377 20.56 18.44 -17.06
CA VAL A 377 21.28 18.60 -18.31
C VAL A 377 20.47 18.17 -19.53
N LEU A 378 19.97 16.94 -19.52
CA LEU A 378 19.23 16.41 -20.64
C LEU A 378 17.85 16.99 -20.93
N SER A 379 17.18 17.56 -19.93
CA SER A 379 15.84 18.08 -20.17
C SER A 379 15.73 19.59 -20.32
N SER A 380 16.75 20.31 -19.87
CA SER A 380 16.68 21.75 -19.91
C SER A 380 17.95 22.44 -20.43
N VAL A 381 18.96 22.55 -19.57
CA VAL A 381 20.20 23.23 -19.95
C VAL A 381 20.73 22.86 -21.34
N TYR A 382 20.89 21.57 -21.63
CA TYR A 382 21.41 21.20 -22.94
C TYR A 382 20.48 21.66 -24.06
N PRO A 383 19.23 21.21 -24.06
CA PRO A 383 18.32 21.64 -25.13
C PRO A 383 18.34 23.16 -25.31
N ALA A 384 18.31 23.87 -24.19
CA ALA A 384 18.33 25.32 -24.20
C ALA A 384 19.54 25.82 -24.98
N SER A 385 20.74 25.52 -24.50
CA SER A 385 21.96 25.97 -25.14
C SER A 385 21.97 25.82 -26.66
N LYS A 386 21.18 24.88 -27.16
CA LYS A 386 21.11 24.61 -28.59
C LYS A 386 20.26 25.61 -29.39
N VAL A 387 19.41 26.36 -28.71
CA VAL A 387 18.54 27.32 -29.38
C VAL A 387 18.37 28.62 -28.61
N ALA A 388 19.14 28.79 -27.53
CA ALA A 388 19.01 30.01 -26.74
C ALA A 388 19.32 31.26 -27.56
N GLY A 389 18.79 32.40 -27.12
CA GLY A 389 19.02 33.64 -27.83
C GLY A 389 17.95 34.67 -27.58
N HIS A 390 17.36 35.17 -28.67
CA HIS A 390 16.33 36.18 -28.60
C HIS A 390 14.97 35.51 -28.56
N MET A 391 14.11 35.99 -27.67
CA MET A 391 12.77 35.43 -27.52
C MET A 391 11.85 35.93 -28.64
N ALA A 392 11.62 35.09 -29.64
CA ALA A 392 10.77 35.46 -30.76
C ALA A 392 9.34 35.73 -30.27
N GLY A 393 8.63 34.66 -29.95
CA GLY A 393 7.27 34.80 -29.46
C GLY A 393 7.31 35.20 -27.99
N ARG A 394 6.64 34.42 -27.14
CA ARG A 394 6.64 34.70 -25.70
C ARG A 394 6.54 33.41 -24.91
N ILE A 395 7.09 33.44 -23.70
CA ILE A 395 7.07 32.27 -22.81
C ILE A 395 5.65 31.85 -22.46
N ASN A 396 5.31 30.62 -22.86
CA ASN A 396 3.98 30.07 -22.59
C ASN A 396 4.05 29.01 -21.51
N PHE A 397 2.97 28.89 -20.75
CA PHE A 397 2.90 27.88 -19.71
C PHE A 397 2.97 26.54 -20.42
N THR A 398 3.15 25.45 -19.68
CA THR A 398 3.22 24.14 -20.32
C THR A 398 1.87 23.71 -20.85
N ALA A 399 1.88 23.18 -22.06
CA ALA A 399 0.66 22.72 -22.69
C ALA A 399 0.40 21.29 -22.23
N TRP A 400 1.49 20.59 -21.93
CA TRP A 400 1.42 19.19 -21.52
C TRP A 400 0.45 18.83 -20.40
N LEU A 401 0.40 19.63 -19.33
CA LEU A 401 -0.50 19.32 -18.22
C LEU A 401 -1.95 19.18 -18.64
N GLY A 402 -2.60 20.31 -18.94
CA GLY A 402 -3.99 20.26 -19.36
C GLY A 402 -4.19 19.34 -20.55
N GLN A 403 -3.15 19.20 -21.38
CA GLN A 403 -3.24 18.35 -22.56
C GLN A 403 -3.27 16.90 -22.10
N ASN A 404 -2.72 16.67 -20.91
CA ASN A 404 -2.67 15.34 -20.32
C ASN A 404 -4.02 15.02 -19.67
N SER A 405 -4.81 16.06 -19.41
CA SER A 405 -6.13 15.87 -18.83
C SER A 405 -7.04 15.41 -19.96
N LYS A 406 -7.01 16.15 -21.07
CA LYS A 406 -7.83 15.81 -22.23
C LYS A 406 -7.67 14.34 -22.57
N SER A 407 -6.45 13.94 -22.89
CA SER A 407 -6.16 12.56 -23.26
C SER A 407 -6.64 11.55 -22.22
N ALA A 408 -6.37 11.83 -20.96
CA ALA A 408 -6.78 10.94 -19.89
C ALA A 408 -8.30 10.89 -19.75
N LYS A 409 -8.90 12.05 -19.47
CA LYS A 409 -10.34 12.15 -19.31
C LYS A 409 -11.12 11.50 -20.45
N TYR A 410 -10.44 11.26 -21.58
CA TYR A 410 -11.10 10.63 -22.72
C TYR A 410 -10.84 9.13 -22.80
N TYR A 411 -9.74 8.67 -22.21
CA TYR A 411 -9.44 7.25 -22.21
C TYR A 411 -10.47 6.56 -21.33
N ARG A 412 -10.91 7.27 -20.30
CA ARG A 412 -11.90 6.75 -19.37
C ARG A 412 -13.21 6.56 -20.14
N LEU A 413 -13.54 7.54 -20.99
CA LEU A 413 -14.75 7.46 -21.79
C LEU A 413 -14.66 6.27 -22.74
N LEU A 414 -13.68 6.30 -23.64
CA LEU A 414 -13.49 5.20 -24.59
C LEU A 414 -13.51 3.87 -23.87
N GLN A 415 -13.06 3.88 -22.62
CA GLN A 415 -13.00 2.65 -21.83
C GLN A 415 -14.39 2.14 -21.50
N GLU A 416 -15.20 2.97 -20.84
CA GLU A 416 -16.54 2.56 -20.48
C GLU A 416 -17.32 2.17 -21.74
N ILE A 417 -16.99 2.79 -22.86
CA ILE A 417 -17.65 2.50 -24.12
C ILE A 417 -17.29 1.10 -24.57
N HIS A 418 -16.06 0.69 -24.29
CA HIS A 418 -15.58 -0.64 -24.65
C HIS A 418 -16.27 -1.67 -23.78
N TYR A 419 -16.31 -1.41 -22.48
CA TYR A 419 -16.95 -2.31 -21.53
C TYR A 419 -18.46 -2.21 -21.66
N HIS A 420 -18.92 -2.08 -22.90
CA HIS A 420 -20.34 -1.99 -23.24
C HIS A 420 -20.49 -2.53 -24.66
N THR A 421 -19.35 -2.65 -25.35
CA THR A 421 -19.32 -3.14 -26.71
C THR A 421 -18.46 -4.38 -26.82
N ARG A 422 -17.75 -4.69 -25.75
CA ARG A 422 -16.89 -5.88 -25.74
C ARG A 422 -17.72 -7.08 -26.19
N LEU A 423 -19.03 -6.94 -26.08
CA LEU A 423 -19.98 -7.97 -26.47
C LEU A 423 -19.99 -8.10 -27.99
N GLY A 424 -20.07 -6.96 -28.67
CA GLY A 424 -20.09 -6.96 -30.13
C GLY A 424 -18.79 -7.44 -30.76
N UNK A 428 -12.32 -6.84 -30.12
CA UNK A 428 -11.20 -5.89 -30.39
C UNK A 428 -10.82 -5.12 -29.13
N UNK A 429 -9.53 -5.14 -28.79
CA UNK A 429 -9.03 -4.45 -27.61
C UNK A 429 -9.52 -3.01 -27.62
N UNK A 430 -9.60 -2.39 -26.44
CA UNK A 430 -10.07 -1.01 -26.34
C UNK A 430 -9.37 -0.15 -27.39
N UNK A 431 -8.16 -0.56 -27.77
CA UNK A 431 -7.40 0.16 -28.77
C UNK A 431 -8.04 -0.07 -30.13
N UNK A 432 -8.24 -1.33 -30.47
CA UNK A 432 -8.87 -1.67 -31.74
C UNK A 432 -10.27 -1.07 -31.87
N UNK A 433 -10.78 -0.51 -30.78
CA UNK A 433 -12.10 0.11 -30.77
C UNK A 433 -12.06 1.54 -31.30
N UNK A 434 -11.13 2.33 -30.79
CA UNK A 434 -11.01 3.72 -31.23
C UNK A 434 -10.41 3.79 -32.63
N UNK A 435 -9.93 2.64 -33.11
CA UNK A 435 -9.35 2.57 -34.44
C UNK A 435 -10.18 1.65 -35.32
N UNK A 436 -11.49 1.65 -35.07
CA UNK A 436 -12.45 0.82 -35.81
C UNK A 436 -13.88 1.24 -35.48
N UNK A 437 -14.03 2.11 -34.48
CA UNK A 437 -15.34 2.62 -34.08
C UNK A 437 -15.65 3.82 -34.97
N UNK A 438 -14.93 3.90 -36.08
CA UNK A 438 -15.12 4.97 -37.04
C UNK A 438 -16.43 4.79 -37.78
N UNK A 439 -16.62 3.60 -38.35
CA UNK A 439 -17.83 3.29 -39.10
C UNK A 439 -19.07 3.54 -38.24
N UNK A 440 -19.00 3.15 -36.97
CA UNK A 440 -20.12 3.33 -36.06
C UNK A 440 -20.64 4.76 -36.06
N UNK A 441 -19.71 5.73 -36.01
CA UNK A 441 -20.08 7.14 -36.00
C UNK A 441 -21.16 7.43 -37.04
N UNK A 442 -20.94 6.92 -38.25
CA UNK A 442 -21.90 7.12 -39.34
C UNK A 442 -23.29 6.65 -38.91
N UNK A 443 -23.43 5.34 -38.70
CA UNK A 443 -24.69 4.77 -38.30
C UNK A 443 -25.03 5.09 -36.84
N UNK A 444 -24.87 6.36 -36.47
CA UNK A 444 -25.17 6.82 -35.12
C UNK A 444 -25.21 8.33 -35.09
N UNK A 445 -24.71 8.95 -36.15
CA UNK A 445 -24.69 10.40 -36.28
C UNK A 445 -25.31 10.78 -37.63
N UNK A 446 -25.22 9.86 -38.60
CA UNK A 446 -25.77 10.08 -39.92
C UNK A 446 -27.20 10.60 -39.78
N UNK A 447 -27.42 11.84 -40.21
CA UNK A 447 -28.73 12.47 -40.13
C UNK A 447 -29.15 12.60 -38.66
N UNK A 448 -28.90 13.77 -38.09
CA UNK A 448 -29.24 14.07 -36.69
C UNK A 448 -28.59 15.38 -36.28
N UNK A 454 -35.07 10.31 -38.98
CA UNK A 454 -36.09 9.30 -39.35
C UNK A 454 -35.75 7.93 -38.76
N UNK A 455 -34.76 7.27 -39.35
CA UNK A 455 -34.33 5.94 -38.90
C UNK A 455 -33.73 5.98 -37.49
N UNK A 456 -34.05 7.04 -36.75
CA UNK A 456 -33.56 7.24 -35.39
C UNK A 456 -33.50 5.95 -34.56
N UNK A 457 -34.59 5.65 -33.87
CA UNK A 457 -34.68 4.45 -33.02
C UNK A 457 -34.06 3.21 -33.67
N UNK A 458 -34.35 3.01 -34.95
CA UNK A 458 -33.84 1.86 -35.70
C UNK A 458 -32.42 1.46 -35.28
N UNK A 459 -31.45 2.26 -35.71
CA UNK A 459 -30.04 1.99 -35.41
C UNK A 459 -29.68 2.07 -33.94
N UNK A 460 -30.13 3.12 -33.26
CA UNK A 460 -29.84 3.33 -31.84
C UNK A 460 -30.09 2.07 -31.00
N UNK A 461 -31.35 1.66 -30.93
CA UNK A 461 -31.73 0.47 -30.16
C UNK A 461 -31.14 -0.79 -30.76
N UNK A 462 -31.09 -0.86 -32.09
CA UNK A 462 -30.54 -2.02 -32.79
C UNK A 462 -29.03 -2.11 -32.55
N UNK A 463 -28.58 -1.44 -31.50
CA UNK A 463 -27.17 -1.43 -31.12
C UNK A 463 -27.03 -1.93 -29.69
N UNK A 464 -28.15 -2.06 -29.00
CA UNK A 464 -28.19 -2.53 -27.61
C UNK A 464 -27.74 -1.41 -26.67
N UNK A 465 -27.87 -0.17 -27.12
CA UNK A 465 -27.48 1.00 -26.33
C UNK A 465 -28.71 1.67 -25.71
N UNK A 466 -28.50 2.40 -24.62
CA UNK A 466 -29.58 3.09 -23.94
C UNK A 466 -29.39 4.61 -24.01
N UNK A 467 -29.83 5.30 -22.95
CA UNK A 467 -29.71 6.75 -22.90
C UNK A 467 -28.26 7.17 -22.66
N UNK A 468 -27.69 6.73 -21.54
CA UNK A 468 -26.32 7.07 -21.21
C UNK A 468 -25.36 6.40 -22.20
N UNK A 469 -25.74 5.22 -22.69
CA UNK A 469 -24.92 4.48 -23.64
C UNK A 469 -24.75 5.32 -24.91
N UNK A 470 -25.69 6.24 -25.12
CA UNK A 470 -25.65 7.12 -26.29
C UNK A 470 -24.99 8.45 -25.94
N UNK A 471 -25.42 9.04 -24.82
CA UNK A 471 -24.87 10.31 -24.36
C UNK A 471 -23.36 10.20 -24.16
N UNK A 472 -22.92 9.04 -23.68
CA UNK A 472 -21.51 8.79 -23.44
C UNK A 472 -20.75 8.64 -24.76
N UNK A 473 -21.24 7.73 -25.61
CA UNK A 473 -20.61 7.48 -26.91
C UNK A 473 -20.63 8.73 -27.78
N UNK A 474 -21.55 9.64 -27.47
CA UNK A 474 -21.67 10.88 -28.22
C UNK A 474 -20.52 11.82 -27.87
N UNK A 475 -20.20 11.91 -26.58
CA UNK A 475 -19.13 12.78 -26.10
C UNK A 475 -17.81 12.51 -26.82
N UNK A 476 -17.26 11.31 -26.61
CA UNK A 476 -15.99 10.92 -27.22
C UNK A 476 -16.01 11.09 -28.74
N UNK A 477 -17.01 10.51 -29.39
CA UNK A 477 -17.15 10.60 -30.84
C UNK A 477 -17.06 12.05 -31.27
N UNK A 478 -17.49 12.95 -30.38
CA UNK A 478 -17.47 14.38 -30.65
C UNK A 478 -16.08 14.93 -30.31
N LEU B 7 27.18 14.55 25.84
CA LEU B 7 26.61 15.57 24.91
C LEU B 7 27.56 15.80 23.73
N GLN B 8 26.98 16.08 22.57
CA GLN B 8 27.75 16.31 21.35
C GLN B 8 26.94 17.19 20.39
N LEU B 9 26.52 18.35 20.88
CA LEU B 9 25.73 19.31 20.12
C LEU B 9 26.17 19.49 18.67
N PRO B 10 25.39 18.95 17.71
CA PRO B 10 25.72 19.07 16.28
C PRO B 10 25.67 20.55 15.92
N TRP B 11 26.62 21.02 15.12
CA TRP B 11 26.64 22.43 14.75
C TRP B 11 25.49 22.85 13.85
N VAL B 12 24.86 21.87 13.19
CA VAL B 12 23.74 22.14 12.30
C VAL B 12 22.54 22.52 13.15
N GLU B 13 22.58 22.07 14.40
CA GLU B 13 21.52 22.34 15.36
C GLU B 13 21.89 23.55 16.21
N LYS B 14 23.13 23.56 16.70
CA LYS B 14 23.61 24.65 17.54
C LYS B 14 23.57 26.00 16.83
N TYR B 15 23.89 26.01 15.54
CA TYR B 15 23.89 27.25 14.79
C TYR B 15 22.72 27.37 13.82
N ARG B 16 21.60 26.75 14.20
CA ARG B 16 20.38 26.81 13.39
C ARG B 16 19.79 28.21 13.55
N PRO B 17 19.55 28.90 12.43
CA PRO B 17 18.98 30.25 12.51
C PRO B 17 17.75 30.29 13.41
N GLN B 18 17.79 31.15 14.41
CA GLN B 18 16.68 31.27 15.34
C GLN B 18 15.75 32.43 14.98
N VAL B 19 16.09 33.14 13.91
CA VAL B 19 15.27 34.25 13.41
C VAL B 19 15.43 34.36 11.88
N LEU B 20 14.37 34.81 11.22
CA LEU B 20 14.38 34.97 9.76
C LEU B 20 15.65 35.66 9.25
N SER B 21 16.20 36.56 10.06
CA SER B 21 17.41 37.30 9.72
C SER B 21 18.64 36.42 9.40
N ASP B 22 18.92 35.46 10.29
CA ASP B 22 20.06 34.56 10.15
C ASP B 22 20.09 33.63 8.93
N ILE B 23 18.94 33.40 8.30
CA ILE B 23 18.91 32.50 7.15
C ILE B 23 19.60 33.15 5.96
N VAL B 24 20.55 32.42 5.37
CA VAL B 24 21.28 32.92 4.20
C VAL B 24 20.52 32.42 2.98
N GLY B 25 19.24 32.18 3.18
CA GLY B 25 18.40 31.67 2.11
C GLY B 25 18.35 32.39 0.78
N ASN B 26 17.13 32.46 0.25
CA ASN B 26 16.90 33.05 -1.05
C ASN B 26 16.48 34.51 -0.98
N LYS B 27 17.23 35.30 -0.21
CA LYS B 27 16.95 36.73 -0.05
C LYS B 27 15.53 37.13 -0.45
N GLU B 28 15.32 37.32 -1.74
CA GLU B 28 14.02 37.68 -2.29
C GLU B 28 12.85 37.07 -1.51
N THR B 29 12.76 35.74 -1.50
CA THR B 29 11.69 35.02 -0.80
C THR B 29 11.71 35.24 0.71
N ILE B 30 12.89 35.20 1.32
CA ILE B 30 12.98 35.39 2.75
C ILE B 30 12.41 36.74 3.16
N ASP B 31 12.71 37.78 2.41
CA ASP B 31 12.21 39.11 2.73
C ASP B 31 10.68 39.07 2.69
N ARG B 32 10.16 38.34 1.71
CA ARG B 32 8.72 38.17 1.53
C ARG B 32 8.20 37.69 2.86
N LEU B 33 8.94 36.78 3.48
CA LEU B 33 8.53 36.25 4.77
C LEU B 33 8.69 37.31 5.84
N GLN B 34 9.81 38.03 5.82
CA GLN B 34 10.07 39.09 6.79
C GLN B 34 8.88 40.04 6.87
N GLN B 35 8.30 40.34 5.71
CA GLN B 35 7.16 41.24 5.65
C GLN B 35 5.91 40.61 6.24
N ILE B 36 5.69 39.33 5.98
CA ILE B 36 4.52 38.64 6.53
C ILE B 36 4.68 38.58 8.04
N ALA B 37 5.93 38.62 8.49
CA ALA B 37 6.22 38.55 9.90
C ALA B 37 5.80 39.84 10.59
N LYS B 38 5.92 40.95 9.86
CA LYS B 38 5.56 42.27 10.39
C LYS B 38 4.06 42.53 10.33
N ASP B 39 3.44 42.09 9.24
CA ASP B 39 2.00 42.28 9.05
C ASP B 39 1.25 41.16 9.77
N GLY B 40 0.97 40.07 9.08
CA GLY B 40 0.26 38.98 9.71
C GLY B 40 -0.72 38.23 8.85
N ASN B 41 -0.88 38.63 7.60
CA ASN B 41 -1.81 37.94 6.72
C ASN B 41 -1.09 36.79 6.03
N MET B 42 -0.56 35.89 6.84
CA MET B 42 0.15 34.73 6.33
C MET B 42 -0.82 33.79 5.65
N PRO B 43 -0.66 33.60 4.33
CA PRO B 43 -1.55 32.70 3.59
C PRO B 43 -1.14 31.26 3.85
N HIS B 44 -2.01 30.31 3.56
CA HIS B 44 -1.59 28.93 3.72
C HIS B 44 -0.46 28.91 2.69
N MET B 45 0.56 28.10 2.92
CA MET B 45 1.67 28.06 1.96
C MET B 45 2.37 26.73 1.94
N ILE B 46 2.93 26.42 0.78
CA ILE B 46 3.69 25.20 0.58
C ILE B 46 5.09 25.66 0.22
N ILE B 47 6.04 25.44 1.11
CA ILE B 47 7.42 25.80 0.85
C ILE B 47 8.12 24.53 0.37
N SER B 48 8.52 24.50 -0.89
CA SER B 48 9.21 23.32 -1.42
C SER B 48 10.61 23.63 -1.95
N GLY B 49 11.46 22.62 -1.96
CA GLY B 49 12.81 22.81 -2.44
C GLY B 49 13.72 21.66 -2.09
N MET B 50 14.94 21.67 -2.63
CA MET B 50 15.93 20.63 -2.37
C MET B 50 16.32 20.56 -0.91
N PRO B 51 17.02 19.48 -0.52
CA PRO B 51 17.47 19.25 0.86
C PRO B 51 18.42 20.30 1.45
N GLY B 52 18.18 20.62 2.72
CA GLY B 52 19.02 21.56 3.44
C GLY B 52 19.27 22.97 2.97
N ILE B 53 18.28 23.66 2.43
CA ILE B 53 18.51 25.03 2.00
C ILE B 53 17.86 26.03 2.96
N GLY B 54 17.19 25.52 3.99
CA GLY B 54 16.58 26.40 4.97
C GLY B 54 15.06 26.55 4.97
N LYS B 55 14.36 25.47 4.65
CA LYS B 55 12.91 25.50 4.61
C LYS B 55 12.34 25.33 6.00
N THR B 56 12.61 24.20 6.62
CA THR B 56 12.09 23.96 7.96
C THR B 56 12.51 25.08 8.91
N THR B 57 13.72 25.59 8.74
CA THR B 57 14.20 26.67 9.59
C THR B 57 13.27 27.83 9.32
N SER B 58 13.21 28.20 8.05
CA SER B 58 12.39 29.30 7.58
C SER B 58 11.00 29.38 8.22
N VAL B 59 10.19 28.37 8.00
CA VAL B 59 8.84 28.38 8.54
C VAL B 59 8.76 28.57 10.05
N HIS B 60 9.61 27.86 10.80
CA HIS B 60 9.63 27.99 12.25
C HIS B 60 10.03 29.40 12.69
N CYS B 61 10.89 30.03 11.92
CA CYS B 61 11.33 31.38 12.23
C CYS B 61 10.17 32.34 11.95
N LEU B 62 9.43 32.06 10.88
CA LEU B 62 8.29 32.92 10.55
C LEU B 62 7.28 32.77 11.65
N ALA B 63 7.14 31.54 12.14
CA ALA B 63 6.21 31.23 13.20
C ALA B 63 6.44 32.11 14.42
N HIS B 64 7.69 32.25 14.86
CA HIS B 64 7.97 33.07 16.03
C HIS B 64 7.70 34.56 15.86
N GLU B 65 8.42 35.20 14.95
CA GLU B 65 8.24 36.62 14.73
C GLU B 65 6.76 37.00 14.54
N LEU B 66 5.91 36.01 14.32
CA LEU B 66 4.49 36.26 14.14
C LEU B 66 3.74 36.12 15.45
N LEU B 67 4.08 35.08 16.20
CA LEU B 67 3.37 34.82 17.45
C LEU B 67 4.10 35.10 18.75
N GLY B 68 5.40 35.41 18.67
CA GLY B 68 6.15 35.70 19.88
C GLY B 68 5.85 34.72 21.01
N ARG B 69 5.42 35.24 22.15
CA ARG B 69 5.12 34.37 23.29
C ARG B 69 3.98 33.41 23.00
N SER B 70 3.34 33.55 21.85
CA SER B 70 2.22 32.68 21.52
C SER B 70 2.60 31.42 20.76
N TYR B 71 3.83 31.36 20.25
CA TYR B 71 4.28 30.19 19.52
C TYR B 71 3.88 28.92 20.27
N ALA B 72 4.05 28.94 21.59
CA ALA B 72 3.74 27.78 22.42
C ALA B 72 2.34 27.17 22.26
N ASP B 73 1.31 28.01 22.24
CA ASP B 73 -0.07 27.54 22.11
C ASP B 73 -0.68 27.76 20.73
N GLY B 74 -0.05 28.61 19.92
CA GLY B 74 -0.60 28.90 18.61
C GLY B 74 0.03 28.18 17.44
N VAL B 75 0.99 27.30 17.72
CA VAL B 75 1.66 26.54 16.67
C VAL B 75 1.56 25.07 16.97
N LEU B 76 1.17 24.29 15.97
CA LEU B 76 1.07 22.85 16.11
C LEU B 76 1.94 22.24 15.04
N GLU B 77 3.04 21.62 15.44
CA GLU B 77 3.91 21.00 14.45
C GLU B 77 3.68 19.51 14.36
N LEU B 78 3.63 19.01 13.14
CA LEU B 78 3.44 17.60 12.89
C LEU B 78 4.37 17.21 11.75
N ASN B 79 5.36 16.37 12.06
CA ASN B 79 6.31 15.93 11.04
C ASN B 79 6.26 14.43 10.81
N ALA B 80 7.15 13.93 9.95
CA ALA B 80 7.18 12.52 9.62
C ALA B 80 7.32 11.57 10.82
N SER B 81 7.80 12.08 11.94
CA SER B 81 7.97 11.23 13.13
C SER B 81 6.71 11.18 13.99
N ASP B 82 5.65 11.86 13.54
CA ASP B 82 4.39 11.87 14.29
C ASP B 82 3.33 11.14 13.48
N ASP B 83 2.22 10.83 14.14
CA ASP B 83 1.12 10.16 13.48
C ASP B 83 0.34 11.25 12.73
N ARG B 84 0.15 11.07 11.42
CA ARG B 84 -0.57 12.07 10.63
C ARG B 84 -1.55 11.43 9.65
N GLY B 85 -2.29 10.45 10.13
CA GLY B 85 -3.26 9.77 9.28
C GLY B 85 -4.62 10.41 9.33
N ILE B 86 -5.57 9.80 8.62
CA ILE B 86 -6.93 10.29 8.55
C ILE B 86 -7.44 10.70 9.93
N ASP B 87 -7.28 9.81 10.91
CA ASP B 87 -7.72 10.04 12.29
C ASP B 87 -7.15 11.31 12.95
N VAL B 88 -5.84 11.46 12.92
CA VAL B 88 -5.22 12.63 13.52
C VAL B 88 -5.66 13.89 12.78
N VAL B 89 -5.77 13.80 11.45
CA VAL B 89 -6.18 14.95 10.66
C VAL B 89 -7.62 15.33 10.98
N ARG B 90 -8.45 14.33 11.18
CA ARG B 90 -9.86 14.56 11.46
C ARG B 90 -10.14 14.90 12.92
N ASN B 91 -9.12 14.86 13.77
CA ASN B 91 -9.31 15.17 15.18
C ASN B 91 -8.31 16.16 15.74
N GLN B 92 -7.09 15.70 15.96
CA GLN B 92 -6.07 16.58 16.49
C GLN B 92 -6.08 17.88 15.70
N ILE B 93 -5.64 17.80 14.44
CA ILE B 93 -5.56 18.97 13.60
C ILE B 93 -6.85 19.79 13.59
N LYS B 94 -8.00 19.13 13.38
CA LYS B 94 -9.27 19.84 13.34
C LYS B 94 -9.52 20.56 14.66
N HIS B 95 -9.32 19.84 15.76
CA HIS B 95 -9.52 20.40 17.09
C HIS B 95 -8.67 21.66 17.27
N PHE B 96 -7.43 21.62 16.80
CA PHE B 96 -6.52 22.76 16.92
C PHE B 96 -7.07 24.01 16.20
N ALA B 97 -7.48 23.83 14.95
CA ALA B 97 -8.04 24.92 14.17
C ALA B 97 -9.31 25.46 14.84
N GLN B 98 -10.02 24.60 15.57
CA GLN B 98 -11.25 25.00 16.25
C GLN B 98 -10.94 25.57 17.62
N LYS B 99 -9.68 25.47 18.01
CA LYS B 99 -9.21 25.96 19.31
C LYS B 99 -9.36 27.47 19.42
N LYS B 100 -9.65 27.93 20.63
CA LYS B 100 -9.80 29.35 20.89
C LYS B 100 -8.47 29.86 21.44
N LEU B 101 -7.95 30.89 20.79
CA LEU B 101 -6.70 31.50 21.23
C LEU B 101 -6.73 32.96 20.81
N HIS B 102 -6.79 33.86 21.79
CA HIS B 102 -6.83 35.28 21.52
C HIS B 102 -5.47 35.80 21.09
N LEU B 103 -5.38 36.23 19.83
CA LEU B 103 -4.14 36.75 19.28
C LEU B 103 -4.34 38.12 18.67
N PRO B 104 -3.27 38.90 18.52
CA PRO B 104 -3.31 40.24 17.95
C PRO B 104 -4.12 40.27 16.65
N PRO B 105 -4.60 41.45 16.26
CA PRO B 105 -5.39 41.61 15.03
C PRO B 105 -5.04 40.71 13.85
N GLY B 106 -3.84 40.86 13.29
CA GLY B 106 -3.46 40.07 12.12
C GLY B 106 -2.74 38.74 12.28
N LYS B 107 -2.76 38.18 13.48
CA LYS B 107 -2.07 36.92 13.73
C LYS B 107 -3.03 35.74 13.72
N HIS B 108 -2.55 34.59 13.27
CA HIS B 108 -3.37 33.39 13.25
C HIS B 108 -2.57 32.23 13.80
N LYS B 109 -3.25 31.22 14.29
CA LYS B 109 -2.58 30.03 14.79
C LYS B 109 -1.93 29.42 13.54
N ILE B 110 -0.81 28.75 13.73
CA ILE B 110 -0.10 28.12 12.62
C ILE B 110 -0.04 26.62 12.84
N VAL B 111 -0.19 25.85 11.77
CA VAL B 111 -0.08 24.41 11.85
C VAL B 111 1.05 24.13 10.90
N ILE B 112 2.09 23.49 11.40
CA ILE B 112 3.23 23.19 10.54
C ILE B 112 3.29 21.70 10.23
N LEU B 113 3.13 21.36 8.97
CA LEU B 113 3.22 19.97 8.55
C LEU B 113 4.51 19.86 7.73
N ASP B 114 5.57 19.37 8.37
CA ASP B 114 6.87 19.22 7.71
C ASP B 114 6.92 17.85 7.08
N GLU B 115 7.80 17.67 6.10
CA GLU B 115 7.90 16.40 5.39
C GLU B 115 6.48 16.01 4.93
N ALA B 116 5.78 17.01 4.38
CA ALA B 116 4.41 16.84 3.93
C ALA B 116 4.23 15.92 2.71
N ASP B 117 5.33 15.56 2.05
CA ASP B 117 5.23 14.69 0.91
C ASP B 117 5.12 13.23 1.34
N SER B 118 5.08 13.03 2.66
CA SER B 118 4.98 11.70 3.24
C SER B 118 3.55 11.46 3.69
N MET B 119 2.77 12.53 3.72
CA MET B 119 1.39 12.45 4.13
C MET B 119 0.53 11.73 3.10
N THR B 120 -0.07 10.62 3.48
CA THR B 120 -0.89 9.85 2.57
C THR B 120 -1.99 10.73 1.99
N ALA B 121 -2.37 10.46 0.74
CA ALA B 121 -3.41 11.25 0.07
C ALA B 121 -4.73 11.28 0.85
N GLY B 122 -5.17 10.13 1.30
CA GLY B 122 -6.41 10.07 2.06
C GLY B 122 -6.43 11.08 3.19
N ALA B 123 -5.29 11.21 3.86
CA ALA B 123 -5.19 12.13 4.98
C ALA B 123 -5.26 13.58 4.46
N GLN B 124 -4.48 13.89 3.43
CA GLN B 124 -4.47 15.23 2.85
C GLN B 124 -5.89 15.59 2.45
N GLN B 125 -6.55 14.59 1.89
CA GLN B 125 -7.91 14.70 1.44
C GLN B 125 -8.82 15.13 2.59
N ALA B 126 -8.59 14.56 3.77
CA ALA B 126 -9.40 14.88 4.94
C ALA B 126 -8.96 16.16 5.64
N LEU B 127 -7.92 16.78 5.11
CA LEU B 127 -7.40 18.00 5.70
C LEU B 127 -8.08 19.19 5.02
N ARG B 128 -8.27 19.06 3.72
CA ARG B 128 -8.90 20.09 2.88
C ARG B 128 -9.91 20.99 3.55
N ARG B 129 -11.06 20.41 3.89
CA ARG B 129 -12.13 21.17 4.49
C ARG B 129 -11.77 21.92 5.77
N THR B 130 -10.90 21.33 6.60
CA THR B 130 -10.51 21.98 7.84
C THR B 130 -9.83 23.31 7.62
N MET B 131 -8.82 23.34 6.76
CA MET B 131 -8.12 24.60 6.55
C MET B 131 -8.90 25.59 5.70
N GLU B 132 -10.05 25.18 5.20
CA GLU B 132 -10.86 26.07 4.40
C GLU B 132 -11.85 26.75 5.34
N LEU B 133 -12.45 25.96 6.23
CA LEU B 133 -13.41 26.47 7.18
C LEU B 133 -12.83 27.30 8.32
N TYR B 134 -11.61 26.98 8.74
CA TYR B 134 -11.02 27.73 9.85
C TYR B 134 -9.82 28.59 9.49
N SER B 135 -9.73 29.03 8.25
CA SER B 135 -8.61 29.86 7.84
C SER B 135 -8.61 31.21 8.55
N ASN B 136 -9.72 31.59 9.16
CA ASN B 136 -9.79 32.87 9.85
C ASN B 136 -9.09 32.92 11.21
N SER B 137 -8.65 31.76 11.70
CA SER B 137 -7.96 31.71 12.97
C SER B 137 -6.75 30.81 12.85
N THR B 138 -6.72 29.99 11.81
CA THR B 138 -5.62 29.04 11.63
C THR B 138 -5.08 28.97 10.23
N ARG B 139 -3.75 29.06 10.09
CA ARG B 139 -3.08 29.02 8.79
C ARG B 139 -2.08 27.86 8.72
N PHE B 140 -2.02 27.20 7.58
CA PHE B 140 -1.12 26.07 7.41
C PHE B 140 0.14 26.32 6.58
N ALA B 141 1.23 25.70 7.01
CA ALA B 141 2.52 25.80 6.33
C ALA B 141 3.01 24.38 6.01
N PHE B 142 3.16 24.07 4.72
CA PHE B 142 3.64 22.76 4.31
C PHE B 142 5.10 22.83 3.86
N ALA B 143 5.94 21.94 4.36
CA ALA B 143 7.36 21.93 3.96
C ALA B 143 7.69 20.57 3.32
N CYS B 144 8.26 20.60 2.12
CA CYS B 144 8.57 19.35 1.43
C CYS B 144 9.67 19.49 0.38
N ASN B 145 10.07 18.37 -0.24
CA ASN B 145 11.07 18.40 -1.29
C ASN B 145 10.31 18.28 -2.59
N GLN B 146 9.19 17.57 -2.53
CA GLN B 146 8.35 17.37 -3.69
C GLN B 146 6.93 17.83 -3.46
N SER B 147 6.60 19.03 -3.94
CA SER B 147 5.27 19.57 -3.79
C SER B 147 4.37 18.71 -4.66
N ASN B 148 4.98 18.05 -5.63
CA ASN B 148 4.29 17.17 -6.55
C ASN B 148 3.44 16.15 -5.79
N LYS B 149 3.86 15.84 -4.56
CA LYS B 149 3.17 14.86 -3.71
C LYS B 149 2.01 15.44 -2.89
N ILE B 150 1.73 16.72 -3.08
CA ILE B 150 0.62 17.39 -2.37
C ILE B 150 -0.58 17.37 -3.30
N ILE B 151 -1.69 16.79 -2.86
CA ILE B 151 -2.88 16.76 -3.70
C ILE B 151 -3.29 18.20 -4.05
N GLU B 152 -3.70 18.39 -5.31
CA GLU B 152 -4.10 19.70 -5.82
C GLU B 152 -5.11 20.47 -4.98
N PRO B 153 -6.14 19.80 -4.48
CA PRO B 153 -7.09 20.56 -3.66
C PRO B 153 -6.37 21.37 -2.57
N LEU B 154 -5.34 20.78 -1.96
CA LEU B 154 -4.60 21.48 -0.94
C LEU B 154 -3.74 22.56 -1.57
N GLN B 155 -3.19 22.24 -2.73
CA GLN B 155 -2.35 23.18 -3.44
C GLN B 155 -3.04 24.48 -3.80
N SER B 156 -4.27 24.37 -4.30
CA SER B 156 -5.00 25.57 -4.69
C SER B 156 -5.36 26.42 -3.48
N GLN B 157 -5.23 25.85 -2.30
CA GLN B 157 -5.56 26.58 -1.10
C GLN B 157 -4.43 27.38 -0.54
N CYS B 158 -3.24 27.30 -1.13
CA CYS B 158 -2.11 28.04 -0.60
C CYS B 158 -1.08 28.56 -1.60
N ALA B 159 -0.20 29.44 -1.11
CA ALA B 159 0.85 30.01 -1.93
C ALA B 159 2.01 29.03 -2.04
N ILE B 160 2.57 28.91 -3.23
CA ILE B 160 3.70 28.00 -3.44
C ILE B 160 5.00 28.78 -3.47
N LEU B 161 5.87 28.55 -2.50
CA LEU B 161 7.16 29.22 -2.43
C LEU B 161 8.30 28.28 -2.72
N ARG B 162 8.90 28.40 -3.90
CA ARG B 162 10.02 27.55 -4.28
C ARG B 162 11.31 28.08 -3.65
N TYR B 163 12.19 27.18 -3.24
CA TYR B 163 13.47 27.56 -2.66
C TYR B 163 14.55 27.08 -3.60
N SER B 164 15.64 27.81 -3.68
CA SER B 164 16.73 27.45 -4.58
C SER B 164 17.93 26.99 -3.77
N LYS B 165 18.82 26.21 -4.40
CA LYS B 165 20.03 25.74 -3.73
C LYS B 165 20.83 26.99 -3.35
N LEU B 166 21.66 26.88 -2.31
CA LEU B 166 22.46 28.03 -1.90
C LEU B 166 23.70 28.23 -2.74
N SER B 167 23.90 29.45 -3.23
CA SER B 167 25.07 29.77 -4.02
C SER B 167 26.30 29.51 -3.17
N ASP B 168 27.44 29.29 -3.82
CA ASP B 168 28.67 29.02 -3.08
C ASP B 168 29.01 30.18 -2.16
N GLU B 169 28.69 31.41 -2.57
CA GLU B 169 28.94 32.60 -1.76
C GLU B 169 28.22 32.47 -0.43
N ASP B 170 26.91 32.25 -0.50
CA ASP B 170 26.06 32.11 0.68
C ASP B 170 26.55 30.99 1.58
N VAL B 171 26.85 29.83 0.99
CA VAL B 171 27.34 28.70 1.77
C VAL B 171 28.62 29.12 2.49
N LEU B 172 29.48 29.84 1.77
CA LEU B 172 30.74 30.31 2.29
C LEU B 172 30.59 31.24 3.51
N LYS B 173 29.61 32.14 3.45
CA LYS B 173 29.38 33.09 4.53
C LYS B 173 29.03 32.39 5.85
N ARG B 174 27.93 31.64 5.87
CA ARG B 174 27.54 30.97 7.09
C ARG B 174 28.62 29.99 7.52
N LEU B 175 29.48 29.60 6.58
CA LEU B 175 30.55 28.68 6.88
C LEU B 175 31.60 29.41 7.73
N LEU B 176 31.93 30.63 7.35
CA LEU B 176 32.90 31.44 8.09
C LEU B 176 32.33 31.87 9.45
N GLN B 177 31.07 32.29 9.45
CA GLN B 177 30.41 32.72 10.67
C GLN B 177 30.56 31.66 11.76
N ILE B 178 30.46 30.40 11.38
CA ILE B 178 30.59 29.29 12.32
C ILE B 178 32.06 29.09 12.69
N ILE B 179 32.94 29.32 11.71
CA ILE B 179 34.37 29.18 11.92
C ILE B 179 34.87 30.09 13.04
N LYS B 180 34.41 31.34 13.04
CA LYS B 180 34.81 32.30 14.07
C LYS B 180 34.30 31.91 15.45
N LEU B 181 33.04 31.52 15.52
CA LEU B 181 32.43 31.14 16.81
C LEU B 181 32.92 29.80 17.34
N GLU B 182 33.74 29.11 16.55
CA GLU B 182 34.24 27.81 16.95
C GLU B 182 35.77 27.79 16.86
N ASP B 183 36.35 28.90 16.44
CA ASP B 183 37.79 29.06 16.31
C ASP B 183 38.40 27.87 15.57
N VAL B 184 37.81 27.53 14.43
CA VAL B 184 38.28 26.42 13.62
C VAL B 184 39.40 26.84 12.69
N LYS B 185 40.47 26.03 12.68
CA LYS B 185 41.63 26.28 11.84
C LYS B 185 41.30 25.78 10.44
N TYR B 186 41.21 26.71 9.50
CA TYR B 186 40.85 26.37 8.13
C TYR B 186 41.84 26.85 7.07
N THR B 187 41.62 26.36 5.85
CA THR B 187 42.43 26.72 4.70
C THR B 187 41.43 27.09 3.60
N ASN B 188 41.83 27.97 2.69
CA ASN B 188 40.94 28.37 1.60
C ASN B 188 40.54 27.19 0.75
N ASP B 189 41.52 26.35 0.42
CA ASP B 189 41.27 25.16 -0.39
C ASP B 189 40.40 24.20 0.40
N GLY B 190 40.56 24.21 1.73
CA GLY B 190 39.76 23.36 2.57
C GLY B 190 38.29 23.73 2.45
N LEU B 191 38.00 25.03 2.50
CA LEU B 191 36.63 25.50 2.40
C LEU B 191 36.09 25.21 1.02
N GLU B 192 36.91 25.41 -0.01
CA GLU B 192 36.49 25.14 -1.37
C GLU B 192 36.12 23.67 -1.52
N ALA B 193 36.72 22.83 -0.68
CA ALA B 193 36.42 21.40 -0.72
C ALA B 193 35.01 21.14 -0.18
N ILE B 194 34.65 21.83 0.90
CA ILE B 194 33.33 21.65 1.47
C ILE B 194 32.29 22.17 0.49
N ILE B 195 32.42 23.44 0.11
CA ILE B 195 31.50 24.05 -0.85
C ILE B 195 31.28 23.06 -2.00
N PHE B 196 32.40 22.70 -2.63
CA PHE B 196 32.41 21.76 -3.76
C PHE B 196 31.65 20.46 -3.50
N THR B 197 31.67 19.96 -2.27
CA THR B 197 31.00 18.71 -1.96
C THR B 197 29.64 18.83 -1.29
N ALA B 198 29.11 20.05 -1.17
CA ALA B 198 27.81 20.23 -0.53
C ALA B 198 26.74 20.63 -1.55
N GLU B 199 27.20 21.02 -2.73
CA GLU B 199 26.33 21.41 -3.84
C GLU B 199 25.08 22.18 -3.43
N GLY B 200 25.25 23.26 -2.68
CA GLY B 200 24.10 24.05 -2.28
C GLY B 200 23.38 23.61 -1.01
N ASP B 201 23.88 22.58 -0.35
CA ASP B 201 23.27 22.08 0.89
C ASP B 201 24.01 22.59 2.12
N MET B 202 23.42 23.53 2.85
CA MET B 202 24.08 24.07 4.03
C MET B 202 24.30 23.02 5.11
N ARG B 203 23.27 22.21 5.39
CA ARG B 203 23.35 21.17 6.40
C ARG B 203 24.56 20.28 6.12
N GLN B 204 24.58 19.72 4.91
CA GLN B 204 25.64 18.85 4.44
C GLN B 204 27.00 19.50 4.68
N ALA B 205 27.13 20.76 4.26
CA ALA B 205 28.39 21.48 4.44
C ALA B 205 28.81 21.47 5.92
N ILE B 206 27.99 22.09 6.77
CA ILE B 206 28.28 22.16 8.19
C ILE B 206 28.63 20.77 8.74
N ASN B 207 27.74 19.79 8.57
CA ASN B 207 28.02 18.43 9.05
C ASN B 207 29.45 18.03 8.71
N ASN B 208 29.82 18.11 7.43
CA ASN B 208 31.17 17.75 7.01
C ASN B 208 32.20 18.58 7.75
N LEU B 209 32.04 19.90 7.72
CA LEU B 209 32.96 20.80 8.40
C LEU B 209 33.31 20.28 9.79
N GLN B 210 32.29 19.98 10.59
CA GLN B 210 32.49 19.47 11.93
C GLN B 210 33.18 18.10 11.94
N SER B 211 32.73 17.18 11.11
CA SER B 211 33.35 15.86 11.05
C SER B 211 34.82 16.00 10.67
N THR B 212 35.10 17.02 9.86
CA THR B 212 36.44 17.29 9.38
C THR B 212 37.33 17.77 10.52
N VAL B 213 36.80 18.67 11.34
CA VAL B 213 37.55 19.20 12.48
C VAL B 213 37.62 18.16 13.59
N ALA B 214 36.54 17.41 13.76
CA ALA B 214 36.47 16.38 14.78
C ALA B 214 37.49 15.27 14.58
N GLY B 215 38.02 15.14 13.37
CA GLY B 215 38.99 14.09 13.10
C GLY B 215 40.36 14.55 12.63
N HIS B 216 40.48 15.82 12.27
CA HIS B 216 41.76 16.34 11.80
C HIS B 216 42.01 17.76 12.29
N GLY B 217 41.07 18.29 13.08
CA GLY B 217 41.23 19.63 13.61
C GLY B 217 41.31 20.69 12.52
N LEU B 218 42.39 20.65 11.74
CA LEU B 218 42.60 21.60 10.66
C LEU B 218 41.78 21.25 9.42
N VAL B 219 41.00 22.22 8.95
CA VAL B 219 40.16 22.01 7.78
C VAL B 219 40.88 22.38 6.50
N ASN B 220 41.54 21.38 5.92
CA ASN B 220 42.27 21.52 4.69
C ASN B 220 41.69 20.55 3.67
N ALA B 221 41.84 20.87 2.39
CA ALA B 221 41.34 20.02 1.32
C ALA B 221 41.65 18.55 1.58
N ASP B 222 42.90 18.26 1.90
CA ASP B 222 43.32 16.89 2.16
C ASP B 222 42.49 16.24 3.26
N ASN B 223 42.31 16.95 4.37
CA ASN B 223 41.53 16.44 5.49
C ASN B 223 40.06 16.28 5.08
N VAL B 224 39.50 17.33 4.51
CA VAL B 224 38.11 17.30 4.07
C VAL B 224 37.80 16.08 3.20
N PHE B 225 38.60 15.85 2.17
CA PHE B 225 38.38 14.72 1.28
C PHE B 225 38.66 13.39 1.94
N LYS B 226 39.17 13.44 3.17
CA LYS B 226 39.45 12.23 3.92
C LYS B 226 38.15 11.70 4.53
N ILE B 227 37.39 12.59 5.16
CA ILE B 227 36.13 12.18 5.77
C ILE B 227 35.13 11.90 4.67
N VAL B 228 35.17 12.71 3.61
CA VAL B 228 34.26 12.51 2.49
C VAL B 228 34.52 11.14 1.88
N ASP B 229 35.79 10.77 1.82
CA ASP B 229 36.25 9.49 1.30
C ASP B 229 35.69 9.14 -0.07
N SER B 230 35.76 10.09 -1.00
CA SER B 230 35.29 9.89 -2.35
C SER B 230 36.47 10.20 -3.25
N PRO B 231 36.43 9.74 -4.50
CA PRO B 231 37.54 10.00 -5.42
C PRO B 231 37.98 11.46 -5.30
N HIS B 232 39.26 11.70 -5.03
CA HIS B 232 39.74 13.07 -4.91
C HIS B 232 39.57 13.80 -6.24
N PRO B 233 38.86 14.94 -6.23
CA PRO B 233 38.60 15.76 -7.41
C PRO B 233 39.80 15.92 -8.33
N LEU B 234 40.95 16.22 -7.73
CA LEU B 234 42.17 16.41 -8.49
C LEU B 234 42.48 15.23 -9.42
N ILE B 235 42.44 14.02 -8.87
CA ILE B 235 42.71 12.83 -9.65
C ILE B 235 41.68 12.68 -10.77
N VAL B 236 40.41 12.76 -10.40
CA VAL B 236 39.32 12.64 -11.35
C VAL B 236 39.50 13.64 -12.50
N LYS B 237 39.96 14.83 -12.16
CA LYS B 237 40.17 15.86 -13.16
C LYS B 237 41.30 15.43 -14.09
N LYS B 238 42.45 15.12 -13.50
CA LYS B 238 43.62 14.71 -14.27
C LYS B 238 43.32 13.49 -15.16
N MET B 239 42.19 12.84 -14.93
CA MET B 239 41.80 11.68 -15.72
C MET B 239 40.93 12.09 -16.91
N LEU B 240 40.12 13.12 -16.70
CA LEU B 240 39.24 13.62 -17.76
C LEU B 240 40.00 14.51 -18.74
N LEU B 241 41.11 15.07 -18.30
CA LEU B 241 41.90 15.95 -19.16
C LEU B 241 43.15 15.33 -19.77
N ALA B 242 43.47 14.09 -19.39
CA ALA B 242 44.63 13.40 -19.91
C ALA B 242 44.64 13.50 -21.44
N SER B 243 45.74 13.96 -22.01
CA SER B 243 45.83 14.12 -23.47
C SER B 243 45.69 12.82 -24.27
N ASN B 244 45.97 11.69 -23.66
CA ASN B 244 45.87 10.39 -24.33
C ASN B 244 44.89 9.48 -23.64
N LEU B 245 44.03 8.83 -24.41
CA LEU B 245 43.05 7.92 -23.85
C LEU B 245 43.75 6.84 -23.04
N GLU B 246 44.96 6.50 -23.43
CA GLU B 246 45.73 5.48 -22.73
C GLU B 246 46.07 5.98 -21.34
N ASP B 247 46.46 7.25 -21.27
CA ASP B 247 46.83 7.86 -20.00
C ASP B 247 45.67 7.86 -19.00
N SER B 248 44.53 8.40 -19.41
CA SER B 248 43.37 8.46 -18.54
C SER B 248 42.86 7.10 -18.10
N ILE B 249 42.96 6.10 -18.97
CA ILE B 249 42.52 4.75 -18.60
C ILE B 249 43.44 4.22 -17.52
N GLN B 250 44.67 4.73 -17.47
CA GLN B 250 45.63 4.30 -16.47
C GLN B 250 45.24 4.92 -15.14
N ILE B 251 44.82 6.18 -15.18
CA ILE B 251 44.40 6.89 -13.97
C ILE B 251 43.20 6.14 -13.40
N LEU B 252 42.32 5.68 -14.28
CA LEU B 252 41.14 4.94 -13.84
C LEU B 252 41.53 3.58 -13.25
N ARG B 253 42.55 2.97 -13.82
CA ARG B 253 43.02 1.66 -13.38
C ARG B 253 43.83 1.71 -12.08
N THR B 254 44.79 2.63 -12.03
CA THR B 254 45.66 2.76 -10.88
C THR B 254 45.15 3.61 -9.73
N ASP B 255 44.71 4.82 -10.02
CA ASP B 255 44.24 5.73 -8.98
C ASP B 255 42.78 5.61 -8.55
N LEU B 256 41.95 4.94 -9.35
CA LEU B 256 40.55 4.85 -8.95
C LEU B 256 40.00 3.47 -8.67
N TRP B 257 40.02 2.60 -9.68
CA TRP B 257 39.50 1.25 -9.55
C TRP B 257 40.34 0.40 -8.61
N LYS B 258 41.65 0.41 -8.80
CA LYS B 258 42.55 -0.36 -7.96
C LYS B 258 42.55 0.12 -6.51
N LYS B 259 42.11 1.36 -6.29
CA LYS B 259 42.07 1.88 -4.93
C LYS B 259 40.72 1.65 -4.27
N GLY B 260 39.87 0.86 -4.93
CA GLY B 260 38.58 0.50 -4.38
C GLY B 260 37.44 1.49 -4.29
N TYR B 261 37.35 2.43 -5.22
CA TYR B 261 36.24 3.38 -5.18
C TYR B 261 35.04 2.83 -5.94
N SER B 262 33.85 3.14 -5.45
CA SER B 262 32.62 2.68 -6.08
C SER B 262 32.51 3.14 -7.53
N SER B 263 31.91 2.32 -8.39
CA SER B 263 31.73 2.72 -9.79
C SER B 263 30.76 3.90 -9.80
N ILE B 264 29.92 3.99 -8.77
CA ILE B 264 28.97 5.09 -8.64
C ILE B 264 29.75 6.30 -8.16
N ASP B 265 30.70 6.05 -7.26
CA ASP B 265 31.55 7.10 -6.72
C ASP B 265 32.33 7.80 -7.83
N ILE B 266 32.91 7.00 -8.72
CA ILE B 266 33.69 7.53 -9.83
C ILE B 266 32.87 8.45 -10.71
N VAL B 267 31.81 7.91 -11.30
CA VAL B 267 30.95 8.68 -12.18
C VAL B 267 30.44 10.00 -11.56
N THR B 268 29.82 9.90 -10.39
CA THR B 268 29.29 11.09 -9.73
C THR B 268 30.33 12.22 -9.65
N THR B 269 31.52 11.90 -9.15
CA THR B 269 32.55 12.92 -9.04
C THR B 269 32.92 13.44 -10.45
N SER B 270 33.04 12.52 -11.39
CA SER B 270 33.38 12.85 -12.79
C SER B 270 32.41 13.91 -13.31
N PHE B 271 31.14 13.72 -12.99
CA PHE B 271 30.12 14.66 -13.41
C PHE B 271 30.36 15.98 -12.69
N ARG B 272 30.49 15.91 -11.37
CA ARG B 272 30.70 17.12 -10.60
C ARG B 272 31.93 17.90 -11.10
N VAL B 273 33.01 17.19 -11.39
CA VAL B 273 34.22 17.84 -11.86
C VAL B 273 34.07 18.37 -13.29
N THR B 274 33.44 17.59 -14.16
CA THR B 274 33.24 18.02 -15.53
C THR B 274 32.47 19.33 -15.55
N LYS B 275 31.51 19.42 -14.64
CA LYS B 275 30.68 20.60 -14.52
C LYS B 275 31.46 21.87 -14.25
N ASN B 276 32.45 21.79 -13.36
CA ASN B 276 33.26 22.95 -12.99
C ASN B 276 34.52 23.11 -13.81
N LEU B 277 34.66 22.29 -14.86
CA LEU B 277 35.83 22.36 -15.70
C LEU B 277 35.80 23.60 -16.58
N ALA B 278 36.04 24.75 -15.97
CA ALA B 278 36.03 26.02 -16.68
C ALA B 278 36.96 26.00 -17.89
N GLN B 279 38.06 25.27 -17.75
CA GLN B 279 39.05 25.15 -18.82
C GLN B 279 38.41 24.76 -20.15
N VAL B 280 37.49 23.81 -20.10
CA VAL B 280 36.81 23.33 -21.30
C VAL B 280 35.67 24.28 -21.69
N LYS B 281 35.01 24.01 -22.82
CA LYS B 281 33.90 24.85 -23.28
C LYS B 281 32.52 24.28 -22.95
N GLU B 282 31.58 25.17 -22.64
CA GLU B 282 30.20 24.80 -22.31
C GLU B 282 29.72 23.64 -23.16
N SER B 283 29.77 23.84 -24.48
CA SER B 283 29.32 22.83 -25.42
C SER B 283 29.97 21.49 -25.14
N VAL B 284 31.27 21.55 -24.85
CA VAL B 284 32.04 20.35 -24.58
C VAL B 284 31.72 19.70 -23.23
N ARG B 285 31.70 20.49 -22.16
CA ARG B 285 31.41 19.94 -20.84
C ARG B 285 30.05 19.25 -20.84
N LEU B 286 29.10 19.82 -21.58
CA LEU B 286 27.76 19.26 -21.67
C LEU B 286 27.71 17.96 -22.44
N GLU B 287 28.44 17.86 -23.54
CA GLU B 287 28.42 16.61 -24.28
C GLU B 287 29.06 15.53 -23.43
N MET B 288 30.06 15.90 -22.64
CA MET B 288 30.72 14.95 -21.76
C MET B 288 29.70 14.50 -20.72
N ILE B 289 29.14 15.48 -20.01
CA ILE B 289 28.14 15.19 -18.98
C ILE B 289 27.13 14.19 -19.52
N LYS B 290 26.62 14.48 -20.71
CA LYS B 290 25.65 13.62 -21.37
C LYS B 290 26.18 12.18 -21.37
N GLU B 291 27.48 12.02 -21.58
CA GLU B 291 28.12 10.71 -21.60
C GLU B 291 28.23 10.13 -20.20
N ILE B 292 28.87 10.88 -19.29
CA ILE B 292 29.04 10.46 -17.90
C ILE B 292 27.69 10.01 -17.33
N GLY B 293 26.64 10.76 -17.68
CA GLY B 293 25.30 10.44 -17.22
C GLY B 293 24.81 9.13 -17.82
N LEU B 294 24.97 8.97 -19.13
CA LEU B 294 24.55 7.74 -19.80
C LEU B 294 25.17 6.53 -19.10
N THR B 295 26.47 6.64 -18.81
CA THR B 295 27.19 5.58 -18.13
C THR B 295 26.60 5.44 -16.73
N HIS B 296 26.43 6.57 -16.04
CA HIS B 296 25.87 6.57 -14.70
C HIS B 296 24.60 5.76 -14.63
N MET B 297 23.65 6.05 -15.52
CA MET B 297 22.40 5.32 -15.53
C MET B 297 22.60 3.84 -15.81
N ARG B 298 23.68 3.53 -16.50
CA ARG B 298 24.01 2.15 -16.82
C ARG B 298 24.44 1.51 -15.49
N ILE B 299 25.24 2.25 -14.72
CA ILE B 299 25.71 1.78 -13.43
C ILE B 299 24.53 1.47 -12.52
N LEU B 300 23.49 2.30 -12.63
CA LEU B 300 22.29 2.15 -11.83
C LEU B 300 21.40 0.98 -12.26
N GLU B 301 21.55 0.54 -13.50
CA GLU B 301 20.75 -0.56 -14.00
C GLU B 301 21.47 -1.89 -13.76
N GLY B 302 22.52 -1.85 -12.94
CA GLY B 302 23.25 -3.06 -12.63
C GLY B 302 24.63 -3.22 -13.23
N VAL B 303 24.77 -2.87 -14.51
CA VAL B 303 26.04 -3.00 -15.20
C VAL B 303 27.09 -1.97 -14.78
N GLY B 304 27.51 -2.04 -13.52
CA GLY B 304 28.51 -1.11 -13.02
C GLY B 304 29.88 -1.75 -13.10
N THR B 305 30.29 -2.07 -14.32
CA THR B 305 31.57 -2.72 -14.56
C THR B 305 32.70 -1.77 -14.91
N TYR B 306 33.92 -2.25 -14.75
CA TYR B 306 35.10 -1.47 -15.09
C TYR B 306 34.93 -1.06 -16.55
N LEU B 307 34.58 -2.05 -17.38
CA LEU B 307 34.39 -1.83 -18.80
C LEU B 307 33.63 -0.55 -19.05
N GLN B 308 32.45 -0.42 -18.45
CA GLN B 308 31.61 0.77 -18.59
C GLN B 308 32.37 2.07 -18.39
N LEU B 309 33.09 2.16 -17.28
CA LEU B 309 33.85 3.36 -16.98
C LEU B 309 34.85 3.65 -18.10
N ALA B 310 35.43 2.59 -18.65
CA ALA B 310 36.39 2.72 -19.74
C ALA B 310 35.73 3.30 -20.98
N SER B 311 34.57 2.77 -21.34
CA SER B 311 33.83 3.27 -22.50
C SER B 311 33.51 4.74 -22.28
N MET B 312 33.28 5.11 -21.03
CA MET B 312 32.95 6.49 -20.70
C MET B 312 34.14 7.36 -21.13
N LEU B 313 35.31 7.11 -20.53
CA LEU B 313 36.51 7.87 -20.86
C LEU B 313 36.78 7.82 -22.37
N ALA B 314 36.54 6.67 -22.98
CA ALA B 314 36.75 6.51 -24.41
C ALA B 314 35.88 7.51 -25.16
N LYS B 315 34.58 7.48 -24.90
CA LYS B 315 33.67 8.39 -25.57
C LYS B 315 34.05 9.83 -25.26
N ILE B 316 34.54 10.10 -24.05
CA ILE B 316 34.93 11.46 -23.73
C ILE B 316 35.95 11.89 -24.78
N HIS B 317 37.10 11.20 -24.80
CA HIS B 317 38.16 11.47 -25.76
C HIS B 317 37.68 11.62 -27.21
N LYS B 318 36.72 10.80 -27.61
CA LYS B 318 36.21 10.90 -28.96
C LYS B 318 35.70 12.32 -29.21
N LEU B 319 35.03 12.88 -28.20
CA LEU B 319 34.49 14.22 -28.31
C LEU B 319 35.57 15.28 -28.15
N ASN B 320 36.40 15.13 -27.13
CA ASN B 320 37.47 16.07 -26.85
C ASN B 320 38.61 15.99 -27.87
N ASN B 321 38.35 15.32 -28.99
CA ASN B 321 39.35 15.18 -30.05
C ASN B 321 38.72 15.65 -31.37
N LYS B 322 37.40 15.53 -31.45
CA LYS B 322 36.65 15.95 -32.63
C LYS B 322 36.41 17.46 -32.58
N ASN C 12 28.00 -26.15 12.69
CA ASN C 12 28.01 -26.63 11.27
C ASN C 12 27.88 -25.47 10.29
N LEU C 13 27.88 -24.25 10.84
CA LEU C 13 27.75 -23.04 10.04
C LEU C 13 28.66 -23.00 8.83
N PRO C 14 28.09 -22.69 7.65
CA PRO C 14 28.92 -22.63 6.44
C PRO C 14 30.00 -21.58 6.65
N TRP C 15 31.25 -21.97 6.39
CA TRP C 15 32.40 -21.10 6.55
C TRP C 15 32.10 -19.61 6.49
N VAL C 16 31.28 -19.21 5.51
CA VAL C 16 30.88 -17.82 5.32
C VAL C 16 30.46 -17.19 6.65
N GLU C 17 29.80 -17.97 7.48
CA GLU C 17 29.34 -17.51 8.79
C GLU C 17 30.33 -17.95 9.85
N LYS C 18 30.83 -19.17 9.71
CA LYS C 18 31.78 -19.77 10.65
C LYS C 18 32.93 -18.84 11.07
N TYR C 19 33.56 -18.19 10.09
CA TYR C 19 34.69 -17.29 10.36
C TYR C 19 34.32 -15.81 10.49
N ARG C 20 33.19 -15.54 11.12
CA ARG C 20 32.71 -14.18 11.32
C ARG C 20 33.39 -13.51 12.50
N PRO C 21 34.10 -12.39 12.26
CA PRO C 21 34.78 -11.69 13.34
C PRO C 21 33.98 -11.67 14.63
N GLU C 22 34.59 -12.14 15.70
CA GLU C 22 33.93 -12.19 17.01
C GLU C 22 34.16 -10.85 17.72
N THR C 23 35.29 -10.23 17.42
CA THR C 23 35.65 -8.94 18.00
C THR C 23 36.26 -8.05 16.93
N LEU C 24 36.43 -6.77 17.25
CA LEU C 24 36.99 -5.80 16.31
C LEU C 24 38.37 -6.19 15.79
N ASP C 25 39.18 -6.81 16.66
CA ASP C 25 40.53 -7.21 16.29
C ASP C 25 40.53 -8.34 15.26
N GLU C 26 39.35 -8.88 14.96
CA GLU C 26 39.26 -9.95 13.98
C GLU C 26 38.76 -9.49 12.62
N VAL C 27 38.53 -8.19 12.46
CA VAL C 27 38.06 -7.65 11.18
C VAL C 27 39.28 -7.30 10.35
N TYR C 28 39.36 -7.84 9.13
CA TYR C 28 40.50 -7.58 8.27
C TYR C 28 40.28 -6.50 7.20
N GLY C 29 41.30 -5.66 7.02
CA GLY C 29 41.24 -4.64 6.00
C GLY C 29 40.31 -3.44 6.18
N GLN C 30 39.93 -3.15 7.41
CA GLN C 30 39.07 -1.99 7.65
C GLN C 30 39.64 -1.24 8.83
N ASN C 31 40.95 -1.35 9.02
CA ASN C 31 41.62 -0.70 10.14
C ASN C 31 41.32 0.76 10.35
N GLU C 32 41.44 1.57 9.30
CA GLU C 32 41.17 3.00 9.40
C GLU C 32 39.82 3.28 10.04
N VAL C 33 38.89 2.34 9.87
CA VAL C 33 37.55 2.46 10.43
C VAL C 33 37.58 2.05 11.91
N ILE C 34 38.10 0.86 12.15
CA ILE C 34 38.20 0.33 13.51
C ILE C 34 38.90 1.31 14.45
N THR C 35 40.04 1.83 14.03
CA THR C 35 40.79 2.76 14.85
C THR C 35 40.04 4.06 15.18
N THR C 36 39.47 4.69 14.17
CA THR C 36 38.74 5.93 14.37
C THR C 36 37.56 5.70 15.29
N VAL C 37 36.77 4.67 15.00
CA VAL C 37 35.60 4.33 15.79
C VAL C 37 35.97 4.12 17.26
N ARG C 38 36.91 3.22 17.51
CA ARG C 38 37.37 2.95 18.86
C ARG C 38 37.89 4.21 19.56
N LYS C 39 38.60 5.07 18.84
CA LYS C 39 39.11 6.30 19.44
C LYS C 39 37.91 7.14 19.85
N PHE C 40 36.93 7.20 18.96
CA PHE C 40 35.72 7.97 19.22
C PHE C 40 35.04 7.55 20.51
N VAL C 41 34.93 6.25 20.75
CA VAL C 41 34.28 5.75 21.96
C VAL C 41 35.08 6.07 23.22
N ASP C 42 36.40 5.87 23.13
CA ASP C 42 37.30 6.11 24.25
C ASP C 42 37.38 7.59 24.61
N GLU C 43 37.06 8.45 23.64
CA GLU C 43 37.09 9.88 23.86
C GLU C 43 35.70 10.45 24.10
N GLY C 44 34.71 9.57 24.19
CA GLY C 44 33.35 10.00 24.42
C GLY C 44 32.77 10.97 23.40
N LYS C 45 33.11 10.78 22.14
CA LYS C 45 32.62 11.64 21.07
C LYS C 45 32.09 10.83 19.89
N LEU C 46 31.49 9.69 20.18
CA LEU C 46 30.94 8.84 19.13
C LEU C 46 29.77 9.50 18.42
N PRO C 47 29.92 9.82 17.13
CA PRO C 47 28.85 10.46 16.37
C PRO C 47 27.94 9.40 15.78
N HIS C 48 26.90 9.84 15.08
CA HIS C 48 26.01 8.90 14.42
C HIS C 48 26.86 8.28 13.33
N LEU C 49 26.68 6.98 13.10
CA LEU C 49 27.50 6.30 12.12
C LEU C 49 26.79 5.74 10.90
N LEU C 50 27.51 5.82 9.78
CA LEU C 50 27.03 5.27 8.53
C LEU C 50 28.18 4.41 7.99
N PHE C 51 27.94 3.10 7.97
CA PHE C 51 28.93 2.14 7.46
C PHE C 51 28.42 1.71 6.08
N TYR C 52 29.05 2.19 5.02
CA TYR C 52 28.61 1.80 3.68
C TYR C 52 29.73 1.13 2.88
N GLY C 53 29.34 0.19 2.02
CA GLY C 53 30.32 -0.53 1.23
C GLY C 53 29.67 -1.68 0.49
N PRO C 54 30.43 -2.42 -0.32
CA PRO C 54 29.86 -3.53 -1.07
C PRO C 54 29.61 -4.75 -0.17
N PRO C 55 29.14 -5.84 -0.76
CA PRO C 55 28.88 -7.06 0.02
C PRO C 55 30.12 -7.68 0.67
N GLY C 56 29.93 -8.28 1.84
CA GLY C 56 31.00 -8.94 2.56
C GLY C 56 32.28 -8.15 2.73
N THR C 57 32.21 -7.03 3.44
CA THR C 57 33.37 -6.19 3.66
C THR C 57 33.61 -6.05 5.15
N GLY C 58 32.64 -6.53 5.94
CA GLY C 58 32.79 -6.47 7.39
C GLY C 58 31.88 -5.50 8.11
N LYS C 59 30.94 -4.90 7.38
CA LYS C 59 30.02 -3.93 7.99
C LYS C 59 29.20 -4.46 9.17
N THR C 60 28.43 -5.52 8.95
CA THR C 60 27.63 -6.07 10.04
C THR C 60 28.53 -6.63 11.16
N SER C 61 29.62 -7.28 10.75
CA SER C 61 30.55 -7.85 11.71
C SER C 61 31.02 -6.74 12.63
N THR C 62 31.42 -5.63 12.04
CA THR C 62 31.94 -4.49 12.77
C THR C 62 31.04 -3.83 13.84
N ILE C 63 29.78 -3.49 13.54
CA ILE C 63 28.96 -2.87 14.59
C ILE C 63 28.59 -3.90 15.63
N VAL C 64 28.36 -5.13 15.19
CA VAL C 64 28.02 -6.16 16.15
C VAL C 64 29.18 -6.21 17.15
N ALA C 65 30.40 -6.35 16.65
CA ALA C 65 31.58 -6.39 17.52
C ALA C 65 31.71 -5.08 18.30
N LEU C 66 31.59 -3.94 17.62
CA LEU C 66 31.70 -2.67 18.31
C LEU C 66 30.69 -2.59 19.45
N ALA C 67 29.48 -3.08 19.21
CA ALA C 67 28.44 -3.05 20.22
C ALA C 67 28.80 -3.95 21.39
N ARG C 68 29.32 -5.15 21.10
CA ARG C 68 29.71 -6.03 22.17
C ARG C 68 30.73 -5.27 22.99
N GLU C 69 31.90 -5.07 22.41
CA GLU C 69 32.95 -4.36 23.10
C GLU C 69 32.47 -3.19 23.96
N ILE C 70 31.48 -2.43 23.49
CA ILE C 70 31.01 -1.29 24.28
C ILE C 70 30.11 -1.66 25.46
N TYR C 71 29.14 -2.55 25.25
CA TYR C 71 28.22 -2.94 26.31
C TYR C 71 28.45 -4.32 26.92
N GLY C 72 29.25 -5.14 26.25
CA GLY C 72 29.52 -6.47 26.77
C GLY C 72 28.33 -7.41 26.77
N LYS C 73 27.73 -7.62 27.94
CA LYS C 73 26.58 -8.50 28.08
C LYS C 73 25.28 -7.73 28.21
N ASN C 74 25.38 -6.47 28.60
CA ASN C 74 24.21 -5.61 28.73
C ASN C 74 23.73 -5.28 27.32
N TYR C 75 24.36 -5.93 26.36
CA TYR C 75 24.07 -5.76 24.94
C TYR C 75 22.58 -5.74 24.61
N SER C 76 21.94 -6.90 24.64
CA SER C 76 20.54 -7.03 24.32
C SER C 76 19.60 -6.03 25.00
N ASN C 77 19.97 -5.56 26.19
CA ASN C 77 19.12 -4.63 26.92
C ASN C 77 19.54 -3.17 26.78
N MET C 78 20.57 -2.93 25.98
CA MET C 78 21.06 -1.57 25.79
C MET C 78 21.16 -1.21 24.31
N VAL C 79 21.04 -2.23 23.46
CA VAL C 79 21.11 -2.03 22.02
C VAL C 79 19.84 -2.51 21.34
N LEU C 80 19.40 -1.74 20.34
CA LEU C 80 18.20 -2.08 19.58
C LEU C 80 18.58 -2.20 18.12
N GLU C 81 18.49 -3.40 17.58
CA GLU C 81 18.85 -3.61 16.19
C GLU C 81 17.67 -4.09 15.33
N LEU C 82 17.57 -3.50 14.14
CA LEU C 82 16.53 -3.82 13.16
C LEU C 82 17.23 -3.92 11.81
N ASN C 83 16.71 -4.77 10.93
CA ASN C 83 17.29 -4.97 9.60
C ASN C 83 16.16 -5.21 8.61
N ALA C 84 16.47 -5.23 7.33
CA ALA C 84 15.47 -5.46 6.30
C ALA C 84 14.52 -6.64 6.59
N SER C 85 14.95 -7.58 7.42
CA SER C 85 14.08 -8.72 7.72
C SER C 85 12.97 -8.25 8.65
N ASP C 86 13.23 -7.16 9.37
CA ASP C 86 12.25 -6.60 10.29
C ASP C 86 11.32 -5.63 9.60
N ASP C 87 10.25 -5.28 10.30
CA ASP C 87 9.28 -4.33 9.79
C ASP C 87 9.74 -2.96 10.28
N ARG C 88 9.99 -2.03 9.36
CA ARG C 88 10.44 -0.71 9.76
C ARG C 88 9.72 0.47 9.12
N GLY C 89 8.46 0.28 8.74
CA GLY C 89 7.72 1.37 8.13
C GLY C 89 7.57 2.54 9.08
N ILE C 90 6.96 3.63 8.60
CA ILE C 90 6.78 4.82 9.44
C ILE C 90 6.24 4.53 10.85
N ASP C 91 5.33 3.57 10.96
CA ASP C 91 4.76 3.24 12.27
C ASP C 91 5.81 2.74 13.24
N VAL C 92 6.64 1.81 12.79
CA VAL C 92 7.69 1.23 13.63
C VAL C 92 8.67 2.31 14.09
N VAL C 93 8.85 3.32 13.24
CA VAL C 93 9.76 4.40 13.54
C VAL C 93 9.28 5.32 14.66
N ARG C 94 8.05 5.84 14.55
CA ARG C 94 7.53 6.74 15.58
C ARG C 94 7.27 6.00 16.88
N ASN C 95 7.09 4.68 16.76
CA ASN C 95 6.83 3.85 17.93
C ASN C 95 8.08 3.20 18.50
N GLN C 96 8.25 1.91 18.25
CA GLN C 96 9.40 1.19 18.77
C GLN C 96 10.70 1.99 18.74
N ILE C 97 11.17 2.35 17.54
CA ILE C 97 12.41 3.11 17.44
C ILE C 97 12.37 4.38 18.28
N LYS C 98 11.37 5.22 18.04
CA LYS C 98 11.26 6.47 18.77
C LYS C 98 11.22 6.26 20.28
N ASP C 99 10.51 5.23 20.72
CA ASP C 99 10.38 4.94 22.16
C ASP C 99 11.74 4.69 22.80
N PHE C 100 12.47 3.76 22.21
CA PHE C 100 13.80 3.39 22.68
C PHE C 100 14.73 4.58 22.71
N ALA C 101 14.58 5.49 21.74
CA ALA C 101 15.43 6.66 21.63
C ALA C 101 15.14 7.76 22.65
N SER C 102 13.93 7.76 23.19
CA SER C 102 13.54 8.78 24.15
C SER C 102 13.43 8.26 25.58
N THR C 103 13.71 6.98 25.76
CA THR C 103 13.62 6.35 27.08
C THR C 103 14.99 6.01 27.63
N ARG C 104 15.24 6.32 28.90
CA ARG C 104 16.51 6.01 29.53
C ARG C 104 16.71 4.50 29.57
N GLN C 105 17.90 4.07 29.95
CA GLN C 105 18.21 2.65 30.05
C GLN C 105 17.69 2.13 31.37
N ILE C 106 17.45 0.83 31.46
CA ILE C 106 16.96 0.25 32.70
C ILE C 106 18.14 -0.18 33.58
N PHE C 107 19.21 -0.67 32.95
CA PHE C 107 20.38 -1.12 33.70
C PHE C 107 21.45 -0.05 33.89
N SER C 108 22.54 -0.17 33.12
CA SER C 108 23.65 0.77 33.21
C SER C 108 23.36 2.17 32.67
N LYS C 109 24.12 3.14 33.15
CA LYS C 109 23.96 4.52 32.73
C LYS C 109 24.83 4.82 31.51
N GLY C 110 24.31 5.65 30.61
CA GLY C 110 25.03 6.00 29.40
C GLY C 110 24.09 6.26 28.25
N PHE C 111 24.60 6.20 27.03
CA PHE C 111 23.78 6.44 25.86
C PHE C 111 23.35 5.12 25.24
N LYS C 112 22.19 5.11 24.60
CA LYS C 112 21.67 3.91 23.96
C LYS C 112 22.17 3.83 22.52
N LEU C 113 22.08 2.63 21.93
CA LEU C 113 22.54 2.44 20.57
C LEU C 113 21.54 1.69 19.69
N ILE C 114 21.11 2.32 18.61
CA ILE C 114 20.17 1.71 17.67
C ILE C 114 20.92 1.36 16.39
N ILE C 115 20.86 0.10 15.98
CA ILE C 115 21.52 -0.33 14.75
C ILE C 115 20.47 -0.61 13.66
N LEU C 116 20.56 0.11 12.55
CA LEU C 116 19.64 -0.10 11.44
C LEU C 116 20.47 -0.67 10.28
N ASP C 117 20.46 -1.99 10.15
CA ASP C 117 21.21 -2.68 9.10
C ASP C 117 20.44 -2.61 7.80
N GLU C 118 21.18 -2.66 6.69
CA GLU C 118 20.60 -2.56 5.36
C GLU C 118 19.51 -1.49 5.36
N ALA C 119 19.88 -0.33 5.88
CA ALA C 119 18.97 0.80 5.97
C ALA C 119 18.52 1.26 4.60
N ASP C 120 19.35 1.05 3.59
CA ASP C 120 19.00 1.45 2.23
C ASP C 120 17.81 0.65 1.68
N ALA C 121 17.33 -0.30 2.48
CA ALA C 121 16.19 -1.11 2.11
C ALA C 121 14.92 -0.42 2.61
N MET C 122 15.09 0.59 3.43
CA MET C 122 13.98 1.35 3.98
C MET C 122 13.40 2.29 2.92
N THR C 123 12.12 2.63 3.07
CA THR C 123 11.49 3.53 2.12
C THR C 123 11.78 4.98 2.49
N ASN C 124 11.65 5.89 1.54
CA ASN C 124 11.89 7.30 1.79
C ASN C 124 11.02 7.85 2.91
N ALA C 125 9.75 7.42 2.94
CA ALA C 125 8.85 7.89 3.97
C ALA C 125 9.44 7.54 5.32
N ALA C 126 9.75 6.26 5.49
CA ALA C 126 10.31 5.78 6.74
C ALA C 126 11.63 6.47 7.02
N GLN C 127 12.50 6.56 6.02
CA GLN C 127 13.78 7.22 6.20
C GLN C 127 13.58 8.62 6.71
N ASN C 128 12.64 9.35 6.12
CA ASN C 128 12.38 10.70 6.55
C ASN C 128 11.98 10.74 8.00
N ALA C 129 11.04 9.87 8.38
CA ALA C 129 10.61 9.83 9.77
C ALA C 129 11.80 9.47 10.66
N LEU C 130 12.54 8.44 10.25
CA LEU C 130 13.71 8.01 11.01
C LEU C 130 14.59 9.21 11.35
N ARG C 131 14.95 9.95 10.31
CA ARG C 131 15.77 11.14 10.42
C ARG C 131 15.24 12.15 11.44
N ARG C 132 13.94 12.42 11.40
CA ARG C 132 13.37 13.36 12.34
C ARG C 132 13.53 12.87 13.78
N VAL C 133 13.51 11.56 13.96
CA VAL C 133 13.67 10.98 15.29
C VAL C 133 15.11 11.16 15.71
N ILE C 134 16.03 10.81 14.83
CA ILE C 134 17.45 10.96 15.12
C ILE C 134 17.80 12.40 15.45
N GLU C 135 17.08 13.34 14.85
CA GLU C 135 17.32 14.75 15.11
C GLU C 135 16.91 15.15 16.51
N ARG C 136 15.72 14.73 16.92
CA ARG C 136 15.19 15.07 18.23
C ARG C 136 15.81 14.36 19.43
N TYR C 137 16.51 13.25 19.22
CA TYR C 137 17.09 12.53 20.34
C TYR C 137 18.57 12.27 20.17
N THR C 138 19.23 13.15 19.44
CA THR C 138 20.66 13.02 19.19
C THR C 138 21.47 13.29 20.44
N LYS C 139 20.89 14.06 21.36
CA LYS C 139 21.58 14.41 22.60
C LYS C 139 21.48 13.35 23.69
N ASN C 140 21.15 12.11 23.32
CA ASN C 140 21.02 11.05 24.31
C ASN C 140 21.13 9.64 23.76
N THR C 141 21.00 9.52 22.46
CA THR C 141 21.07 8.20 21.84
C THR C 141 21.90 8.22 20.57
N ARG C 142 22.57 7.11 20.29
CA ARG C 142 23.42 6.99 19.11
C ARG C 142 22.89 6.03 18.07
N PHE C 143 22.90 6.47 16.81
CA PHE C 143 22.43 5.66 15.69
C PHE C 143 23.54 5.21 14.76
N CYS C 144 23.42 4.00 14.23
CA CYS C 144 24.38 3.50 13.27
C CYS C 144 23.59 2.94 12.10
N VAL C 145 23.76 3.53 10.94
CA VAL C 145 23.08 3.10 9.74
C VAL C 145 24.07 2.35 8.87
N LEU C 146 23.63 1.25 8.25
CA LEU C 146 24.51 0.46 7.39
C LEU C 146 23.90 0.29 6.02
N ALA C 147 24.72 0.36 4.98
CA ALA C 147 24.19 0.24 3.64
C ALA C 147 25.22 -0.08 2.58
N ASN C 148 24.73 -0.56 1.44
CA ASN C 148 25.60 -0.89 0.33
C ASN C 148 25.76 0.33 -0.56
N TYR C 149 24.75 1.18 -0.56
CA TYR C 149 24.77 2.39 -1.34
C TYR C 149 24.26 3.57 -0.55
N ALA C 150 25.12 4.57 -0.37
CA ALA C 150 24.71 5.76 0.34
C ALA C 150 23.66 6.46 -0.50
N HIS C 151 23.84 6.44 -1.82
CA HIS C 151 22.92 7.11 -2.71
C HIS C 151 21.47 6.67 -2.60
N LYS C 152 21.23 5.51 -2.01
CA LYS C 152 19.85 5.04 -1.83
C LYS C 152 19.31 5.54 -0.50
N LEU C 153 20.08 6.41 0.15
CA LEU C 153 19.69 6.99 1.45
C LEU C 153 19.31 8.46 1.28
N THR C 154 18.24 8.86 1.98
CA THR C 154 17.78 10.23 1.91
C THR C 154 18.86 11.18 2.38
N PRO C 155 19.14 12.23 1.61
CA PRO C 155 20.17 13.21 1.97
C PRO C 155 19.99 13.72 3.41
N ALA C 156 18.74 13.84 3.83
CA ALA C 156 18.43 14.32 5.17
C ALA C 156 18.88 13.32 6.22
N LEU C 157 18.93 12.05 5.84
CA LEU C 157 19.36 11.00 6.77
C LEU C 157 20.89 10.97 6.80
N LEU C 158 21.49 10.91 5.62
CA LEU C 158 22.94 10.88 5.45
C LEU C 158 23.62 12.04 6.13
N SER C 159 23.07 13.23 5.90
CA SER C 159 23.61 14.46 6.44
C SER C 159 23.63 14.45 7.97
N GLN C 160 23.04 13.42 8.56
CA GLN C 160 22.95 13.30 10.02
C GLN C 160 24.06 12.48 10.67
N CYS C 161 24.91 11.84 9.89
CA CYS C 161 25.98 11.01 10.47
C CYS C 161 27.34 11.04 9.78
N THR C 162 28.38 10.63 10.52
CA THR C 162 29.75 10.58 10.00
C THR C 162 29.87 9.29 9.22
N ARG C 163 30.45 9.36 8.02
CA ARG C 163 30.56 8.19 7.16
C ARG C 163 31.89 7.45 7.18
N PHE C 164 31.80 6.12 7.10
CA PHE C 164 32.97 5.24 7.09
C PHE C 164 32.76 4.23 5.98
N ARG C 165 33.39 4.47 4.84
CA ARG C 165 33.25 3.57 3.70
C ARG C 165 34.08 2.33 3.90
N PHE C 166 33.44 1.17 3.81
CA PHE C 166 34.14 -0.10 3.93
C PHE C 166 34.56 -0.49 2.53
N GLN C 167 35.84 -0.36 2.21
CA GLN C 167 36.29 -0.69 0.87
C GLN C 167 36.56 -2.18 0.71
N PRO C 168 36.58 -2.66 -0.55
CA PRO C 168 36.84 -4.08 -0.83
C PRO C 168 38.10 -4.54 -0.12
N LEU C 169 38.06 -5.74 0.45
CA LEU C 169 39.23 -6.27 1.14
C LEU C 169 40.45 -6.34 0.23
N PRO C 170 41.54 -5.69 0.63
CA PRO C 170 42.80 -5.65 -0.13
C PRO C 170 43.49 -7.01 -0.11
N GLN C 171 44.31 -7.28 -1.13
CA GLN C 171 45.04 -8.54 -1.20
C GLN C 171 45.52 -8.91 0.19
N GLU C 172 46.31 -8.03 0.79
CA GLU C 172 46.85 -8.22 2.13
C GLU C 172 45.84 -8.92 3.04
N ALA C 173 44.81 -8.19 3.43
CA ALA C 173 43.76 -8.72 4.31
C ALA C 173 43.26 -10.10 3.91
N ILE C 174 42.79 -10.23 2.67
CA ILE C 174 42.25 -11.51 2.20
C ILE C 174 43.32 -12.62 2.24
N GLU C 175 44.57 -12.29 1.95
CA GLU C 175 45.62 -13.29 1.99
C GLU C 175 45.76 -13.77 3.42
N ARG C 176 45.63 -12.84 4.36
CA ARG C 176 45.74 -13.16 5.76
C ARG C 176 44.65 -14.12 6.21
N ARG C 177 43.39 -13.77 5.97
CA ARG C 177 42.31 -14.65 6.37
C ARG C 177 42.44 -16.03 5.74
N ILE C 178 42.87 -16.09 4.49
CA ILE C 178 43.06 -17.37 3.81
C ILE C 178 44.00 -18.21 4.66
N ALA C 179 45.03 -17.58 5.19
CA ALA C 179 46.01 -18.26 6.03
C ALA C 179 45.35 -18.88 7.26
N ASN C 180 44.46 -18.12 7.91
CA ASN C 180 43.74 -18.58 9.10
C ASN C 180 42.89 -19.80 8.84
N VAL C 181 42.08 -19.74 7.79
CA VAL C 181 41.20 -20.84 7.44
C VAL C 181 41.97 -22.09 7.06
N LEU C 182 43.14 -21.91 6.46
CA LEU C 182 43.94 -23.07 6.06
C LEU C 182 44.50 -23.84 7.25
N VAL C 183 44.62 -23.17 8.40
CA VAL C 183 45.15 -23.82 9.60
C VAL C 183 44.09 -24.62 10.35
N HIS C 184 43.02 -23.96 10.80
CA HIS C 184 41.96 -24.64 11.53
C HIS C 184 41.12 -25.51 10.59
N GLU C 185 41.72 -25.88 9.47
CA GLU C 185 41.06 -26.70 8.47
C GLU C 185 42.18 -27.38 7.68
N LYS C 186 42.23 -28.70 7.72
CA LYS C 186 43.26 -29.45 7.00
C LYS C 186 43.17 -29.10 5.52
N LEU C 187 43.76 -27.97 5.13
CA LEU C 187 43.69 -27.55 3.74
C LEU C 187 44.93 -26.83 3.22
N LYS C 188 45.27 -27.11 1.97
CA LYS C 188 46.43 -26.50 1.31
C LYS C 188 45.99 -25.82 0.02
N LEU C 189 46.59 -24.68 -0.28
CA LEU C 189 46.25 -23.92 -1.47
C LEU C 189 47.52 -23.55 -2.23
N SER C 190 47.66 -24.07 -3.44
CA SER C 190 48.84 -23.79 -4.26
C SER C 190 49.10 -22.29 -4.36
N PRO C 191 50.34 -21.90 -4.69
CA PRO C 191 50.76 -20.50 -4.82
C PRO C 191 49.80 -19.59 -5.56
N ASN C 192 49.83 -19.65 -6.89
CA ASN C 192 48.96 -18.81 -7.70
C ASN C 192 47.50 -19.22 -7.72
N ALA C 193 47.13 -20.13 -6.83
CA ALA C 193 45.73 -20.55 -6.75
C ALA C 193 45.07 -19.60 -5.75
N GLU C 194 45.82 -19.21 -4.73
CA GLU C 194 45.31 -18.27 -3.73
C GLU C 194 45.11 -16.97 -4.48
N LYS C 195 46.05 -16.68 -5.37
CA LYS C 195 46.00 -15.46 -6.18
C LYS C 195 44.74 -15.43 -7.03
N ALA C 196 44.39 -16.56 -7.63
CA ALA C 196 43.21 -16.66 -8.47
C ALA C 196 41.96 -16.38 -7.64
N LEU C 197 41.86 -17.06 -6.51
CA LEU C 197 40.73 -16.90 -5.59
C LEU C 197 40.54 -15.41 -5.32
N ILE C 198 41.65 -14.71 -5.10
CA ILE C 198 41.61 -13.28 -4.82
C ILE C 198 41.03 -12.52 -6.00
N GLU C 199 41.75 -12.52 -7.11
CA GLU C 199 41.33 -11.82 -8.32
C GLU C 199 39.87 -12.08 -8.71
N LEU C 200 39.30 -13.17 -8.21
CA LEU C 200 37.92 -13.51 -8.56
C LEU C 200 36.89 -13.17 -7.50
N SER C 201 37.35 -12.73 -6.33
CA SER C 201 36.43 -12.40 -5.25
C SER C 201 36.08 -10.92 -5.22
N ASN C 202 36.76 -10.14 -6.05
CA ASN C 202 36.53 -8.71 -6.14
C ASN C 202 36.44 -8.05 -4.77
N GLY C 203 37.33 -8.45 -3.87
CA GLY C 203 37.34 -7.87 -2.55
C GLY C 203 36.21 -8.27 -1.61
N ASP C 204 35.40 -9.24 -2.03
CA ASP C 204 34.30 -9.70 -1.19
C ASP C 204 34.70 -10.95 -0.40
N MET C 205 35.13 -10.75 0.83
CA MET C 205 35.56 -11.84 1.71
C MET C 205 34.56 -12.98 1.71
N ARG C 206 33.29 -12.66 1.49
CA ARG C 206 32.26 -13.68 1.48
C ARG C 206 32.47 -14.72 0.38
N ARG C 207 32.78 -14.29 -0.84
CA ARG C 207 32.98 -15.25 -1.93
C ARG C 207 34.22 -16.11 -1.78
N VAL C 208 35.20 -15.64 -1.02
CA VAL C 208 36.42 -16.40 -0.81
C VAL C 208 36.12 -17.61 0.06
N LEU C 209 35.56 -17.35 1.25
CA LEU C 209 35.22 -18.41 2.19
C LEU C 209 34.25 -19.41 1.58
N ASN C 210 33.49 -18.96 0.58
CA ASN C 210 32.52 -19.83 -0.07
C ASN C 210 33.19 -20.86 -0.97
N VAL C 211 34.01 -20.39 -1.90
CA VAL C 211 34.68 -21.32 -2.80
C VAL C 211 35.63 -22.22 -2.01
N LEU C 212 36.34 -21.64 -1.05
CA LEU C 212 37.29 -22.42 -0.25
C LEU C 212 36.69 -23.65 0.44
N GLN C 213 35.37 -23.68 0.60
CA GLN C 213 34.76 -24.85 1.22
C GLN C 213 34.08 -25.68 0.13
N SER C 214 34.09 -25.14 -1.09
CA SER C 214 33.53 -25.84 -2.24
C SER C 214 34.66 -26.66 -2.84
N CYS C 215 35.72 -26.77 -2.05
CA CYS C 215 36.90 -27.53 -2.42
C CYS C 215 37.24 -28.46 -1.26
N LYS C 216 37.01 -27.99 -0.04
CA LYS C 216 37.27 -28.78 1.16
C LYS C 216 36.21 -29.89 1.21
N ALA C 217 35.47 -30.02 0.11
CA ALA C 217 34.43 -31.03 0.00
C ALA C 217 34.35 -31.49 -1.45
N THR C 218 35.42 -31.25 -2.21
CA THR C 218 35.47 -31.63 -3.61
C THR C 218 36.69 -32.50 -3.91
N LEU C 219 37.88 -31.92 -3.79
CA LEU C 219 39.12 -32.63 -4.07
C LEU C 219 39.55 -33.55 -2.93
N ASP C 220 39.12 -33.22 -1.71
CA ASP C 220 39.51 -34.00 -0.54
C ASP C 220 39.30 -35.50 -0.62
N ASN C 221 40.43 -36.22 -0.62
CA ASN C 221 40.44 -37.67 -0.65
C ASN C 221 41.51 -38.10 0.35
N PRO C 222 42.76 -37.67 0.17
CA PRO C 222 43.81 -38.05 1.11
C PRO C 222 43.85 -37.04 2.26
N ASP C 223 42.86 -36.13 2.26
CA ASP C 223 42.75 -35.09 3.28
C ASP C 223 43.97 -34.17 3.28
N GLU C 224 44.80 -34.30 2.25
CA GLU C 224 46.00 -33.48 2.14
C GLU C 224 46.32 -33.15 0.68
N ASP C 225 45.28 -32.99 -0.13
CA ASP C 225 45.47 -32.65 -1.54
C ASP C 225 45.90 -31.20 -1.69
N GLU C 226 46.11 -30.79 -2.93
CA GLU C 226 46.52 -29.42 -3.24
C GLU C 226 45.51 -28.77 -4.17
N ILE C 227 44.97 -27.62 -3.77
CA ILE C 227 44.01 -26.93 -4.61
C ILE C 227 44.81 -26.15 -5.67
N SER C 228 44.43 -26.32 -6.92
CA SER C 228 45.11 -25.66 -8.03
C SER C 228 44.36 -24.45 -8.57
N ASP C 229 44.91 -23.84 -9.61
CA ASP C 229 44.28 -22.68 -10.24
C ASP C 229 42.97 -23.16 -10.82
N ASP C 230 43.03 -24.33 -11.46
CA ASP C 230 41.88 -24.95 -12.09
C ASP C 230 40.71 -25.13 -11.13
N VAL C 231 40.95 -25.93 -10.09
CA VAL C 231 39.95 -26.22 -9.08
C VAL C 231 39.14 -24.98 -8.73
N ILE C 232 39.80 -23.83 -8.75
CA ILE C 232 39.16 -22.56 -8.42
C ILE C 232 38.41 -21.96 -9.61
N TYR C 233 39.09 -21.80 -10.74
CA TYR C 233 38.47 -21.24 -11.94
C TYR C 233 37.20 -21.99 -12.31
N GLU C 234 37.25 -23.32 -12.20
CA GLU C 234 36.09 -24.15 -12.53
C GLU C 234 35.02 -24.08 -11.46
N CYS C 235 35.45 -24.04 -10.20
CA CYS C 235 34.53 -23.97 -9.07
C CYS C 235 33.55 -22.81 -9.24
N CYS C 236 34.08 -21.60 -9.22
CA CYS C 236 33.24 -20.42 -9.38
C CYS C 236 33.10 -20.06 -10.86
N GLY C 237 32.85 -21.10 -11.66
CA GLY C 237 32.67 -20.96 -13.10
C GLY C 237 33.18 -19.70 -13.75
N ALA C 238 34.50 -19.53 -13.77
CA ALA C 238 35.11 -18.36 -14.36
C ALA C 238 36.23 -18.76 -15.32
N PRO C 239 36.38 -18.01 -16.41
CA PRO C 239 37.42 -18.27 -17.41
C PRO C 239 38.82 -18.38 -16.82
N ARG C 240 39.78 -18.75 -17.67
CA ARG C 240 41.17 -18.86 -17.27
C ARG C 240 42.00 -18.12 -18.31
N PRO C 241 43.09 -17.48 -17.88
CA PRO C 241 43.92 -16.73 -18.83
C PRO C 241 44.12 -17.50 -20.13
N SER C 242 44.64 -18.72 -20.04
CA SER C 242 44.87 -19.54 -21.22
C SER C 242 43.63 -19.59 -22.13
N ASP C 243 42.52 -20.14 -21.60
CA ASP C 243 41.28 -20.23 -22.38
C ASP C 243 40.93 -18.89 -22.99
N LEU C 244 40.52 -17.97 -22.12
CA LEU C 244 40.16 -16.62 -22.52
C LEU C 244 41.16 -16.04 -23.52
N LYS C 245 42.41 -15.89 -23.08
CA LYS C 245 43.49 -15.34 -23.89
C LYS C 245 43.69 -16.10 -25.20
N ALA C 246 43.01 -17.24 -25.33
CA ALA C 246 43.08 -18.05 -26.55
C ALA C 246 41.93 -17.60 -27.43
N VAL C 247 40.74 -17.53 -26.85
CA VAL C 247 39.54 -17.12 -27.58
C VAL C 247 39.80 -15.80 -28.29
N LEU C 248 40.65 -14.97 -27.71
CA LEU C 248 40.95 -13.69 -28.34
C LEU C 248 41.69 -13.93 -29.65
N LYS C 249 42.73 -14.75 -29.58
CA LYS C 249 43.54 -15.07 -30.76
C LYS C 249 42.70 -15.60 -31.92
N SER C 250 41.81 -16.54 -31.62
CA SER C 250 40.96 -17.12 -32.65
C SER C 250 40.12 -16.02 -33.31
N ILE C 251 39.69 -15.06 -32.50
CA ILE C 251 38.88 -13.96 -33.02
C ILE C 251 39.73 -13.02 -33.86
N LEU C 252 40.92 -12.69 -33.36
CA LEU C 252 41.81 -11.78 -34.07
C LEU C 252 42.44 -12.33 -35.34
N GLU C 253 42.93 -13.56 -35.29
CA GLU C 253 43.59 -14.16 -36.45
C GLU C 253 42.71 -15.03 -37.35
N ASP C 254 42.33 -16.20 -36.85
CA ASP C 254 41.50 -17.13 -37.62
C ASP C 254 40.27 -16.50 -38.26
N ASP C 255 39.73 -17.16 -39.27
CA ASP C 255 38.56 -16.68 -40.00
C ASP C 255 37.36 -16.64 -39.06
N TRP C 256 36.24 -16.16 -39.57
CA TRP C 256 35.03 -16.09 -38.78
C TRP C 256 34.56 -17.47 -38.38
N GLY C 257 34.27 -18.30 -39.39
CA GLY C 257 33.80 -19.65 -39.13
C GLY C 257 34.63 -20.38 -38.08
N THR C 258 35.94 -20.23 -38.16
CA THR C 258 36.84 -20.87 -37.20
C THR C 258 36.73 -20.26 -35.80
N ALA C 259 36.86 -18.95 -35.72
CA ALA C 259 36.77 -18.26 -34.43
C ALA C 259 35.38 -18.48 -33.84
N HIS C 260 34.36 -18.33 -34.67
CA HIS C 260 32.98 -18.52 -34.24
C HIS C 260 32.85 -19.89 -33.59
N TYR C 261 33.76 -20.80 -33.96
CA TYR C 261 33.77 -22.15 -33.41
C TYR C 261 34.51 -22.15 -32.08
N THR C 262 35.73 -21.64 -32.10
CA THR C 262 36.57 -21.59 -30.90
C THR C 262 35.75 -21.05 -29.72
N LEU C 263 35.15 -19.89 -29.90
CA LEU C 263 34.34 -19.28 -28.85
C LEU C 263 33.21 -20.23 -28.47
N ASN C 264 32.42 -20.62 -29.47
CA ASN C 264 31.28 -21.51 -29.27
C ASN C 264 31.63 -22.77 -28.48
N LYS C 265 32.88 -23.22 -28.56
CA LYS C 265 33.27 -24.42 -27.85
C LYS C 265 33.81 -24.10 -26.46
N VAL C 266 34.77 -23.19 -26.40
CA VAL C 266 35.38 -22.80 -25.13
C VAL C 266 34.36 -22.44 -24.05
N ARG C 267 33.30 -21.73 -24.43
CA ARG C 267 32.29 -21.34 -23.44
C ARG C 267 31.32 -22.47 -23.09
N SER C 268 30.95 -23.28 -24.08
CA SER C 268 30.02 -24.38 -23.85
C SER C 268 30.71 -25.60 -23.23
N ALA C 269 32.03 -25.67 -23.40
CA ALA C 269 32.81 -26.78 -22.86
C ALA C 269 33.31 -26.47 -21.45
N LYS C 270 33.17 -25.21 -21.04
CA LYS C 270 33.62 -24.79 -19.72
C LYS C 270 32.48 -24.11 -18.93
N GLY C 271 31.31 -24.04 -19.55
CA GLY C 271 30.16 -23.41 -18.90
C GLY C 271 30.30 -21.91 -18.71
N LEU C 272 31.10 -21.29 -19.56
CA LEU C 272 31.31 -19.85 -19.48
C LEU C 272 30.21 -19.07 -20.16
N ALA C 273 30.19 -17.76 -19.94
CA ALA C 273 29.19 -16.88 -20.54
C ALA C 273 29.90 -15.65 -21.08
N LEU C 274 29.47 -15.18 -22.24
CA LEU C 274 30.06 -14.00 -22.88
C LEU C 274 30.48 -12.97 -21.84
N ILE C 275 29.54 -12.61 -20.98
CA ILE C 275 29.79 -11.64 -19.92
C ILE C 275 31.18 -11.82 -19.34
N ASP C 276 31.47 -13.03 -18.86
CA ASP C 276 32.76 -13.34 -18.26
C ASP C 276 33.89 -13.15 -19.26
N LEU C 277 33.79 -13.81 -20.41
CA LEU C 277 34.81 -13.71 -21.43
C LEU C 277 35.11 -12.25 -21.75
N ILE C 278 34.09 -11.49 -22.13
CA ILE C 278 34.27 -10.08 -22.46
C ILE C 278 35.19 -9.40 -21.45
N GLU C 279 34.73 -9.32 -20.20
CA GLU C 279 35.51 -8.70 -19.13
C GLU C 279 36.97 -9.07 -19.21
N GLY C 280 37.25 -10.36 -19.04
CA GLY C 280 38.62 -10.83 -19.10
C GLY C 280 39.37 -10.34 -20.32
N ILE C 281 38.71 -10.39 -21.47
CA ILE C 281 39.32 -9.94 -22.71
C ILE C 281 39.65 -8.45 -22.64
N VAL C 282 38.69 -7.65 -22.23
CA VAL C 282 38.91 -6.21 -22.13
C VAL C 282 40.20 -5.90 -21.38
N LYS C 283 40.50 -6.66 -20.34
CA LYS C 283 41.72 -6.42 -19.58
C LYS C 283 42.96 -6.99 -20.28
N ILE C 284 42.84 -8.22 -20.78
CA ILE C 284 43.93 -8.87 -21.50
C ILE C 284 44.28 -8.02 -22.71
N LEU C 285 43.27 -7.35 -23.24
CA LEU C 285 43.41 -6.52 -24.42
C LEU C 285 43.87 -5.11 -24.08
N GLU C 286 43.63 -4.71 -22.83
CA GLU C 286 43.98 -3.39 -22.33
C GLU C 286 45.49 -3.18 -22.22
N ASP C 287 46.27 -4.25 -22.35
CA ASP C 287 47.71 -4.12 -22.25
C ASP C 287 48.43 -4.09 -23.59
N TYR C 288 47.73 -4.45 -24.67
CA TYR C 288 48.34 -4.40 -25.99
C TYR C 288 48.67 -2.95 -26.30
N GLU C 289 49.53 -2.74 -27.29
CA GLU C 289 49.92 -1.38 -27.67
C GLU C 289 49.33 -1.03 -29.03
N LEU C 290 48.01 -1.04 -29.10
CA LEU C 290 47.28 -0.74 -30.32
C LEU C 290 47.92 0.35 -31.18
N GLN C 291 47.58 0.35 -32.47
CA GLN C 291 48.13 1.31 -33.41
C GLN C 291 47.46 2.68 -33.27
N ASN C 292 46.23 2.80 -33.76
CA ASN C 292 45.48 4.05 -33.69
C ASN C 292 44.63 4.07 -32.42
N GLU C 293 44.39 5.27 -31.88
CA GLU C 293 43.60 5.40 -30.65
C GLU C 293 42.14 5.01 -30.85
N GLU C 294 41.62 5.22 -32.06
CA GLU C 294 40.23 4.87 -32.34
C GLU C 294 40.01 3.38 -32.13
N THR C 295 41.06 2.60 -32.36
CA THR C 295 40.97 1.16 -32.18
C THR C 295 40.49 0.91 -30.76
N ARG C 296 41.09 1.62 -29.81
CA ARG C 296 40.74 1.50 -28.41
C ARG C 296 39.30 1.91 -28.23
N VAL C 297 39.00 3.15 -28.60
CA VAL C 297 37.65 3.69 -28.49
C VAL C 297 36.56 2.74 -28.97
N HIS C 298 36.40 2.65 -30.29
CA HIS C 298 35.36 1.79 -30.86
C HIS C 298 35.30 0.43 -30.17
N LEU C 299 36.46 -0.08 -29.78
CA LEU C 299 36.55 -1.36 -29.10
C LEU C 299 35.83 -1.33 -27.76
N LEU C 300 36.25 -0.42 -26.89
CA LEU C 300 35.64 -0.28 -25.58
C LEU C 300 34.15 0.04 -25.75
N THR C 301 33.85 0.88 -26.73
CA THR C 301 32.47 1.27 -26.98
C THR C 301 31.57 0.09 -27.25
N LYS C 302 31.79 -0.56 -28.38
CA LYS C 302 30.97 -1.71 -28.76
C LYS C 302 30.95 -2.78 -27.66
N LEU C 303 32.12 -3.14 -27.14
CA LEU C 303 32.17 -4.14 -26.08
C LEU C 303 31.29 -3.73 -24.90
N ALA C 304 31.36 -2.44 -24.52
CA ALA C 304 30.55 -1.90 -23.43
C ALA C 304 29.07 -1.95 -23.80
N ASP C 305 28.78 -1.78 -25.08
CA ASP C 305 27.39 -1.83 -25.52
C ASP C 305 26.90 -3.26 -25.41
N ILE C 306 27.72 -4.21 -25.89
CA ILE C 306 27.36 -5.61 -25.84
C ILE C 306 27.01 -6.02 -24.42
N GLU C 307 27.98 -5.86 -23.53
CA GLU C 307 27.81 -6.19 -22.13
C GLU C 307 26.48 -5.64 -21.60
N TYR C 308 26.14 -4.42 -21.98
CA TYR C 308 24.92 -3.80 -21.53
C TYR C 308 23.66 -4.49 -22.03
N SER C 309 23.60 -4.77 -23.33
CA SER C 309 22.43 -5.42 -23.90
C SER C 309 22.20 -6.80 -23.29
N ILE C 310 23.28 -7.49 -22.93
CA ILE C 310 23.18 -8.81 -22.30
C ILE C 310 22.44 -8.74 -20.96
N SER C 311 22.79 -7.76 -20.14
CA SER C 311 22.17 -7.61 -18.82
C SER C 311 20.65 -7.52 -18.91
N LYS C 312 20.14 -7.46 -20.14
CA LYS C 312 18.71 -7.39 -20.35
C LYS C 312 18.19 -8.57 -21.16
N GLY C 313 19.08 -9.52 -21.43
CA GLY C 313 18.74 -10.72 -22.18
C GLY C 313 18.27 -10.49 -23.60
N GLY C 314 19.21 -10.51 -24.54
CA GLY C 314 18.86 -10.29 -25.93
C GLY C 314 18.76 -11.55 -26.78
N ASN C 315 19.91 -12.07 -27.19
CA ASN C 315 20.00 -13.26 -28.03
C ASN C 315 21.43 -13.78 -27.97
N ASP C 316 21.73 -14.59 -26.96
CA ASP C 316 23.05 -15.16 -26.73
C ASP C 316 23.88 -15.38 -28.00
N GLN C 317 23.26 -15.93 -29.03
CA GLN C 317 23.98 -16.19 -30.28
C GLN C 317 24.50 -14.91 -30.93
N ILE C 318 23.57 -14.03 -31.32
CA ILE C 318 23.93 -12.77 -31.96
C ILE C 318 24.96 -11.98 -31.15
N GLN C 319 24.66 -11.75 -29.88
CA GLN C 319 25.54 -10.98 -29.00
C GLN C 319 26.97 -11.53 -29.03
N GLY C 320 27.11 -12.84 -29.25
CA GLY C 320 28.42 -13.44 -29.29
C GLY C 320 29.12 -13.02 -30.57
N SER C 321 28.42 -13.22 -31.68
CA SER C 321 28.95 -12.86 -33.00
C SER C 321 29.25 -11.37 -32.97
N ALA C 322 28.50 -10.63 -32.16
CA ALA C 322 28.70 -9.20 -32.01
C ALA C 322 30.06 -8.92 -31.39
N VAL C 323 30.42 -9.71 -30.39
CA VAL C 323 31.71 -9.57 -29.73
C VAL C 323 32.83 -9.85 -30.72
N ILE C 324 32.69 -10.93 -31.49
CA ILE C 324 33.70 -11.30 -32.47
C ILE C 324 33.82 -10.15 -33.47
N GLY C 325 32.66 -9.70 -33.95
CA GLY C 325 32.63 -8.60 -34.90
C GLY C 325 33.33 -7.36 -34.34
N ALA C 326 32.87 -6.90 -33.19
CA ALA C 326 33.45 -5.72 -32.57
C ALA C 326 34.97 -5.81 -32.43
N ILE C 327 35.46 -6.89 -31.83
CA ILE C 327 36.89 -7.11 -31.63
C ILE C 327 37.63 -7.12 -32.95
N LYS C 328 37.03 -7.78 -33.93
CA LYS C 328 37.62 -7.91 -35.25
C LYS C 328 37.61 -6.57 -35.96
N ALA C 329 36.42 -6.04 -36.20
CA ALA C 329 36.25 -4.76 -36.88
C ALA C 329 37.25 -3.72 -36.39
N SER C 330 37.27 -3.49 -35.08
CA SER C 330 38.16 -2.51 -34.49
C SER C 330 39.65 -2.74 -34.76
N PHE C 331 40.01 -3.97 -35.09
CA PHE C 331 41.41 -4.28 -35.37
C PHE C 331 41.76 -4.24 -36.85
N GLU C 332 41.55 -3.07 -37.45
CA GLU C 332 41.85 -2.85 -38.86
C GLU C 332 42.87 -1.72 -38.89
N ASN C 333 43.51 -1.50 -37.74
CA ASN C 333 44.54 -0.48 -37.57
C ASN C 333 45.75 -1.14 -36.91
N PRO D 26 2.82 -35.97 -20.07
CA PRO D 26 3.89 -35.32 -20.88
C PRO D 26 5.26 -35.84 -20.47
N TRP D 27 5.96 -36.47 -21.42
CA TRP D 27 7.28 -37.02 -21.15
C TRP D 27 8.18 -36.00 -20.48
N VAL D 28 7.87 -34.73 -20.68
CA VAL D 28 8.67 -33.65 -20.09
C VAL D 28 8.73 -33.86 -18.59
N GLU D 29 7.57 -33.94 -17.95
CA GLU D 29 7.50 -34.15 -16.51
C GLU D 29 7.60 -35.63 -16.16
N LYS D 30 7.19 -36.47 -17.11
CA LYS D 30 7.23 -37.92 -16.91
C LYS D 30 8.67 -38.43 -16.96
N TYR D 31 9.59 -37.58 -17.43
CA TYR D 31 11.00 -37.95 -17.53
C TYR D 31 11.88 -37.01 -16.71
N ARG D 32 11.30 -36.38 -15.70
CA ARG D 32 12.04 -35.46 -14.84
C ARG D 32 12.98 -36.27 -13.96
N PRO D 33 14.30 -36.03 -14.07
CA PRO D 33 15.30 -36.72 -13.28
C PRO D 33 14.86 -36.89 -11.83
N LYS D 34 14.66 -38.13 -11.40
CA LYS D 34 14.23 -38.40 -10.04
C LYS D 34 15.43 -38.51 -9.11
N ASN D 35 16.62 -38.68 -9.70
CA ASN D 35 17.85 -38.79 -8.94
C ASN D 35 18.90 -37.84 -9.51
N LEU D 36 19.79 -37.37 -8.65
CA LEU D 36 20.84 -36.45 -9.04
C LEU D 36 21.66 -36.97 -10.22
N ASP D 37 21.67 -38.28 -10.40
CA ASP D 37 22.43 -38.90 -11.50
C ASP D 37 21.70 -38.67 -12.83
N GLU D 38 20.38 -38.71 -12.79
CA GLU D 38 19.54 -38.54 -13.98
C GLU D 38 19.86 -37.26 -14.76
N VAL D 39 20.14 -36.18 -14.06
CA VAL D 39 20.46 -34.91 -14.71
C VAL D 39 21.88 -34.92 -15.26
N THR D 40 22.00 -35.16 -16.56
CA THR D 40 23.30 -35.19 -17.22
C THR D 40 23.74 -33.79 -17.59
N ALA D 41 23.22 -33.30 -18.72
CA ALA D 41 23.51 -31.98 -19.25
C ALA D 41 24.51 -31.16 -18.43
N GLN D 42 24.04 -30.60 -17.32
CA GLN D 42 24.89 -29.78 -16.46
C GLN D 42 25.44 -30.57 -15.27
N ASP D 43 26.72 -30.96 -15.35
CA ASP D 43 27.36 -31.73 -14.29
C ASP D 43 28.44 -30.95 -13.56
N HIS D 44 28.94 -29.88 -14.18
CA HIS D 44 29.98 -29.06 -13.58
C HIS D 44 29.55 -28.58 -12.19
N ALA D 45 28.25 -28.54 -11.98
CA ALA D 45 27.70 -28.10 -10.71
C ALA D 45 27.24 -29.29 -9.87
N VAL D 46 26.52 -30.21 -10.50
CA VAL D 46 26.01 -31.40 -9.80
C VAL D 46 27.10 -32.22 -9.13
N THR D 47 28.15 -32.53 -9.89
CA THR D 47 29.25 -33.33 -9.35
C THR D 47 29.72 -32.75 -8.02
N VAL D 48 29.67 -31.42 -7.90
CA VAL D 48 30.09 -30.74 -6.69
C VAL D 48 29.04 -30.89 -5.59
N LEU D 49 27.78 -30.92 -5.99
CA LEU D 49 26.67 -31.06 -5.05
C LEU D 49 26.73 -32.43 -4.39
N LYS D 50 27.06 -33.44 -5.18
CA LYS D 50 27.17 -34.80 -4.67
C LYS D 50 28.09 -34.87 -3.46
N LYS D 51 29.33 -34.41 -3.66
CA LYS D 51 30.34 -34.43 -2.61
C LYS D 51 30.05 -33.56 -1.38
N THR D 52 29.31 -32.47 -1.57
CA THR D 52 28.98 -31.61 -0.44
C THR D 52 27.80 -32.19 0.33
N LEU D 53 27.09 -33.09 -0.34
CA LEU D 53 25.93 -33.77 0.22
C LEU D 53 26.22 -34.40 1.58
N LYS D 54 27.43 -34.91 1.78
CA LYS D 54 27.82 -35.55 3.02
C LYS D 54 28.28 -34.60 4.13
N SER D 55 27.99 -33.32 4.00
CA SER D 55 28.39 -32.35 5.02
C SER D 55 27.28 -31.38 5.40
N ALA D 56 27.26 -31.00 6.67
CA ALA D 56 26.26 -30.07 7.18
C ALA D 56 26.71 -28.64 6.82
N ASN D 57 27.86 -28.56 6.16
CA ASN D 57 28.40 -27.27 5.75
C ASN D 57 27.75 -26.83 4.44
N LEU D 58 26.76 -27.60 3.97
CA LEU D 58 26.07 -27.29 2.73
C LEU D 58 25.74 -25.80 2.67
N PRO D 59 26.46 -25.04 1.84
CA PRO D 59 26.23 -23.60 1.70
C PRO D 59 24.88 -23.26 1.10
N HIS D 60 24.44 -22.02 1.27
CA HIS D 60 23.20 -21.59 0.66
C HIS D 60 23.56 -21.66 -0.81
N MET D 61 22.58 -21.75 -1.69
CA MET D 61 22.94 -21.84 -3.09
C MET D 61 22.09 -21.01 -4.03
N LEU D 62 22.69 -20.66 -5.15
CA LEU D 62 22.02 -19.88 -6.16
C LEU D 62 22.17 -20.58 -7.50
N PHE D 63 21.09 -21.23 -7.95
CA PHE D 63 21.11 -21.91 -9.23
C PHE D 63 20.61 -20.91 -10.27
N TYR D 64 21.36 -20.76 -11.37
CA TYR D 64 20.94 -19.83 -12.40
C TYR D 64 21.45 -20.28 -13.76
N GLY D 65 20.65 -20.06 -14.79
CA GLY D 65 21.03 -20.46 -16.12
C GLY D 65 19.87 -20.29 -17.08
N PRO D 66 20.06 -20.63 -18.36
CA PRO D 66 18.99 -20.52 -19.35
C PRO D 66 17.80 -21.40 -18.98
N PRO D 67 16.68 -21.24 -19.70
CA PRO D 67 15.47 -22.04 -19.44
C PRO D 67 15.63 -23.55 -19.63
N GLY D 68 14.99 -24.32 -18.74
CA GLY D 68 15.04 -25.76 -18.82
C GLY D 68 16.41 -26.39 -18.92
N THR D 69 17.35 -25.95 -18.09
CA THR D 69 18.69 -26.52 -18.11
C THR D 69 18.88 -27.55 -16.99
N GLY D 70 17.80 -27.78 -16.24
CA GLY D 70 17.85 -28.76 -15.17
C GLY D 70 17.91 -28.22 -13.75
N LYS D 71 17.78 -26.90 -13.60
CA LYS D 71 17.86 -26.28 -12.27
C LYS D 71 16.84 -26.78 -11.25
N THR D 72 15.55 -26.60 -11.52
CA THR D 72 14.50 -27.03 -10.60
C THR D 72 14.56 -28.54 -10.34
N SER D 73 15.09 -29.28 -11.31
CA SER D 73 15.20 -30.72 -11.20
C SER D 73 16.29 -31.07 -10.20
N THR D 74 17.41 -30.37 -10.32
CA THR D 74 18.55 -30.60 -9.45
C THR D 74 18.20 -30.43 -7.97
N ILE D 75 17.27 -29.52 -7.67
CA ILE D 75 16.88 -29.29 -6.28
C ILE D 75 16.08 -30.47 -5.72
N LEU D 76 14.88 -30.67 -6.29
CA LEU D 76 14.00 -31.74 -5.87
C LEU D 76 14.77 -33.05 -5.74
N ALA D 77 15.72 -33.25 -6.66
CA ALA D 77 16.55 -34.46 -6.64
C ALA D 77 17.44 -34.44 -5.40
N LEU D 78 18.21 -33.37 -5.24
CA LEU D 78 19.10 -33.20 -4.10
C LEU D 78 18.34 -33.45 -2.80
N THR D 79 17.11 -32.95 -2.75
CA THR D 79 16.25 -33.10 -1.58
C THR D 79 15.81 -34.54 -1.35
N LYS D 80 15.30 -35.19 -2.41
CA LYS D 80 14.87 -36.58 -2.31
C LYS D 80 16.06 -37.43 -1.90
N GLU D 81 17.20 -37.12 -2.50
CA GLU D 81 18.45 -37.82 -2.26
C GLU D 81 18.98 -37.57 -0.85
N LEU D 82 18.53 -36.51 -0.21
CA LEU D 82 19.01 -36.16 1.12
C LEU D 82 18.02 -36.48 2.25
N TYR D 83 16.74 -36.20 2.02
CA TYR D 83 15.72 -36.43 3.04
C TYR D 83 14.86 -37.67 2.88
N GLY D 84 14.59 -38.05 1.63
CA GLY D 84 13.73 -39.19 1.40
C GLY D 84 12.30 -38.77 1.65
N PRO D 85 11.35 -39.16 0.78
CA PRO D 85 9.91 -38.86 0.85
C PRO D 85 9.29 -38.67 2.23
N ASP D 86 9.91 -39.21 3.27
CA ASP D 86 9.37 -39.07 4.62
C ASP D 86 9.47 -37.64 5.14
N LEU D 87 10.70 -37.19 5.43
CA LEU D 87 10.93 -35.84 5.93
C LEU D 87 10.82 -34.82 4.79
N MET D 88 10.58 -35.33 3.59
CA MET D 88 10.45 -34.50 2.40
C MET D 88 9.62 -33.25 2.68
N LYS D 89 8.29 -33.41 2.59
CA LYS D 89 7.36 -32.31 2.83
C LYS D 89 7.36 -31.87 4.28
N SER D 90 8.14 -32.56 5.11
CA SER D 90 8.19 -32.23 6.53
C SER D 90 9.15 -31.08 6.84
N ARG D 91 10.31 -31.08 6.20
CA ARG D 91 11.30 -30.04 6.45
C ARG D 91 11.81 -29.29 5.22
N ILE D 92 10.91 -29.09 4.25
CA ILE D 92 11.25 -28.34 3.04
C ILE D 92 10.08 -27.45 2.65
N LEU D 93 10.40 -26.19 2.37
CA LEU D 93 9.40 -25.21 1.97
C LEU D 93 9.75 -24.66 0.60
N GLU D 94 8.77 -24.57 -0.29
CA GLU D 94 9.02 -24.05 -1.62
C GLU D 94 8.01 -22.98 -2.02
N LEU D 95 8.52 -21.88 -2.55
CA LEU D 95 7.70 -20.77 -3.02
C LEU D 95 8.20 -20.38 -4.40
N ASN D 96 7.28 -20.32 -5.36
CA ASN D 96 7.63 -19.99 -6.73
C ASN D 96 6.84 -18.78 -7.24
N ALA D 97 7.02 -18.49 -8.52
CA ALA D 97 6.35 -17.36 -9.16
C ALA D 97 4.85 -17.35 -8.89
N SER D 98 4.28 -18.53 -8.69
CA SER D 98 2.84 -18.63 -8.42
C SER D 98 2.53 -18.15 -7.01
N ASP D 99 3.14 -18.79 -6.02
CA ASP D 99 2.91 -18.43 -4.63
C ASP D 99 3.19 -16.95 -4.37
N GLU D 100 2.54 -16.40 -3.35
CA GLU D 100 2.73 -15.00 -2.99
C GLU D 100 4.00 -14.85 -2.15
N ARG D 101 4.90 -13.96 -2.59
CA ARG D 101 6.17 -13.73 -1.91
C ARG D 101 6.46 -12.25 -1.71
N GLY D 102 5.65 -11.58 -0.89
CA GLY D 102 5.86 -10.16 -0.67
C GLY D 102 6.73 -9.88 0.54
N ILE D 103 7.03 -8.61 0.77
CA ILE D 103 7.84 -8.21 1.90
C ILE D 103 7.21 -8.85 3.14
N SER D 104 5.88 -8.87 3.14
CA SER D 104 5.11 -9.44 4.24
C SER D 104 5.31 -10.95 4.40
N ILE D 105 5.39 -11.67 3.28
CA ILE D 105 5.59 -13.11 3.34
C ILE D 105 6.99 -13.48 3.77
N VAL D 106 7.97 -12.90 3.09
CA VAL D 106 9.37 -13.17 3.41
C VAL D 106 9.71 -12.90 4.88
N ARG D 107 9.16 -11.82 5.43
CA ARG D 107 9.41 -11.46 6.83
C ARG D 107 8.56 -12.28 7.78
N GLU D 108 7.61 -13.02 7.24
CA GLU D 108 6.72 -13.83 8.06
C GLU D 108 6.87 -15.33 7.85
N LYS D 109 6.06 -15.89 6.95
CA LYS D 109 6.10 -17.32 6.67
C LYS D 109 7.52 -17.86 6.49
N VAL D 110 8.29 -17.19 5.64
CA VAL D 110 9.66 -17.60 5.38
C VAL D 110 10.54 -17.51 6.63
N LYS D 111 10.54 -16.34 7.25
CA LYS D 111 11.34 -16.11 8.44
C LYS D 111 10.93 -17.07 9.57
N ASN D 112 9.64 -17.40 9.62
CA ASN D 112 9.12 -18.30 10.65
C ASN D 112 9.63 -19.73 10.51
N PHE D 113 9.44 -20.30 9.33
CA PHE D 113 9.88 -21.67 9.08
C PHE D 113 11.39 -21.73 9.19
N ALA D 114 12.05 -20.62 8.87
CA ALA D 114 13.51 -20.55 8.94
C ALA D 114 13.96 -20.62 10.39
N ARG D 115 13.45 -19.71 11.20
CA ARG D 115 13.78 -19.64 12.62
C ARG D 115 13.34 -20.91 13.36
N LEU D 116 12.27 -21.52 12.87
CA LEU D 116 11.71 -22.73 13.46
C LEU D 116 12.77 -23.81 13.63
N THR D 117 12.59 -24.67 14.63
CA THR D 117 13.53 -25.76 14.89
C THR D 117 13.29 -26.92 13.93
N VAL D 118 14.37 -27.60 13.57
CA VAL D 118 14.28 -28.74 12.66
C VAL D 118 13.32 -29.79 13.22
N SER D 119 12.78 -30.63 12.34
CA SER D 119 11.84 -31.68 12.75
C SER D 119 12.56 -32.97 13.10
N LYS D 120 11.96 -33.78 13.97
CA LYS D 120 12.54 -35.05 14.40
C LYS D 120 12.38 -36.15 13.36
N PRO D 121 13.49 -36.75 12.92
CA PRO D 121 13.47 -37.83 11.92
C PRO D 121 12.85 -39.10 12.48
N SER D 122 12.32 -39.95 11.60
CA SER D 122 11.72 -41.21 12.03
C SER D 122 12.83 -42.25 12.13
N LYS D 123 12.52 -43.39 12.73
CA LYS D 123 13.50 -44.46 12.88
C LYS D 123 14.00 -44.94 11.52
N HIS D 124 13.10 -45.05 10.55
CA HIS D 124 13.48 -45.50 9.22
C HIS D 124 14.37 -44.51 8.47
N ASP D 125 14.05 -43.23 8.59
CA ASP D 125 14.85 -42.21 7.91
C ASP D 125 16.30 -42.30 8.37
N LEU D 126 16.50 -42.48 9.66
CA LEU D 126 17.85 -42.59 10.22
C LEU D 126 18.57 -43.81 9.62
N GLU D 127 17.81 -44.67 8.94
CA GLU D 127 18.39 -45.88 8.35
C GLU D 127 18.66 -45.85 6.84
N ASN D 128 17.98 -44.98 6.10
CA ASN D 128 18.18 -44.95 4.66
C ASN D 128 18.74 -43.62 4.11
N TYR D 129 18.37 -42.51 4.72
CA TYR D 129 18.84 -41.21 4.24
C TYR D 129 19.59 -40.38 5.27
N PRO D 130 20.55 -39.56 4.82
CA PRO D 130 21.34 -38.71 5.71
C PRO D 130 20.43 -37.56 6.13
N CYS D 131 20.09 -37.49 7.41
CA CYS D 131 19.19 -36.43 7.83
C CYS D 131 19.95 -35.29 8.50
N PRO D 132 20.47 -34.36 7.69
CA PRO D 132 21.23 -33.21 8.17
C PRO D 132 20.45 -32.43 9.22
N PRO D 133 21.16 -31.80 10.16
CA PRO D 133 20.47 -31.03 11.20
C PRO D 133 19.94 -29.70 10.66
N TYR D 134 19.34 -29.72 9.48
CA TYR D 134 18.82 -28.49 8.89
C TYR D 134 17.70 -28.70 7.87
N LYS D 135 16.88 -27.66 7.72
CA LYS D 135 15.76 -27.65 6.79
C LYS D 135 16.17 -26.87 5.54
N ILE D 136 15.29 -26.83 4.54
CA ILE D 136 15.58 -26.11 3.31
C ILE D 136 14.44 -25.26 2.76
N ILE D 137 14.75 -24.01 2.42
CA ILE D 137 13.78 -23.11 1.83
C ILE D 137 14.23 -22.88 0.40
N ILE D 138 13.38 -23.28 -0.55
CA ILE D 138 13.72 -23.10 -1.95
C ILE D 138 12.79 -22.10 -2.60
N LEU D 139 13.39 -20.99 -3.03
CA LEU D 139 12.66 -19.92 -3.68
C LEU D 139 13.00 -20.00 -5.16
N ASP D 140 12.24 -20.82 -5.88
CA ASP D 140 12.46 -20.99 -7.31
C ASP D 140 11.92 -19.74 -8.00
N GLU D 141 12.38 -19.49 -9.22
CA GLU D 141 11.92 -18.33 -9.97
C GLU D 141 12.11 -17.10 -9.08
N ALA D 142 13.11 -17.17 -8.21
CA ALA D 142 13.44 -16.08 -7.29
C ALA D 142 13.75 -14.86 -8.16
N ASP D 143 13.99 -15.14 -9.43
CA ASP D 143 14.29 -14.15 -10.43
C ASP D 143 13.28 -12.99 -10.32
N SER D 144 12.00 -13.34 -10.25
CA SER D 144 10.94 -12.34 -10.18
C SER D 144 10.46 -11.93 -8.79
N MET D 145 11.40 -11.75 -7.85
CA MET D 145 11.04 -11.30 -6.51
C MET D 145 11.38 -9.82 -6.37
N THR D 146 10.48 -9.06 -5.76
CA THR D 146 10.71 -7.63 -5.58
C THR D 146 11.97 -7.48 -4.75
N ALA D 147 12.89 -6.63 -5.21
CA ALA D 147 14.14 -6.38 -4.50
C ALA D 147 13.89 -6.17 -3.01
N ASP D 148 12.77 -5.55 -2.68
CA ASP D 148 12.42 -5.30 -1.28
C ASP D 148 12.41 -6.61 -0.50
N ALA D 149 11.64 -7.57 -1.01
CA ALA D 149 11.52 -8.88 -0.38
C ALA D 149 12.87 -9.61 -0.33
N GLN D 150 13.65 -9.50 -1.40
CA GLN D 150 14.94 -10.13 -1.42
C GLN D 150 15.73 -9.62 -0.21
N SER D 151 15.69 -8.32 0.00
CA SER D 151 16.40 -7.69 1.10
C SER D 151 15.95 -8.25 2.44
N ALA D 152 14.64 -8.44 2.59
CA ALA D 152 14.11 -8.99 3.83
C ALA D 152 14.61 -10.42 4.02
N LEU D 153 15.00 -11.05 2.92
CA LEU D 153 15.52 -12.41 2.98
C LEU D 153 16.88 -12.49 3.64
N ARG D 154 17.73 -11.52 3.32
CA ARG D 154 19.10 -11.43 3.81
C ARG D 154 19.47 -11.84 5.24
N ARG D 155 19.17 -11.01 6.23
CA ARG D 155 19.50 -11.37 7.61
C ARG D 155 18.83 -12.67 8.02
N THR D 156 17.66 -12.93 7.44
CA THR D 156 16.95 -14.16 7.77
C THR D 156 17.83 -15.35 7.39
N MET D 157 18.23 -15.40 6.12
CA MET D 157 19.06 -16.51 5.63
C MET D 157 20.54 -16.31 5.94
N GLU D 158 20.84 -15.83 7.12
CA GLU D 158 22.22 -15.59 7.52
C GLU D 158 22.40 -15.91 8.99
N THR D 159 21.39 -15.56 9.78
CA THR D 159 21.42 -15.81 11.21
C THR D 159 20.81 -17.18 11.56
N TYR D 160 20.22 -17.82 10.55
CA TYR D 160 19.61 -19.12 10.75
C TYR D 160 20.27 -20.21 9.91
N SER D 161 21.55 -20.00 9.58
CA SER D 161 22.29 -20.97 8.78
C SER D 161 22.51 -22.23 9.60
N GLY D 162 22.47 -22.09 10.92
CA GLY D 162 22.69 -23.24 11.79
C GLY D 162 21.65 -24.35 11.65
N VAL D 163 20.46 -24.02 11.15
CA VAL D 163 19.41 -25.01 11.00
C VAL D 163 18.62 -24.87 9.71
N THR D 164 18.82 -23.75 9.02
CA THR D 164 18.09 -23.52 7.77
C THR D 164 19.03 -23.16 6.62
N ARG D 165 18.68 -23.61 5.42
CA ARG D 165 19.49 -23.32 4.25
C ARG D 165 18.64 -23.10 3.01
N PHE D 166 18.87 -21.97 2.36
CA PHE D 166 18.12 -21.57 1.17
C PHE D 166 18.69 -22.00 -0.17
N CYS D 167 17.79 -22.00 -1.16
CA CYS D 167 18.14 -22.28 -2.54
C CYS D 167 17.34 -21.31 -3.42
N LEU D 168 18.05 -20.45 -4.12
CA LEU D 168 17.40 -19.48 -5.00
C LEU D 168 17.73 -19.86 -6.43
N ILE D 169 16.70 -19.94 -7.27
CA ILE D 169 16.89 -20.30 -8.67
C ILE D 169 16.44 -19.15 -9.56
N CYS D 170 17.09 -18.98 -10.70
CA CYS D 170 16.74 -17.91 -11.63
C CYS D 170 17.41 -18.12 -12.99
N ASN D 171 17.10 -17.24 -13.93
CA ASN D 171 17.68 -17.34 -15.27
C ASN D 171 18.73 -16.27 -15.48
N TYR D 172 18.62 -15.20 -14.70
CA TYR D 172 19.57 -14.11 -14.80
C TYR D 172 20.08 -13.70 -13.41
N VAL D 173 21.39 -13.74 -13.24
CA VAL D 173 21.99 -13.37 -11.97
C VAL D 173 21.71 -11.89 -11.68
N THR D 174 21.68 -11.11 -12.76
CA THR D 174 21.41 -9.68 -12.70
C THR D 174 20.16 -9.35 -11.89
N ARG D 175 19.16 -10.21 -11.98
CA ARG D 175 17.90 -9.98 -11.28
C ARG D 175 17.93 -10.23 -9.77
N ILE D 176 19.02 -10.83 -9.26
CA ILE D 176 19.10 -11.08 -7.83
C ILE D 176 20.08 -10.14 -7.15
N ILE D 177 19.56 -9.35 -6.21
CA ILE D 177 20.35 -8.38 -5.46
C ILE D 177 21.73 -8.87 -5.02
N ASP D 178 22.75 -8.08 -5.36
CA ASP D 178 24.13 -8.40 -5.03
C ASP D 178 24.33 -9.01 -3.66
N PRO D 179 23.71 -8.44 -2.63
CA PRO D 179 23.87 -9.00 -1.29
C PRO D 179 23.64 -10.51 -1.22
N LEU D 180 22.51 -10.97 -1.77
CA LEU D 180 22.19 -12.39 -1.77
C LEU D 180 23.14 -13.20 -2.65
N ALA D 181 23.47 -12.65 -3.81
CA ALA D 181 24.40 -13.34 -4.72
C ALA D 181 25.70 -13.60 -3.99
N SER D 182 25.93 -12.79 -2.96
CA SER D 182 27.13 -12.88 -2.14
C SER D 182 27.01 -14.02 -1.15
N GLN D 183 25.87 -14.08 -0.46
CA GLN D 183 25.64 -15.12 0.53
C GLN D 183 25.56 -16.52 -0.04
N CYS D 184 25.04 -16.63 -1.25
CA CYS D 184 24.88 -17.93 -1.88
C CYS D 184 26.08 -18.39 -2.67
N SER D 185 26.25 -19.70 -2.73
CA SER D 185 27.33 -20.31 -3.49
C SER D 185 26.76 -20.45 -4.90
N LYS D 186 27.40 -19.83 -5.88
CA LYS D 186 26.92 -19.84 -7.25
C LYS D 186 27.10 -21.14 -8.06
N PHE D 187 26.04 -21.52 -8.76
CA PHE D 187 26.01 -22.72 -9.61
C PHE D 187 25.45 -22.34 -10.98
N ARG D 188 26.32 -22.06 -11.94
CA ARG D 188 25.91 -21.66 -13.28
C ARG D 188 25.57 -22.83 -14.20
N PHE D 189 24.28 -23.11 -14.35
CA PHE D 189 23.81 -24.20 -15.21
C PHE D 189 23.96 -23.83 -16.68
N LYS D 190 25.02 -24.35 -17.29
CA LYS D 190 25.31 -24.10 -18.69
C LYS D 190 24.16 -24.63 -19.55
N ALA D 191 24.05 -24.10 -20.77
CA ALA D 191 23.02 -24.54 -21.70
C ALA D 191 23.23 -26.02 -21.95
N LEU D 192 22.43 -26.62 -22.82
CA LEU D 192 22.59 -28.04 -23.10
C LEU D 192 23.18 -28.31 -24.47
N ASP D 193 24.48 -28.56 -24.48
CA ASP D 193 25.21 -28.83 -25.72
C ASP D 193 24.55 -29.96 -26.51
N ALA D 194 24.47 -29.78 -27.82
CA ALA D 194 23.85 -30.78 -28.69
C ALA D 194 24.42 -32.17 -28.42
N SER D 195 25.62 -32.22 -27.85
CA SER D 195 26.26 -33.50 -27.54
C SER D 195 25.72 -34.07 -26.23
N ASN D 196 25.47 -33.18 -25.28
CA ASN D 196 24.96 -33.58 -23.98
C ASN D 196 23.47 -33.88 -24.06
N ALA D 197 22.82 -33.30 -25.06
CA ALA D 197 21.39 -33.48 -25.26
C ALA D 197 21.04 -34.76 -26.00
N ILE D 198 21.71 -35.02 -27.12
CA ILE D 198 21.43 -36.23 -27.89
C ILE D 198 21.40 -37.46 -27.00
N ASP D 199 22.39 -37.58 -26.11
CA ASP D 199 22.45 -38.72 -25.20
C ASP D 199 21.12 -38.90 -24.49
N ARG D 200 20.69 -37.86 -23.76
CA ARG D 200 19.44 -37.90 -23.03
C ARG D 200 18.23 -37.92 -23.94
N LEU D 201 18.41 -37.56 -25.20
CA LEU D 201 17.31 -37.55 -26.16
C LEU D 201 17.09 -38.94 -26.75
N ARG D 202 18.18 -39.57 -27.16
CA ARG D 202 18.09 -40.91 -27.74
C ARG D 202 17.45 -41.86 -26.74
N PHE D 203 17.76 -41.64 -25.46
CA PHE D 203 17.20 -42.48 -24.40
C PHE D 203 15.69 -42.27 -24.30
N ILE D 204 15.20 -41.17 -24.87
CA ILE D 204 13.77 -40.87 -24.84
C ILE D 204 13.08 -41.47 -26.05
N SER D 205 13.75 -41.39 -27.21
CA SER D 205 13.21 -41.93 -28.44
C SER D 205 13.13 -43.46 -28.39
N GLU D 206 14.06 -44.06 -27.67
CA GLU D 206 14.10 -45.52 -27.52
C GLU D 206 12.93 -46.00 -26.66
N GLN D 207 12.84 -45.46 -25.45
CA GLN D 207 11.78 -45.83 -24.52
C GLN D 207 10.40 -45.41 -25.03
N GLU D 208 10.33 -44.94 -26.26
CA GLU D 208 9.05 -44.49 -26.82
C GLU D 208 8.82 -44.95 -28.25
N ASN D 209 9.67 -45.84 -28.74
CA ASN D 209 9.56 -46.37 -30.11
C ASN D 209 9.09 -45.30 -31.10
N VAL D 210 9.84 -44.21 -31.18
CA VAL D 210 9.50 -43.13 -32.09
C VAL D 210 10.31 -43.24 -33.37
N LYS D 211 9.61 -43.47 -34.50
CA LYS D 211 10.27 -43.61 -35.79
C LYS D 211 10.89 -42.29 -36.24
N CYS D 212 12.02 -41.95 -35.63
CA CYS D 212 12.73 -40.72 -35.93
C CYS D 212 13.71 -40.94 -37.08
N ASP D 213 13.85 -39.91 -37.92
CA ASP D 213 14.76 -39.96 -39.05
C ASP D 213 16.15 -39.55 -38.53
N ASP D 214 17.10 -39.32 -39.43
CA ASP D 214 18.43 -38.91 -39.01
C ASP D 214 18.48 -37.42 -38.70
N GLY D 215 18.07 -36.60 -39.66
CA GLY D 215 18.07 -35.16 -39.47
C GLY D 215 16.91 -34.72 -38.61
N VAL D 216 16.72 -35.41 -37.49
CA VAL D 216 15.63 -35.10 -36.57
C VAL D 216 16.14 -35.00 -35.14
N LEU D 217 16.77 -36.07 -34.66
CA LEU D 217 17.32 -36.11 -33.31
C LEU D 217 18.05 -34.82 -32.97
N GLU D 218 18.87 -34.35 -33.88
CA GLU D 218 19.65 -33.13 -33.66
C GLU D 218 18.90 -31.84 -33.99
N ARG D 219 18.21 -31.82 -35.13
CA ARG D 219 17.46 -30.64 -35.54
C ARG D 219 16.59 -30.13 -34.41
N ILE D 220 16.23 -31.04 -33.50
CA ILE D 220 15.41 -30.67 -32.36
C ILE D 220 16.18 -29.78 -31.40
N LEU D 221 17.44 -30.14 -31.14
CA LEU D 221 18.30 -29.38 -30.25
C LEU D 221 18.62 -28.01 -30.83
N ASP D 222 18.96 -27.98 -32.11
CA ASP D 222 19.28 -26.73 -32.78
C ASP D 222 18.12 -25.75 -32.69
N ILE D 223 16.93 -26.23 -33.03
CA ILE D 223 15.73 -25.39 -32.98
C ILE D 223 15.47 -24.94 -31.55
N SER D 224 15.74 -25.83 -30.61
CA SER D 224 15.54 -25.53 -29.20
C SER D 224 16.89 -25.63 -28.48
N ALA D 225 17.83 -24.78 -28.92
CA ALA D 225 19.18 -24.76 -28.35
C ALA D 225 19.23 -24.46 -26.87
N GLY D 226 19.54 -25.48 -26.07
CA GLY D 226 19.64 -25.29 -24.64
C GLY D 226 18.44 -25.77 -23.83
N ASP D 227 17.27 -25.22 -24.12
CA ASP D 227 16.05 -25.59 -23.39
C ASP D 227 15.63 -27.02 -23.71
N LEU D 228 16.09 -27.96 -22.90
CA LEU D 228 15.78 -29.37 -23.11
C LEU D 228 14.27 -29.58 -23.03
N ARG D 229 13.60 -28.86 -22.13
CA ARG D 229 12.16 -29.01 -22.00
C ARG D 229 11.49 -28.86 -23.35
N ARG D 230 11.82 -27.77 -24.05
CA ARG D 230 11.25 -27.51 -25.36
C ARG D 230 11.75 -28.55 -26.35
N GLY D 231 12.99 -28.99 -26.18
CA GLY D 231 13.55 -29.99 -27.08
C GLY D 231 12.78 -31.28 -26.96
N ILE D 232 12.25 -31.55 -25.77
CA ILE D 232 11.48 -32.75 -25.51
C ILE D 232 10.02 -32.53 -25.88
N THR D 233 9.55 -31.29 -25.77
CA THR D 233 8.17 -30.95 -26.09
C THR D 233 7.91 -31.09 -27.60
N LEU D 234 8.97 -31.06 -28.39
CA LEU D 234 8.82 -31.21 -29.84
C LEU D 234 8.80 -32.70 -30.12
N LEU D 235 9.71 -33.42 -29.47
CA LEU D 235 9.83 -34.86 -29.62
C LEU D 235 8.54 -35.57 -29.21
N GLN D 236 7.65 -34.84 -28.54
CA GLN D 236 6.38 -35.41 -28.08
C GLN D 236 5.19 -34.89 -28.88
N SER D 237 5.09 -33.57 -29.01
CA SER D 237 3.99 -32.97 -29.76
C SER D 237 4.13 -33.20 -31.26
N ALA D 238 5.24 -33.81 -31.65
CA ALA D 238 5.50 -34.08 -33.07
C ALA D 238 5.32 -35.55 -33.40
N SER D 239 5.91 -36.43 -32.60
CA SER D 239 5.80 -37.87 -32.83
C SER D 239 4.34 -38.30 -32.74
N LYS D 240 3.57 -37.57 -31.94
CA LYS D 240 2.15 -37.88 -31.79
C LYS D 240 1.42 -37.42 -33.04
N GLY D 241 2.13 -36.69 -33.89
CA GLY D 241 1.56 -36.19 -35.13
C GLY D 241 1.99 -37.08 -36.28
N ALA D 242 3.15 -37.72 -36.12
CA ALA D 242 3.71 -38.61 -37.13
C ALA D 242 2.91 -39.91 -37.15
N GLN D 243 2.27 -40.22 -36.04
CA GLN D 243 1.47 -41.44 -35.92
C GLN D 243 0.14 -41.21 -36.62
N TYR D 244 -0.35 -39.97 -36.55
CA TYR D 244 -1.62 -39.62 -37.18
C TYR D 244 -1.59 -40.07 -38.63
N LEU D 245 -0.48 -39.78 -39.31
CA LEU D 245 -0.32 -40.16 -40.71
C LEU D 245 -0.35 -41.68 -40.81
N GLY D 246 0.11 -42.36 -39.76
CA GLY D 246 0.12 -43.80 -39.74
C GLY D 246 0.89 -44.43 -40.89
N ASP D 247 1.53 -43.58 -41.68
CA ASP D 247 2.30 -44.05 -42.84
C ASP D 247 3.52 -44.84 -42.38
N GLY D 248 3.83 -44.78 -41.09
CA GLY D 248 4.98 -45.49 -40.58
C GLY D 248 6.25 -44.81 -41.05
N LYS D 249 6.07 -43.82 -41.91
CA LYS D 249 7.17 -43.05 -42.48
C LYS D 249 7.82 -42.23 -41.38
N ASN D 250 9.14 -42.08 -41.48
CA ASN D 250 9.90 -41.32 -40.48
C ASN D 250 9.33 -39.91 -40.28
N ILE D 251 9.97 -39.15 -39.40
CA ILE D 251 9.53 -37.80 -39.10
C ILE D 251 10.68 -36.83 -39.34
N THR D 252 11.06 -36.70 -40.61
CA THR D 252 12.17 -35.85 -41.05
C THR D 252 12.31 -34.45 -40.43
N SER D 253 13.34 -33.74 -40.88
CA SER D 253 13.65 -32.40 -40.42
C SER D 253 12.54 -31.41 -40.68
N THR D 254 12.32 -31.09 -41.95
CA THR D 254 11.29 -30.14 -42.35
C THR D 254 9.98 -30.44 -41.63
N GLN D 255 9.82 -31.70 -41.25
CA GLN D 255 8.62 -32.15 -40.55
C GLN D 255 8.51 -31.44 -39.20
N VAL D 256 9.61 -31.40 -38.45
CA VAL D 256 9.64 -30.78 -37.14
C VAL D 256 9.37 -29.28 -37.16
N GLU D 257 10.43 -28.51 -37.44
CA GLU D 257 10.39 -27.05 -37.48
C GLU D 257 9.03 -26.41 -37.74
N GLU D 258 8.26 -26.97 -38.68
CA GLU D 258 6.94 -26.43 -38.99
C GLU D 258 6.07 -26.32 -37.74
N LEU D 259 6.39 -27.11 -36.73
CA LEU D 259 5.65 -27.12 -35.48
C LEU D 259 6.31 -26.24 -34.43
N ALA D 260 7.64 -26.17 -34.48
CA ALA D 260 8.41 -25.37 -33.52
C ALA D 260 8.18 -23.88 -33.66
N GLY D 261 7.79 -23.44 -34.86
CA GLY D 261 7.56 -22.03 -35.09
C GLY D 261 8.61 -21.44 -36.01
N VAL D 262 9.65 -22.21 -36.27
CA VAL D 262 10.72 -21.78 -37.16
C VAL D 262 10.12 -21.44 -38.51
N VAL D 263 10.76 -20.54 -39.24
CA VAL D 263 10.29 -20.14 -40.56
C VAL D 263 10.98 -20.97 -41.63
N PRO D 264 10.28 -21.26 -42.74
CA PRO D 264 10.85 -22.07 -43.83
C PRO D 264 12.21 -21.56 -44.29
N HIS D 265 13.04 -22.45 -44.82
CA HIS D 265 14.36 -22.08 -45.28
C HIS D 265 14.29 -21.27 -46.57
N ASP D 266 13.32 -21.59 -47.43
CA ASP D 266 13.16 -20.90 -48.69
C ASP D 266 12.60 -19.49 -48.52
N ILE D 267 11.54 -19.36 -47.72
CA ILE D 267 10.93 -18.06 -47.47
C ILE D 267 11.98 -17.11 -46.93
N LEU D 268 13.09 -17.68 -46.47
CA LEU D 268 14.21 -16.91 -45.93
C LEU D 268 15.08 -16.48 -47.10
N ILE D 269 15.36 -17.42 -48.00
CA ILE D 269 16.18 -17.14 -49.17
C ILE D 269 15.63 -15.97 -49.96
N GLU D 270 14.31 -15.77 -49.89
CA GLU D 270 13.68 -14.65 -50.60
C GLU D 270 14.27 -13.39 -49.97
N ILE D 271 14.27 -13.37 -48.64
CA ILE D 271 14.80 -12.25 -47.87
C ILE D 271 16.21 -11.95 -48.36
N VAL D 272 17.13 -12.85 -48.03
CA VAL D 272 18.53 -12.72 -48.40
C VAL D 272 18.75 -12.11 -49.78
N GLU D 273 18.11 -12.70 -50.78
CA GLU D 273 18.23 -12.23 -52.16
C GLU D 273 17.57 -10.87 -52.37
N LYS D 274 16.42 -10.67 -51.73
CA LYS D 274 15.70 -9.42 -51.86
C LYS D 274 16.57 -8.29 -51.28
N VAL D 275 17.61 -8.68 -50.55
CA VAL D 275 18.52 -7.73 -49.92
C VAL D 275 19.87 -7.67 -50.63
N LYS D 276 20.35 -8.82 -51.10
CA LYS D 276 21.63 -8.88 -51.80
C LYS D 276 21.60 -7.83 -52.90
N SER D 277 20.38 -7.51 -53.34
CA SER D 277 20.16 -6.53 -54.38
C SER D 277 18.68 -6.15 -54.30
N GLY D 278 18.39 -4.87 -54.50
CA GLY D 278 17.02 -4.42 -54.45
C GLY D 278 16.93 -3.05 -53.82
N ASP D 279 16.15 -2.17 -54.45
CA ASP D 279 15.98 -0.82 -53.93
C ASP D 279 15.19 -0.83 -52.63
N PHE D 280 15.02 0.36 -52.05
CA PHE D 280 14.28 0.51 -50.82
C PHE D 280 12.88 -0.08 -51.01
N ASP D 281 12.00 0.71 -51.62
CA ASP D 281 10.62 0.34 -51.88
C ASP D 281 10.35 -1.15 -52.06
N GLU D 282 11.20 -1.84 -52.81
CA GLU D 282 11.03 -3.27 -53.03
C GLU D 282 11.00 -4.04 -51.69
N ILE D 283 11.99 -3.80 -50.85
CA ILE D 283 12.05 -4.46 -49.55
C ILE D 283 10.83 -4.08 -48.72
N LYS D 284 10.65 -2.78 -48.48
CA LYS D 284 9.51 -2.28 -47.72
C LYS D 284 8.24 -2.96 -48.24
N LYS D 285 8.18 -3.10 -49.56
CA LYS D 285 7.06 -3.75 -50.24
C LYS D 285 6.98 -5.18 -49.76
N TYR D 286 8.09 -5.91 -49.92
CA TYR D 286 8.16 -7.31 -49.51
C TYR D 286 7.92 -7.48 -48.03
N VAL D 287 8.67 -6.75 -47.22
CA VAL D 287 8.53 -6.84 -45.76
C VAL D 287 7.05 -6.75 -45.39
N ASN D 288 6.35 -5.77 -45.98
CA ASN D 288 4.93 -5.60 -45.71
C ASN D 288 4.23 -6.95 -45.89
N THR D 289 4.59 -7.64 -46.96
CA THR D 289 4.00 -8.94 -47.25
C THR D 289 4.22 -9.91 -46.08
N PHE D 290 5.48 -10.03 -45.65
CA PHE D 290 5.80 -10.93 -44.55
C PHE D 290 4.94 -10.62 -43.33
N MET D 291 4.88 -9.35 -42.95
CA MET D 291 4.07 -8.94 -41.81
C MET D 291 2.61 -9.30 -42.07
N LYS D 292 2.12 -8.87 -43.22
CA LYS D 292 0.75 -9.11 -43.65
C LYS D 292 0.17 -10.38 -43.05
N SER D 293 0.90 -11.49 -43.18
CA SER D 293 0.44 -12.76 -42.64
C SER D 293 1.62 -13.64 -42.26
N GLY D 294 2.66 -13.62 -43.09
CA GLY D 294 3.84 -14.42 -42.84
C GLY D 294 4.14 -14.64 -41.37
N TRP D 295 4.76 -15.78 -41.07
CA TRP D 295 5.11 -16.14 -39.71
C TRP D 295 5.61 -14.92 -38.96
N SER D 296 4.76 -14.36 -38.11
CA SER D 296 5.13 -13.18 -37.33
C SER D 296 6.25 -13.55 -36.36
N ALA D 297 7.35 -14.06 -36.91
CA ALA D 297 8.51 -14.47 -36.13
C ALA D 297 9.69 -13.53 -36.28
N ALA D 298 10.06 -12.86 -35.20
CA ALA D 298 11.20 -11.96 -35.22
C ALA D 298 12.43 -12.84 -35.36
N SER D 299 12.24 -14.14 -35.18
CA SER D 299 13.31 -15.12 -35.29
C SER D 299 13.96 -15.03 -36.67
N VAL D 300 13.26 -14.41 -37.61
CA VAL D 300 13.79 -14.23 -38.95
C VAL D 300 15.17 -13.63 -38.77
N VAL D 301 15.30 -12.81 -37.74
CA VAL D 301 16.56 -12.18 -37.40
C VAL D 301 17.57 -13.26 -37.03
N ASN D 302 17.17 -14.15 -36.12
CA ASN D 302 18.02 -15.23 -35.65
C ASN D 302 18.55 -16.09 -36.79
N GLN D 303 17.69 -16.39 -37.76
CA GLN D 303 18.07 -17.19 -38.90
C GLN D 303 18.94 -16.43 -39.90
N LEU D 304 18.66 -15.14 -40.08
CA LEU D 304 19.47 -14.33 -40.97
C LEU D 304 20.88 -14.31 -40.40
N HIS D 305 20.96 -14.42 -39.08
CA HIS D 305 22.23 -14.45 -38.39
C HIS D 305 23.02 -15.70 -38.78
N GLU D 306 22.53 -16.84 -38.29
CA GLU D 306 23.16 -18.14 -38.57
C GLU D 306 23.59 -18.24 -40.02
N TYR D 307 22.78 -17.72 -40.93
CA TYR D 307 23.11 -17.76 -42.34
C TYR D 307 24.41 -17.01 -42.65
N TYR D 308 24.29 -15.70 -42.81
CA TYR D 308 25.44 -14.84 -43.14
C TYR D 308 26.76 -15.17 -42.43
N ILE D 309 26.70 -15.53 -41.16
CA ILE D 309 27.90 -15.84 -40.41
C ILE D 309 28.52 -17.17 -40.81
N THR D 310 27.71 -18.05 -41.39
CA THR D 310 28.19 -19.36 -41.82
C THR D 310 28.59 -19.34 -43.29
N ASN D 311 27.75 -18.71 -44.11
CA ASN D 311 27.99 -18.62 -45.55
C ASN D 311 29.44 -18.25 -45.81
N ASP D 312 30.06 -18.90 -46.80
CA ASP D 312 31.46 -18.65 -47.13
C ASP D 312 31.66 -17.72 -48.33
N ASN D 313 30.58 -17.09 -48.80
CA ASN D 313 30.68 -16.19 -49.94
C ASN D 313 30.72 -14.74 -49.53
N PHE D 314 30.52 -14.47 -48.24
CA PHE D 314 30.54 -13.10 -47.74
C PHE D 314 31.88 -12.77 -47.06
N ASP D 315 32.45 -11.64 -47.43
CA ASP D 315 33.73 -11.19 -46.87
C ASP D 315 33.64 -10.92 -45.38
N THR D 316 34.80 -10.89 -44.72
CA THR D 316 34.86 -10.61 -43.29
C THR D 316 34.27 -9.25 -43.00
N ASN D 317 34.70 -8.23 -43.75
CA ASN D 317 34.20 -6.87 -43.58
C ASN D 317 32.68 -6.87 -43.60
N PHE D 318 32.09 -7.87 -44.23
CA PHE D 318 30.64 -7.98 -44.31
C PHE D 318 30.19 -8.65 -43.01
N LYS D 319 30.86 -9.76 -42.67
CA LYS D 319 30.55 -10.49 -41.45
C LYS D 319 30.45 -9.46 -40.32
N ASN D 320 31.56 -8.74 -40.13
CA ASN D 320 31.65 -7.72 -39.10
C ASN D 320 30.42 -6.83 -39.01
N GLN D 321 30.24 -5.96 -40.00
CA GLN D 321 29.13 -5.03 -40.01
C GLN D 321 27.75 -5.66 -39.85
N ILE D 322 27.51 -6.80 -40.49
CA ILE D 322 26.21 -7.46 -40.35
C ILE D 322 26.02 -7.89 -38.90
N SER D 323 27.10 -8.34 -38.29
CA SER D 323 27.05 -8.78 -36.91
C SER D 323 26.49 -7.67 -36.05
N TRP D 324 27.12 -6.50 -36.12
CA TRP D 324 26.70 -5.34 -35.34
C TRP D 324 25.24 -4.95 -35.58
N LEU D 325 24.79 -5.09 -36.82
CA LEU D 325 23.42 -4.72 -37.17
C LEU D 325 22.38 -5.62 -36.52
N LEU D 326 22.60 -6.93 -36.60
CA LEU D 326 21.66 -7.87 -35.99
C LEU D 326 21.56 -7.58 -34.51
N PHE D 327 22.71 -7.29 -33.91
CA PHE D 327 22.77 -6.97 -32.48
C PHE D 327 21.90 -5.74 -32.18
N THR D 328 22.12 -4.66 -32.95
CA THR D 328 21.37 -3.43 -32.74
C THR D 328 19.86 -3.68 -32.81
N THR D 329 19.41 -4.17 -33.97
CA THR D 329 17.99 -4.45 -34.16
C THR D 329 17.46 -5.38 -33.08
N ASP D 330 18.24 -6.40 -32.73
CA ASP D 330 17.87 -7.35 -31.70
C ASP D 330 17.60 -6.62 -30.40
N SER D 331 18.57 -5.81 -29.98
CA SER D 331 18.45 -5.04 -28.75
C SER D 331 17.22 -4.14 -28.80
N ARG D 332 16.99 -3.54 -29.96
CA ARG D 332 15.85 -2.65 -30.16
C ARG D 332 14.56 -3.47 -29.96
N LEU D 333 14.57 -4.70 -30.47
CA LEU D 333 13.42 -5.60 -30.38
C LEU D 333 13.08 -6.08 -28.96
N ASN D 334 14.07 -6.08 -28.08
CA ASN D 334 13.83 -6.52 -26.71
C ASN D 334 13.35 -5.36 -25.84
N ASN D 335 12.60 -4.46 -26.45
CA ASN D 335 12.07 -3.31 -25.73
C ASN D 335 10.61 -3.10 -26.10
N GLY D 336 9.97 -4.17 -26.54
CA GLY D 336 8.58 -4.07 -26.92
C GLY D 336 8.37 -3.05 -28.01
N THR D 337 9.19 -3.14 -29.05
CA THR D 337 9.11 -2.22 -30.18
C THR D 337 8.19 -2.80 -31.25
N ASN D 338 7.87 -1.99 -32.25
CA ASN D 338 7.00 -2.44 -33.34
C ASN D 338 7.75 -3.38 -34.28
N GLU D 339 7.40 -4.67 -34.17
CA GLU D 339 8.00 -5.72 -34.98
C GLU D 339 8.33 -5.30 -36.42
N HIS D 340 7.31 -4.85 -37.13
CA HIS D 340 7.47 -4.43 -38.52
C HIS D 340 8.63 -3.45 -38.69
N ILE D 341 8.45 -2.24 -38.19
CA ILE D 341 9.45 -1.18 -38.27
C ILE D 341 10.86 -1.71 -38.11
N GLN D 342 11.17 -2.20 -36.92
CA GLN D 342 12.48 -2.73 -36.60
C GLN D 342 13.05 -3.64 -37.70
N LEU D 343 12.25 -4.63 -38.11
CA LEU D 343 12.64 -5.59 -39.14
C LEU D 343 12.89 -4.96 -40.51
N LEU D 344 12.04 -4.00 -40.89
CA LEU D 344 12.22 -3.32 -42.16
C LEU D 344 13.62 -2.71 -42.18
N ASN D 345 13.86 -1.81 -41.23
CA ASN D 345 15.12 -1.12 -41.10
C ASN D 345 16.33 -2.05 -41.14
N LEU D 346 16.27 -3.15 -40.39
CA LEU D 346 17.37 -4.09 -40.36
C LEU D 346 17.75 -4.58 -41.75
N LEU D 347 16.74 -4.89 -42.55
CA LEU D 347 16.95 -5.40 -43.90
C LEU D 347 17.44 -4.30 -44.83
N VAL D 348 16.92 -3.10 -44.62
CA VAL D 348 17.31 -1.96 -45.43
C VAL D 348 18.75 -1.55 -45.13
N LYS D 349 19.18 -1.76 -43.91
CA LYS D 349 20.54 -1.39 -43.54
C LYS D 349 21.54 -2.43 -43.99
N ILE D 350 21.23 -3.70 -43.80
CA ILE D 350 22.13 -4.76 -44.20
C ILE D 350 22.36 -4.69 -45.71
N SER D 351 21.32 -4.26 -46.43
CA SER D 351 21.39 -4.14 -47.88
C SER D 351 22.42 -3.11 -48.31
N GLN D 352 22.42 -1.95 -47.67
CA GLN D 352 23.35 -0.86 -47.99
C GLN D 352 24.80 -1.36 -47.90
N LEU D 353 25.03 -2.37 -47.07
CA LEU D 353 26.36 -2.93 -46.85
C LEU D 353 26.92 -3.66 -48.05
N TRP E 4 -22.61 -4.09 -37.02
CA TRP E 4 -22.43 -4.48 -38.45
C TRP E 4 -21.51 -5.71 -38.58
N VAL E 5 -20.20 -5.48 -38.64
CA VAL E 5 -19.22 -6.56 -38.78
C VAL E 5 -19.44 -7.70 -37.79
N ASP E 6 -19.92 -7.36 -36.61
CA ASP E 6 -20.19 -8.35 -35.56
C ASP E 6 -21.22 -9.37 -36.06
N LYS E 7 -22.12 -8.89 -36.92
CA LYS E 7 -23.18 -9.72 -37.48
C LYS E 7 -22.72 -10.98 -38.21
N TYR E 8 -22.04 -10.83 -39.33
CA TYR E 8 -21.58 -11.97 -40.12
C TYR E 8 -20.32 -12.65 -39.61
N ARG E 9 -20.17 -12.73 -38.29
CA ARG E 9 -18.99 -13.38 -37.73
C ARG E 9 -19.27 -14.85 -37.46
N PRO E 10 -18.41 -15.75 -37.97
CA PRO E 10 -18.56 -17.19 -37.80
C PRO E 10 -18.73 -17.60 -36.34
N LYS E 11 -19.97 -17.88 -35.95
CA LYS E 11 -20.23 -18.27 -34.57
C LYS E 11 -20.14 -19.79 -34.40
N SER E 12 -19.26 -20.40 -35.18
CA SER E 12 -19.05 -21.84 -35.15
C SER E 12 -17.87 -22.20 -36.05
N LEU E 13 -17.30 -23.38 -35.83
CA LEU E 13 -16.17 -23.82 -36.62
C LEU E 13 -16.60 -24.24 -38.03
N ASN E 14 -17.85 -24.71 -38.16
CA ASN E 14 -18.37 -25.11 -39.46
C ASN E 14 -18.62 -23.88 -40.33
N ALA E 15 -18.50 -22.71 -39.72
CA ALA E 15 -18.70 -21.45 -40.42
C ALA E 15 -17.36 -20.86 -40.86
N LEU E 16 -16.28 -21.34 -40.23
CA LEU E 16 -14.94 -20.87 -40.56
C LEU E 16 -14.71 -20.92 -42.06
N SER E 17 -14.50 -19.75 -42.66
CA SER E 17 -14.27 -19.63 -44.09
C SER E 17 -12.86 -19.16 -44.40
N HIS E 18 -11.99 -19.17 -43.40
CA HIS E 18 -10.61 -18.71 -43.58
C HIS E 18 -9.56 -19.72 -43.11
N ASN E 19 -8.47 -19.82 -43.88
CA ASN E 19 -7.37 -20.72 -43.58
C ASN E 19 -7.85 -22.10 -43.15
N GLU E 20 -8.23 -22.91 -44.13
CA GLU E 20 -8.72 -24.26 -43.86
C GLU E 20 -7.69 -25.11 -43.12
N GLU E 21 -6.41 -24.92 -43.44
CA GLU E 21 -5.36 -25.69 -42.79
C GLU E 21 -5.51 -25.64 -41.27
N LEU E 22 -5.90 -24.47 -40.77
CA LEU E 22 -6.08 -24.29 -39.33
C LEU E 22 -7.54 -24.56 -38.93
N THR E 23 -8.47 -24.19 -39.80
CA THR E 23 -9.89 -24.43 -39.53
C THR E 23 -10.09 -25.91 -39.25
N ASN E 24 -9.37 -26.74 -40.00
CA ASN E 24 -9.44 -28.19 -39.84
C ASN E 24 -8.60 -28.59 -38.64
N PHE E 25 -7.49 -27.89 -38.44
CA PHE E 25 -6.59 -28.16 -37.32
C PHE E 25 -7.38 -28.01 -36.03
N LEU E 26 -8.30 -27.05 -36.00
CA LEU E 26 -9.12 -26.79 -34.81
C LEU E 26 -10.19 -27.86 -34.66
N LYS E 27 -10.74 -28.33 -35.77
CA LYS E 27 -11.75 -29.38 -35.74
C LYS E 27 -11.09 -30.66 -35.26
N SER E 28 -10.03 -31.07 -35.96
CA SER E 28 -9.30 -32.27 -35.62
C SER E 28 -8.71 -32.17 -34.21
N LEU E 29 -8.65 -30.96 -33.68
CA LEU E 29 -8.10 -30.73 -32.35
C LEU E 29 -9.21 -30.81 -31.30
N SER E 30 -10.45 -30.61 -31.73
CA SER E 30 -11.59 -30.66 -30.82
C SER E 30 -12.18 -32.07 -30.77
N ASP E 31 -11.36 -33.07 -31.06
CA ASP E 31 -11.81 -34.46 -31.04
C ASP E 31 -11.58 -35.07 -29.67
N GLN E 32 -11.15 -34.24 -28.72
CA GLN E 32 -10.91 -34.69 -27.36
C GLN E 32 -11.26 -33.55 -26.40
N PRO E 33 -12.55 -33.18 -26.34
CA PRO E 33 -13.07 -32.11 -25.49
C PRO E 33 -12.70 -32.22 -24.01
N ARG E 34 -11.99 -33.30 -23.66
CA ARG E 34 -11.58 -33.52 -22.27
C ARG E 34 -10.05 -33.58 -22.21
N ASP E 35 -9.41 -33.24 -23.32
CA ASP E 35 -7.95 -33.26 -23.40
C ASP E 35 -7.48 -32.29 -24.48
N LEU E 36 -7.53 -30.99 -24.17
CA LEU E 36 -7.10 -29.96 -25.11
C LEU E 36 -5.87 -29.21 -24.62
N PRO E 37 -4.68 -29.60 -25.11
CA PRO E 37 -3.44 -28.94 -24.69
C PRO E 37 -3.55 -27.42 -24.79
N HIS E 38 -2.73 -26.71 -24.01
CA HIS E 38 -2.74 -25.26 -24.02
C HIS E 38 -2.55 -24.76 -25.44
N LEU E 39 -3.02 -23.54 -25.71
CA LEU E 39 -2.93 -23.00 -27.05
C LEU E 39 -2.44 -21.55 -27.11
N LEU E 40 -1.59 -21.26 -28.08
CA LEU E 40 -1.03 -19.92 -28.28
C LEU E 40 -1.15 -19.48 -29.74
N LEU E 41 -2.16 -18.66 -30.02
CA LEU E 41 -2.39 -18.16 -31.37
C LEU E 41 -1.80 -16.77 -31.57
N TYR E 42 -0.94 -16.64 -32.58
CA TYR E 42 -0.30 -15.36 -32.87
C TYR E 42 -0.43 -14.98 -34.34
N GLY E 43 -0.46 -13.69 -34.60
CA GLY E 43 -0.57 -13.22 -35.97
C GLY E 43 -1.08 -11.80 -36.04
N PRO E 44 -1.12 -11.20 -37.25
CA PRO E 44 -1.60 -9.83 -37.44
C PRO E 44 -2.98 -9.64 -36.83
N ASN E 45 -3.51 -8.43 -36.92
CA ASN E 45 -4.84 -8.15 -36.38
C ASN E 45 -5.89 -8.40 -37.45
N GLY E 46 -7.12 -8.69 -37.01
CA GLY E 46 -8.20 -8.94 -37.95
C GLY E 46 -7.99 -10.15 -38.85
N THR E 47 -7.24 -11.14 -38.37
CA THR E 47 -6.98 -12.34 -39.16
C THR E 47 -8.05 -13.38 -38.88
N GLY E 48 -8.78 -13.18 -37.79
CA GLY E 48 -9.84 -14.10 -37.43
C GLY E 48 -9.48 -15.12 -36.37
N LYS E 49 -8.52 -14.77 -35.51
CA LYS E 49 -8.10 -15.66 -34.44
C LYS E 49 -9.01 -15.55 -33.22
N LYS E 50 -9.21 -14.34 -32.71
CA LYS E 50 -10.07 -14.15 -31.55
C LYS E 50 -11.43 -14.81 -31.78
N THR E 51 -11.89 -14.80 -33.02
CA THR E 51 -13.17 -15.42 -33.37
C THR E 51 -12.97 -16.91 -33.56
N ARG E 52 -11.80 -17.29 -34.06
CA ARG E 52 -11.50 -18.71 -34.27
C ARG E 52 -11.33 -19.35 -32.89
N CYS E 53 -11.44 -18.53 -31.84
CA CYS E 53 -11.33 -19.00 -30.46
C CYS E 53 -12.72 -19.26 -29.89
N MET E 54 -13.51 -18.20 -29.73
CA MET E 54 -14.86 -18.33 -29.19
C MET E 54 -15.76 -19.20 -30.06
N ALA E 55 -15.24 -19.59 -31.23
CA ALA E 55 -15.99 -20.45 -32.14
C ALA E 55 -15.59 -21.89 -31.86
N LEU E 56 -14.38 -22.06 -31.34
CA LEU E 56 -13.85 -23.37 -31.01
C LEU E 56 -14.35 -23.81 -29.64
N LEU E 57 -14.82 -22.85 -28.85
CA LEU E 57 -15.32 -23.16 -27.52
C LEU E 57 -16.76 -23.63 -27.54
N GLU E 58 -17.47 -23.36 -28.63
CA GLU E 58 -18.85 -23.80 -28.75
C GLU E 58 -18.82 -25.15 -29.44
N SER E 59 -17.70 -25.41 -30.13
CA SER E 59 -17.50 -26.66 -30.84
C SER E 59 -17.17 -27.72 -29.79
N ILE E 60 -16.42 -27.33 -28.77
CA ILE E 60 -16.05 -28.22 -27.69
C ILE E 60 -17.11 -28.14 -26.61
N PHE E 61 -17.28 -26.97 -26.03
CA PHE E 61 -18.29 -26.77 -24.99
C PHE E 61 -19.63 -26.50 -25.65
N GLY E 62 -20.60 -26.07 -24.85
CA GLY E 62 -21.93 -25.79 -25.37
C GLY E 62 -22.01 -24.55 -26.24
N PRO E 63 -22.77 -24.59 -27.35
CA PRO E 63 -22.91 -23.44 -28.24
C PRO E 63 -23.37 -22.22 -27.48
N GLY E 64 -24.13 -22.46 -26.42
CA GLY E 64 -24.61 -21.37 -25.61
C GLY E 64 -23.45 -20.84 -24.78
N VAL E 65 -22.26 -20.85 -25.37
CA VAL E 65 -21.05 -20.36 -24.71
C VAL E 65 -20.82 -18.90 -25.03
N TYR E 66 -21.89 -18.11 -25.05
CA TYR E 66 -21.80 -16.69 -25.34
C TYR E 66 -22.64 -15.96 -24.30
N ARG E 67 -22.01 -15.11 -23.50
CA ARG E 67 -22.76 -14.38 -22.47
C ARG E 67 -22.06 -13.12 -21.95
N ASN E 86 -13.95 -6.76 -13.36
CA ASN E 86 -14.19 -6.47 -14.81
C ASN E 86 -13.63 -7.56 -15.73
N VAL E 87 -14.43 -8.58 -15.96
CA VAL E 87 -14.04 -9.70 -16.82
C VAL E 87 -15.21 -10.18 -17.67
N VAL E 88 -14.88 -10.78 -18.81
CA VAL E 88 -15.89 -11.33 -19.72
C VAL E 88 -16.07 -12.80 -19.38
N SER E 89 -17.03 -13.09 -18.51
CA SER E 89 -17.28 -14.46 -18.09
C SER E 89 -18.40 -15.14 -18.88
N SER E 90 -18.31 -16.46 -18.94
CA SER E 90 -19.28 -17.29 -19.63
C SER E 90 -19.44 -18.57 -18.83
N PRO E 91 -20.58 -19.27 -18.99
CA PRO E 91 -20.78 -20.53 -18.25
C PRO E 91 -19.79 -21.64 -18.61
N TYR E 92 -18.74 -21.28 -19.34
CA TYR E 92 -17.73 -22.27 -19.73
C TYR E 92 -16.32 -21.69 -19.75
N HIS E 93 -16.20 -20.38 -19.99
CA HIS E 93 -14.89 -19.74 -20.05
C HIS E 93 -14.92 -18.28 -19.62
N LEU E 94 -13.73 -17.71 -19.42
CA LEU E 94 -13.60 -16.30 -19.04
C LEU E 94 -12.45 -15.68 -19.83
N GLU E 95 -12.57 -14.39 -20.13
CA GLU E 95 -11.54 -13.68 -20.88
C GLU E 95 -10.74 -12.72 -20.01
N ILE E 96 -9.42 -12.82 -20.14
CA ILE E 96 -8.51 -11.97 -19.38
C ILE E 96 -7.79 -11.01 -20.32
N THR E 97 -7.91 -9.72 -20.04
CA THR E 97 -7.28 -8.69 -20.86
C THR E 97 -6.52 -7.70 -19.97
N PRO E 98 -5.19 -7.79 -19.98
CA PRO E 98 -4.31 -6.92 -19.18
C PRO E 98 -4.32 -5.45 -19.61
N SER E 99 -5.49 -4.83 -19.60
CA SER E 99 -5.60 -3.43 -19.99
C SER E 99 -5.73 -2.58 -18.74
N ASN E 104 0.22 -2.64 -11.98
CA ASN E 104 0.47 -4.10 -11.83
C ASN E 104 -0.53 -4.91 -12.64
N ASP E 105 -0.38 -6.23 -12.61
CA ASP E 105 -1.27 -7.12 -13.35
C ASP E 105 -1.09 -8.57 -12.94
N ARG E 106 0.16 -8.96 -12.67
CA ARG E 106 0.47 -10.33 -12.28
C ARG E 106 -0.35 -10.77 -11.08
N ILE E 107 -0.69 -9.82 -10.20
CA ILE E 107 -1.47 -10.14 -9.02
C ILE E 107 -2.78 -10.78 -9.45
N VAL E 108 -3.45 -10.16 -10.40
CA VAL E 108 -4.71 -10.67 -10.93
C VAL E 108 -4.54 -12.07 -11.51
N ILE E 109 -3.54 -12.22 -12.37
CA ILE E 109 -3.26 -13.50 -13.01
C ILE E 109 -3.20 -14.65 -12.01
N GLN E 110 -2.19 -14.63 -11.14
CA GLN E 110 -2.01 -15.68 -10.14
C GLN E 110 -3.17 -15.84 -9.16
N GLU E 111 -3.85 -14.74 -8.84
CA GLU E 111 -4.98 -14.82 -7.91
C GLU E 111 -6.26 -15.32 -8.55
N LEU E 112 -6.77 -14.56 -9.52
CA LEU E 112 -8.01 -14.93 -10.20
C LEU E 112 -7.93 -16.37 -10.70
N LEU E 113 -6.91 -16.66 -11.49
CA LEU E 113 -6.73 -18.01 -12.03
C LEU E 113 -6.83 -19.09 -10.96
N LYS E 114 -5.90 -19.07 -10.01
CA LYS E 114 -5.91 -20.07 -8.95
C LYS E 114 -7.28 -20.23 -8.31
N GLU E 115 -8.04 -19.14 -8.21
CA GLU E 115 -9.38 -19.22 -7.62
C GLU E 115 -10.29 -20.01 -8.55
N VAL E 116 -10.08 -19.82 -9.85
CA VAL E 116 -10.86 -20.52 -10.86
C VAL E 116 -10.44 -21.98 -10.89
N ALA E 117 -9.37 -22.30 -10.17
CA ALA E 117 -8.86 -23.67 -10.10
C ALA E 117 -9.74 -24.50 -9.19
N GLN E 118 -10.69 -23.84 -8.55
CA GLN E 118 -11.62 -24.51 -7.66
C GLN E 118 -12.77 -25.11 -8.46
N MET E 119 -12.61 -25.12 -9.79
CA MET E 119 -13.62 -25.68 -10.67
C MET E 119 -13.39 -27.16 -10.86
N GLU E 120 -13.77 -27.92 -9.84
CA GLU E 120 -13.63 -29.37 -9.84
C GLU E 120 -14.68 -29.96 -8.89
N GLN E 121 -14.88 -29.28 -7.76
CA GLN E 121 -15.84 -29.70 -6.76
C GLN E 121 -17.26 -29.30 -7.16
N ARG E 134 -13.70 -31.70 -17.11
CA ARG E 134 -14.44 -30.72 -16.26
C ARG E 134 -13.68 -29.42 -16.06
N TYR E 135 -12.50 -29.30 -16.67
CA TYR E 135 -11.69 -28.10 -16.53
C TYR E 135 -12.41 -26.84 -17.03
N LYS E 136 -11.69 -25.73 -17.01
CA LYS E 136 -12.25 -24.45 -17.47
C LYS E 136 -11.24 -23.74 -18.35
N CYS E 137 -11.72 -23.10 -19.42
CA CYS E 137 -10.84 -22.40 -20.34
C CYS E 137 -10.71 -20.92 -20.04
N VAL E 138 -9.49 -20.42 -20.18
CA VAL E 138 -9.17 -19.02 -19.94
C VAL E 138 -8.42 -18.46 -21.14
N ILE E 139 -8.95 -17.38 -21.70
CA ILE E 139 -8.32 -16.74 -22.86
C ILE E 139 -7.56 -15.50 -22.44
N ILE E 140 -6.27 -15.48 -22.75
CA ILE E 140 -5.42 -14.34 -22.43
C ILE E 140 -5.26 -13.47 -23.68
N ASN E 141 -6.06 -12.42 -23.76
CA ASN E 141 -6.00 -11.52 -24.90
C ASN E 141 -4.81 -10.58 -24.77
N GLU E 142 -4.00 -10.51 -25.83
CA GLU E 142 -2.82 -9.66 -25.83
C GLU E 142 -1.80 -10.19 -24.84
N ALA E 143 -1.32 -11.42 -25.09
CA ALA E 143 -0.34 -12.05 -24.23
C ALA E 143 0.97 -11.28 -24.28
N ASN E 144 0.99 -10.21 -25.05
CA ASN E 144 2.17 -9.36 -25.19
C ASN E 144 2.13 -8.29 -24.11
N SER E 145 0.92 -7.93 -23.69
CA SER E 145 0.73 -6.93 -22.66
C SER E 145 1.07 -7.47 -21.28
N LEU E 146 1.59 -8.69 -21.24
CA LEU E 146 1.97 -9.30 -19.97
C LEU E 146 3.43 -9.06 -19.66
N THR E 147 3.71 -8.64 -18.43
CA THR E 147 5.07 -8.35 -17.99
C THR E 147 5.83 -9.63 -17.68
N LYS E 148 7.14 -9.61 -17.89
CA LYS E 148 7.99 -10.77 -17.61
C LYS E 148 7.70 -11.36 -16.23
N ASP E 149 7.52 -10.48 -15.25
CA ASP E 149 7.25 -10.91 -13.89
C ASP E 149 5.85 -11.49 -13.74
N ALA E 150 4.98 -11.18 -14.70
CA ALA E 150 3.62 -11.68 -14.69
C ALA E 150 3.60 -13.06 -15.34
N GLN E 151 4.17 -13.14 -16.54
CA GLN E 151 4.23 -14.39 -17.29
C GLN E 151 4.77 -15.52 -16.42
N ALA E 152 5.89 -15.27 -15.75
CA ALA E 152 6.50 -16.27 -14.87
C ALA E 152 5.48 -16.85 -13.90
N ALA E 153 4.53 -16.02 -13.50
CA ALA E 153 3.49 -16.46 -12.58
C ALA E 153 2.49 -17.35 -13.30
N LEU E 154 1.99 -16.87 -14.44
CA LEU E 154 1.04 -17.63 -15.23
C LEU E 154 1.64 -18.99 -15.60
N ARG E 155 2.91 -18.98 -15.98
CA ARG E 155 3.59 -20.22 -16.32
C ARG E 155 3.41 -21.25 -15.21
N ARG E 156 4.06 -21.00 -14.08
CA ARG E 156 3.96 -21.89 -12.93
C ARG E 156 2.51 -22.28 -12.69
N THR E 157 1.61 -21.31 -12.87
CA THR E 157 0.19 -21.55 -12.67
C THR E 157 -0.30 -22.61 -13.66
N MET E 158 0.22 -22.57 -14.87
CA MET E 158 -0.16 -23.55 -15.91
C MET E 158 0.27 -24.94 -15.47
N GLU E 159 1.56 -25.09 -15.23
CA GLU E 159 2.15 -26.36 -14.80
C GLU E 159 1.49 -26.87 -13.52
N LYS E 160 0.93 -25.95 -12.75
CA LYS E 160 0.27 -26.29 -11.50
C LYS E 160 -1.06 -26.98 -11.75
N TYR E 161 -2.15 -26.21 -11.73
CA TYR E 161 -3.48 -26.76 -11.94
C TYR E 161 -3.84 -26.86 -13.42
N SER E 162 -2.96 -27.47 -14.19
CA SER E 162 -3.20 -27.63 -15.62
C SER E 162 -4.36 -28.59 -15.83
N LYS E 163 -4.68 -29.37 -14.79
CA LYS E 163 -5.77 -30.32 -14.85
C LYS E 163 -7.10 -29.61 -14.88
N ASN E 164 -7.28 -28.63 -14.00
CA ASN E 164 -8.52 -27.88 -13.91
C ASN E 164 -8.54 -26.64 -14.80
N ILE E 165 -7.40 -26.33 -15.44
CA ILE E 165 -7.32 -25.14 -16.28
C ILE E 165 -6.64 -25.32 -17.65
N ARG E 166 -7.23 -24.70 -18.66
CA ARG E 166 -6.69 -24.75 -20.02
C ARG E 166 -6.61 -23.32 -20.55
N LEU E 167 -5.43 -22.92 -21.03
CA LEU E 167 -5.25 -21.56 -21.52
C LEU E 167 -5.24 -21.37 -23.03
N ILE E 168 -5.94 -20.34 -23.47
CA ILE E 168 -6.03 -19.98 -24.88
C ILE E 168 -5.51 -18.55 -24.97
N MET E 169 -4.25 -18.40 -25.38
CA MET E 169 -3.63 -17.09 -25.45
C MET E 169 -3.57 -16.49 -26.85
N VAL E 170 -4.32 -15.40 -27.04
CA VAL E 170 -4.37 -14.69 -28.31
C VAL E 170 -3.35 -13.57 -28.26
N CYS E 171 -2.59 -13.42 -29.34
CA CYS E 171 -1.58 -12.37 -29.40
C CYS E 171 -1.01 -12.22 -30.80
N ASP E 172 -0.07 -11.30 -30.94
CA ASP E 172 0.59 -11.03 -32.22
C ASP E 172 2.07 -10.91 -31.95
N SER E 173 2.89 -11.60 -32.73
CA SER E 173 4.32 -11.58 -32.56
C SER E 173 4.68 -12.28 -31.25
N MET E 174 4.91 -13.59 -31.34
CA MET E 174 5.24 -14.40 -30.17
C MET E 174 6.66 -14.10 -29.68
N SER E 175 7.03 -12.82 -29.67
CA SER E 175 8.36 -12.43 -29.23
C SER E 175 8.45 -12.26 -27.72
N PRO E 176 7.57 -11.43 -27.13
CA PRO E 176 7.60 -11.24 -25.67
C PRO E 176 6.95 -12.36 -24.84
N ILE E 177 7.10 -13.61 -25.30
CA ILE E 177 6.53 -14.74 -24.57
C ILE E 177 7.63 -15.71 -24.15
N ILE E 178 7.94 -15.73 -22.85
CA ILE E 178 8.99 -16.60 -22.33
C ILE E 178 8.86 -18.03 -22.84
N ALA E 179 10.01 -18.66 -23.06
CA ALA E 179 10.05 -20.03 -23.57
C ALA E 179 9.30 -21.04 -22.71
N PRO E 180 9.41 -20.93 -21.37
CA PRO E 180 8.71 -21.86 -20.47
C PRO E 180 7.24 -22.03 -20.84
N ILE E 181 6.70 -21.07 -21.58
CA ILE E 181 5.30 -21.11 -22.00
C ILE E 181 5.17 -21.72 -23.39
N LYS E 182 6.09 -21.39 -24.28
CA LYS E 182 6.06 -21.91 -25.65
C LYS E 182 6.02 -23.44 -25.64
N SER E 183 6.81 -24.05 -24.76
CA SER E 183 6.88 -25.49 -24.66
C SER E 183 5.87 -26.01 -23.63
N GLN E 184 4.64 -25.52 -23.73
CA GLN E 184 3.57 -25.93 -22.83
C GLN E 184 2.24 -25.48 -23.43
N CYS E 185 2.26 -25.24 -24.73
CA CYS E 185 1.07 -24.81 -25.47
C CYS E 185 1.37 -24.91 -26.96
N LEU E 186 0.32 -25.20 -27.74
CA LEU E 186 0.48 -25.32 -29.19
C LEU E 186 0.96 -24.02 -29.80
N LEU E 187 2.10 -24.08 -30.49
CA LEU E 187 2.66 -22.92 -31.15
C LEU E 187 1.96 -22.78 -32.49
N ILE E 188 0.77 -22.18 -32.45
CA ILE E 188 -0.03 -22.01 -33.66
C ILE E 188 0.01 -20.58 -34.20
N ARG E 189 0.33 -20.45 -35.49
CA ARG E 189 0.39 -19.14 -36.13
C ARG E 189 -0.97 -18.80 -36.74
N CYS E 190 -1.16 -17.57 -37.17
CA CYS E 190 -2.43 -17.17 -37.76
C CYS E 190 -2.29 -16.20 -38.92
N PRO E 191 -1.68 -16.65 -40.02
CA PRO E 191 -1.49 -15.79 -41.20
C PRO E 191 -2.81 -15.23 -41.70
N ALA E 192 -2.80 -13.95 -42.08
CA ALA E 192 -3.99 -13.27 -42.57
C ALA E 192 -4.39 -13.81 -43.94
N PRO E 193 -5.66 -13.58 -44.34
CA PRO E 193 -6.20 -14.04 -45.62
C PRO E 193 -5.58 -13.35 -46.83
N SER E 194 -5.58 -14.04 -47.97
CA SER E 194 -5.04 -13.49 -49.20
C SER E 194 -6.04 -12.50 -49.80
N ASP E 195 -5.52 -11.56 -50.58
CA ASP E 195 -6.37 -10.56 -51.21
C ASP E 195 -7.58 -11.20 -51.86
N SER E 196 -7.35 -12.26 -52.64
CA SER E 196 -8.41 -12.97 -53.34
C SER E 196 -9.36 -13.71 -52.41
N GLU E 197 -8.87 -14.10 -51.24
CA GLU E 197 -9.69 -14.83 -50.27
C GLU E 197 -10.51 -13.88 -49.39
N ILE E 198 -10.03 -12.65 -49.25
CA ILE E 198 -10.73 -11.67 -48.44
C ILE E 198 -11.95 -11.14 -49.19
N SER E 199 -11.83 -11.01 -50.50
CA SER E 199 -12.92 -10.53 -51.34
C SER E 199 -14.09 -11.50 -51.28
N THR E 200 -13.77 -12.79 -51.26
CA THR E 200 -14.78 -13.85 -51.21
C THR E 200 -15.75 -13.63 -50.04
N ILE E 201 -15.20 -13.34 -48.87
CA ILE E 201 -16.01 -13.12 -47.69
C ILE E 201 -16.72 -11.77 -47.76
N LEU E 202 -16.33 -10.96 -48.73
CA LEU E 202 -16.93 -9.64 -48.91
C LEU E 202 -18.24 -9.67 -49.69
N SER E 203 -18.17 -10.06 -50.96
CA SER E 203 -19.35 -10.13 -51.82
C SER E 203 -20.48 -10.91 -51.17
N ASP E 204 -20.16 -11.64 -50.11
CA ASP E 204 -21.15 -12.42 -49.40
C ASP E 204 -22.03 -11.49 -48.56
N VAL E 205 -21.38 -10.60 -47.82
CA VAL E 205 -22.08 -9.66 -46.95
C VAL E 205 -23.11 -8.83 -47.70
N VAL E 206 -22.77 -8.38 -48.90
CA VAL E 206 -23.68 -7.57 -49.71
C VAL E 206 -24.90 -8.39 -50.09
N THR E 207 -24.66 -9.65 -50.43
CA THR E 207 -25.72 -10.57 -50.83
C THR E 207 -26.81 -10.66 -49.77
N ASN E 208 -26.46 -10.36 -48.52
CA ASN E 208 -27.42 -10.41 -47.42
C ASN E 208 -27.93 -9.02 -47.08
N GLU E 209 -27.05 -8.03 -47.19
CA GLU E 209 -27.43 -6.65 -46.89
C GLU E 209 -28.06 -5.99 -48.12
N ARG E 210 -28.23 -6.78 -49.19
CA ARG E 210 -28.81 -6.29 -50.43
C ARG E 210 -28.03 -5.10 -50.98
N ILE E 211 -26.76 -5.31 -51.26
CA ILE E 211 -25.89 -4.26 -51.80
C ILE E 211 -25.67 -4.49 -53.29
N GLN E 212 -25.40 -3.42 -54.02
CA GLN E 212 -25.19 -3.52 -55.45
C GLN E 212 -23.72 -3.39 -55.86
N LEU E 213 -23.07 -4.52 -56.06
CA LEU E 213 -21.67 -4.56 -56.47
C LEU E 213 -21.55 -4.39 -57.97
N GLU E 214 -21.07 -3.23 -58.41
CA GLU E 214 -20.92 -2.99 -59.84
C GLU E 214 -19.95 -3.99 -60.47
N THR E 215 -18.91 -4.35 -59.73
CA THR E 215 -17.92 -5.29 -60.23
C THR E 215 -17.05 -5.81 -59.08
N LYS E 216 -16.12 -6.71 -59.41
CA LYS E 216 -15.23 -7.30 -58.42
C LYS E 216 -14.20 -6.27 -57.96
N ASP E 217 -13.83 -5.37 -58.87
CA ASP E 217 -12.84 -4.34 -58.57
C ASP E 217 -13.06 -3.74 -57.20
N ILE E 218 -14.21 -3.11 -57.00
CA ILE E 218 -14.55 -2.47 -55.73
C ILE E 218 -14.17 -3.31 -54.52
N LEU E 219 -14.23 -4.63 -54.65
CA LEU E 219 -13.89 -5.52 -53.56
C LEU E 219 -12.40 -5.77 -53.46
N LYS E 220 -11.81 -6.35 -54.50
CA LYS E 220 -10.38 -6.65 -54.53
C LYS E 220 -9.52 -5.45 -54.13
N ARG E 221 -10.04 -4.25 -54.34
CA ARG E 221 -9.33 -3.04 -53.98
C ARG E 221 -9.31 -2.93 -52.46
N ILE E 222 -10.43 -3.27 -51.85
CA ILE E 222 -10.58 -3.23 -50.40
C ILE E 222 -9.60 -4.16 -49.71
N ALA E 223 -9.51 -5.39 -50.21
CA ALA E 223 -8.59 -6.38 -49.65
C ALA E 223 -7.18 -5.83 -49.60
N GLN E 224 -6.77 -5.19 -50.70
CA GLN E 224 -5.45 -4.61 -50.79
C GLN E 224 -5.36 -3.32 -49.98
N ALA E 225 -6.53 -2.76 -49.65
CA ALA E 225 -6.58 -1.53 -48.88
C ALA E 225 -6.29 -1.78 -47.40
N SER E 226 -6.90 -2.82 -46.84
CA SER E 226 -6.70 -3.18 -45.45
C SER E 226 -5.48 -4.09 -45.32
N ASN E 227 -4.96 -4.51 -46.47
CA ASN E 227 -3.79 -5.38 -46.53
C ASN E 227 -3.98 -6.70 -45.78
N GLY E 228 -5.22 -7.07 -45.50
CA GLY E 228 -5.48 -8.32 -44.81
C GLY E 228 -6.28 -8.24 -43.53
N ASN E 229 -6.51 -7.03 -43.03
CA ASN E 229 -7.27 -6.88 -41.80
C ASN E 229 -8.76 -7.07 -42.04
N LEU E 230 -9.25 -8.29 -41.86
CA LEU E 230 -10.67 -8.56 -42.07
C LEU E 230 -11.52 -7.64 -41.21
N ARG E 231 -10.98 -7.25 -40.05
CA ARG E 231 -11.70 -6.35 -39.17
C ARG E 231 -11.85 -5.01 -39.88
N VAL E 232 -10.94 -4.74 -40.81
CA VAL E 232 -10.97 -3.50 -41.57
C VAL E 232 -11.72 -3.71 -42.88
N SER E 233 -11.19 -4.57 -43.74
CA SER E 233 -11.80 -4.86 -45.03
C SER E 233 -13.32 -4.98 -44.94
N LEU E 234 -13.81 -5.53 -43.84
CA LEU E 234 -15.23 -5.69 -43.62
C LEU E 234 -15.83 -4.40 -43.08
N LEU E 235 -15.28 -3.93 -41.96
CA LEU E 235 -15.73 -2.70 -41.33
C LEU E 235 -15.55 -1.55 -42.33
N MET E 236 -14.84 -1.85 -43.41
CA MET E 236 -14.56 -0.90 -44.49
C MET E 236 -15.68 -1.01 -45.53
N LEU E 237 -15.92 -2.23 -45.97
CA LEU E 237 -16.96 -2.53 -46.96
C LEU E 237 -18.34 -2.07 -46.49
N GLU E 238 -18.43 -1.69 -45.22
CA GLU E 238 -19.68 -1.22 -44.65
C GLU E 238 -19.63 0.30 -44.66
N SER E 239 -18.42 0.83 -44.58
CA SER E 239 -18.20 2.26 -44.57
C SER E 239 -18.47 2.85 -45.95
N MET E 240 -17.66 2.47 -46.92
CA MET E 240 -17.84 2.96 -48.28
C MET E 240 -19.06 2.35 -48.94
N ALA E 241 -19.93 1.76 -48.12
CA ALA E 241 -21.15 1.16 -48.62
C ALA E 241 -22.32 2.01 -48.15
N LEU E 242 -22.17 2.63 -46.98
CA LEU E 242 -23.20 3.49 -46.43
C LEU E 242 -23.04 4.90 -46.98
N ASN E 243 -21.93 5.13 -47.68
CA ASN E 243 -21.65 6.44 -48.25
C ASN E 243 -21.90 6.44 -49.75
N ASN E 244 -22.03 5.24 -50.34
CA ASN E 244 -22.30 5.11 -51.76
C ASN E 244 -23.75 4.66 -51.98
N GLU E 245 -24.56 4.85 -50.94
CA GLU E 245 -25.98 4.50 -50.97
C GLU E 245 -26.24 3.02 -51.28
N LEU E 246 -25.34 2.15 -50.82
CA LEU E 246 -25.47 0.72 -51.03
C LEU E 246 -25.34 0.33 -52.50
N ALA E 247 -24.79 1.24 -53.28
CA ALA E 247 -24.59 1.03 -54.72
C ALA E 247 -23.12 1.28 -55.03
N LEU E 248 -22.30 0.24 -54.90
CA LEU E 248 -20.87 0.35 -55.16
C LEU E 248 -20.56 0.59 -56.63
N LYS E 249 -19.94 1.74 -56.90
CA LYS E 249 -19.57 2.16 -58.25
C LYS E 249 -18.05 2.23 -58.42
N SER E 250 -17.58 2.20 -59.66
CA SER E 250 -16.14 2.26 -59.93
C SER E 250 -15.48 3.41 -59.17
N SER E 251 -16.25 4.43 -58.82
CA SER E 251 -15.72 5.55 -58.06
C SER E 251 -15.84 5.11 -56.60
N SER E 252 -14.78 4.51 -56.09
CA SER E 252 -14.76 3.98 -54.74
C SER E 252 -14.00 4.81 -53.69
N PRO E 253 -14.69 5.76 -53.03
CA PRO E 253 -14.03 6.58 -52.00
C PRO E 253 -13.73 5.69 -50.78
N ILE E 254 -12.54 5.10 -50.77
CA ILE E 254 -12.12 4.22 -49.68
C ILE E 254 -12.35 4.82 -48.30
N ILE E 255 -12.46 3.95 -47.29
CA ILE E 255 -12.67 4.37 -45.90
C ILE E 255 -11.54 5.27 -45.43
N LYS E 256 -11.89 6.32 -44.71
CA LYS E 256 -10.89 7.25 -44.22
C LYS E 256 -11.28 7.74 -42.84
N PRO E 257 -10.94 6.95 -41.80
CA PRO E 257 -11.23 7.25 -40.39
C PRO E 257 -10.79 8.63 -39.94
N ASP E 258 -11.33 9.08 -38.82
CA ASP E 258 -11.02 10.38 -38.23
C ASP E 258 -9.52 10.63 -38.14
N TRP E 259 -8.78 9.65 -37.65
CA TRP E 259 -7.34 9.79 -37.48
C TRP E 259 -6.51 9.59 -38.74
N ILE E 260 -6.51 8.36 -39.27
CA ILE E 260 -5.71 8.04 -40.46
C ILE E 260 -5.57 9.20 -41.43
N ILE E 261 -6.64 9.97 -41.61
CA ILE E 261 -6.57 11.11 -42.51
C ILE E 261 -5.59 12.13 -41.94
N VAL E 262 -5.91 12.64 -40.74
CA VAL E 262 -5.07 13.63 -40.07
C VAL E 262 -3.59 13.30 -40.16
N ILE E 263 -3.26 12.02 -40.03
CA ILE E 263 -1.86 11.61 -40.12
C ILE E 263 -1.31 12.00 -41.49
N HIS E 264 -2.05 11.67 -42.54
CA HIS E 264 -1.63 11.98 -43.90
C HIS E 264 -1.48 13.49 -44.13
N LYS E 265 -2.37 14.28 -43.56
CA LYS E 265 -2.29 15.74 -43.72
C LYS E 265 -1.01 16.21 -43.03
N LEU E 266 -0.58 15.46 -42.02
CA LEU E 266 0.63 15.79 -41.30
C LEU E 266 1.82 15.28 -42.11
N THR E 267 1.62 14.14 -42.76
CA THR E 267 2.66 13.55 -43.58
C THR E 267 3.02 14.52 -44.70
N ARG E 268 2.01 15.28 -45.15
CA ARG E 268 2.18 16.27 -46.20
C ARG E 268 3.00 17.44 -45.67
N LYS E 269 2.42 18.15 -44.72
CA LYS E 269 3.08 19.30 -44.10
C LYS E 269 4.55 19.02 -43.83
N ILE E 270 4.88 17.77 -43.52
CA ILE E 270 6.25 17.37 -43.22
C ILE E 270 7.18 17.39 -44.44
N VAL E 271 6.62 17.15 -45.61
CA VAL E 271 7.43 17.16 -46.82
C VAL E 271 7.44 18.53 -47.49
N LYS E 272 6.36 19.28 -47.33
CA LYS E 272 6.26 20.61 -47.92
C LYS E 272 7.10 21.60 -47.13
N GLU E 273 6.54 22.04 -46.00
CA GLU E 273 7.18 23.02 -45.12
C GLU E 273 8.05 22.36 -44.03
N ARG E 274 9.36 22.31 -44.27
CA ARG E 274 10.29 21.72 -43.31
C ARG E 274 11.00 22.81 -42.50
N SER E 275 10.27 23.50 -41.64
CA SER E 275 10.85 24.56 -40.82
C SER E 275 10.40 24.43 -39.37
N VAL E 276 11.15 25.08 -38.49
CA VAL E 276 10.83 25.07 -37.07
C VAL E 276 9.39 25.53 -36.86
N ASN E 277 9.01 26.59 -37.55
CA ASN E 277 7.66 27.12 -37.42
C ASN E 277 6.64 26.07 -37.84
N SER E 278 7.00 25.25 -38.83
CA SER E 278 6.12 24.19 -39.29
C SER E 278 5.97 23.16 -38.18
N LEU E 279 7.12 22.70 -37.67
CA LEU E 279 7.16 21.71 -36.60
C LEU E 279 6.17 22.11 -35.51
N ILE E 280 6.22 23.37 -35.07
CA ILE E 280 5.30 23.82 -34.03
C ILE E 280 3.87 23.41 -34.36
N GLU E 281 3.52 23.50 -35.64
CA GLU E 281 2.18 23.15 -36.07
C GLU E 281 1.93 21.67 -35.89
N CYS E 282 2.83 20.85 -36.42
CA CYS E 282 2.72 19.40 -36.31
C CYS E 282 2.45 19.02 -34.86
N ARG E 283 2.97 19.82 -33.94
CA ARG E 283 2.79 19.59 -32.52
C ARG E 283 1.32 19.47 -32.20
N ALA E 284 0.59 20.58 -32.35
CA ALA E 284 -0.84 20.62 -32.08
C ALA E 284 -1.57 19.42 -32.69
N VAL E 285 -1.15 18.99 -33.88
CA VAL E 285 -1.77 17.84 -34.52
C VAL E 285 -1.55 16.58 -33.68
N LEU E 286 -0.30 16.34 -33.31
CA LEU E 286 0.07 15.19 -32.49
C LEU E 286 -0.69 15.29 -31.17
N TYR E 287 -0.59 16.45 -30.54
CA TYR E 287 -1.24 16.69 -29.27
C TYR E 287 -2.72 16.34 -29.32
N ASP E 288 -3.32 16.45 -30.49
CA ASP E 288 -4.74 16.15 -30.63
C ASP E 288 -5.00 14.71 -31.03
N LEU E 289 -4.03 14.07 -31.66
CA LEU E 289 -4.21 12.66 -32.02
C LEU E 289 -4.14 11.85 -30.72
N LEU E 290 -3.28 12.31 -29.81
CA LEU E 290 -3.08 11.66 -28.52
C LEU E 290 -4.23 11.93 -27.56
N ALA E 291 -4.72 13.16 -27.54
CA ALA E 291 -5.82 13.52 -26.66
C ALA E 291 -7.13 12.86 -27.09
N HIS E 292 -7.12 12.26 -28.27
CA HIS E 292 -8.32 11.57 -28.78
C HIS E 292 -8.01 10.08 -28.78
N CYS E 293 -7.59 9.60 -27.61
CA CYS E 293 -7.26 8.21 -27.37
C CYS E 293 -6.69 7.43 -28.55
N ILE E 294 -5.61 7.94 -29.13
CA ILE E 294 -4.95 7.26 -30.24
C ILE E 294 -3.52 6.95 -29.78
N PRO E 295 -3.15 5.67 -29.82
CA PRO E 295 -1.80 5.24 -29.40
C PRO E 295 -0.68 5.99 -30.12
N ALA E 296 0.25 6.51 -29.33
CA ALA E 296 1.39 7.23 -29.87
C ALA E 296 2.25 6.31 -30.73
N ASN E 297 2.43 5.08 -30.28
CA ASN E 297 3.22 4.13 -31.06
C ASN E 297 2.46 3.81 -32.34
N ILE E 298 1.18 4.13 -32.35
CA ILE E 298 0.34 3.89 -33.52
C ILE E 298 0.58 5.03 -34.51
N ILE E 299 0.57 6.26 -34.00
CA ILE E 299 0.80 7.44 -34.82
C ILE E 299 2.13 7.24 -35.54
N LEU E 300 3.17 6.91 -34.77
CA LEU E 300 4.49 6.68 -35.35
C LEU E 300 4.42 5.66 -36.48
N LYS E 301 3.82 4.52 -36.21
CA LYS E 301 3.70 3.45 -37.20
C LYS E 301 3.14 3.96 -38.53
N GLU E 302 1.88 4.37 -38.53
CA GLU E 302 1.26 4.86 -39.77
C GLU E 302 2.09 5.95 -40.43
N LEU E 303 2.50 6.93 -39.63
CA LEU E 303 3.30 8.04 -40.14
C LEU E 303 4.62 7.57 -40.75
N THR E 304 5.29 6.66 -40.06
CA THR E 304 6.57 6.12 -40.53
C THR E 304 6.45 5.49 -41.92
N PHE E 305 5.28 4.94 -42.23
CA PHE E 305 5.08 4.31 -43.52
C PHE E 305 4.36 5.18 -44.53
N SER E 306 3.50 6.08 -44.07
CA SER E 306 2.80 6.96 -44.99
C SER E 306 3.79 8.00 -45.51
N LEU E 307 5.05 7.84 -45.12
CA LEU E 307 6.13 8.73 -45.55
C LEU E 307 6.96 7.97 -46.57
N LEU E 308 7.09 6.67 -46.35
CA LEU E 308 7.87 5.83 -47.24
C LEU E 308 7.13 5.61 -48.55
N ASP E 309 5.83 5.88 -48.56
CA ASP E 309 5.03 5.71 -49.76
C ASP E 309 5.03 6.99 -50.59
N VAL E 310 5.77 7.99 -50.12
CA VAL E 310 5.88 9.26 -50.81
C VAL E 310 6.94 9.13 -51.92
N GLU E 311 6.49 9.24 -53.17
CA GLU E 311 7.37 9.13 -54.32
C GLU E 311 8.40 10.25 -54.38
N THR E 312 8.02 11.41 -53.83
CA THR E 312 8.89 12.58 -53.81
C THR E 312 10.05 12.43 -52.82
N LEU E 313 10.51 11.19 -52.61
CA LEU E 313 11.61 10.93 -51.67
C LEU E 313 12.52 9.84 -52.22
N ASN E 314 13.82 10.10 -52.22
CA ASN E 314 14.79 9.14 -52.75
C ASN E 314 15.23 8.11 -51.71
N THR E 315 15.85 7.04 -52.19
CA THR E 315 16.34 5.97 -51.33
C THR E 315 16.94 6.48 -50.02
N THR E 316 17.67 7.58 -50.10
CA THR E 316 18.29 8.16 -48.90
C THR E 316 17.27 8.59 -47.85
N ASN E 317 16.46 9.59 -48.18
CA ASN E 317 15.45 10.08 -47.26
C ASN E 317 14.73 8.96 -46.53
N LYS E 318 14.23 7.98 -47.29
CA LYS E 318 13.50 6.86 -46.73
C LYS E 318 14.31 5.99 -45.77
N SER E 319 15.44 5.47 -46.24
CA SER E 319 16.28 4.62 -45.39
C SER E 319 16.75 5.34 -44.13
N SER E 320 16.63 6.66 -44.13
CA SER E 320 17.01 7.44 -42.96
C SER E 320 15.76 7.70 -42.10
N ILE E 321 14.60 7.62 -42.72
CA ILE E 321 13.34 7.81 -42.02
C ILE E 321 13.01 6.59 -41.16
N ILE E 322 13.15 5.39 -41.72
CA ILE E 322 12.86 4.19 -40.94
C ILE E 322 13.80 4.13 -39.76
N GLU E 323 15.09 4.30 -40.02
CA GLU E 323 16.08 4.27 -38.97
C GLU E 323 15.63 5.19 -37.85
N TYR E 324 15.23 6.41 -38.19
CA TYR E 324 14.79 7.36 -37.19
C TYR E 324 13.56 6.85 -36.44
N SER E 325 12.73 6.06 -37.11
CA SER E 325 11.54 5.52 -36.44
C SER E 325 11.95 4.31 -35.61
N SER E 326 12.90 3.54 -36.14
CA SER E 326 13.41 2.36 -35.45
C SER E 326 13.94 2.85 -34.11
N VAL E 327 14.68 3.95 -34.15
CA VAL E 327 15.25 4.54 -32.95
C VAL E 327 14.17 5.15 -32.05
N PHE E 328 13.36 6.04 -32.60
CA PHE E 328 12.33 6.67 -31.79
C PHE E 328 11.23 5.72 -31.33
N ASP E 329 11.18 4.53 -31.92
CA ASP E 329 10.19 3.54 -31.50
C ASP E 329 10.61 3.15 -30.09
N GLU E 330 11.85 2.70 -29.98
CA GLU E 330 12.44 2.31 -28.72
C GLU E 330 12.20 3.41 -27.69
N ARG E 331 12.50 4.65 -28.08
CA ARG E 331 12.32 5.81 -27.20
C ARG E 331 10.95 5.80 -26.53
N LEU E 332 9.92 5.51 -27.33
CA LEU E 332 8.54 5.48 -26.84
C LEU E 332 8.31 4.41 -25.79
N SER E 333 8.80 3.21 -26.06
CA SER E 333 8.62 2.09 -25.14
C SER E 333 9.52 2.20 -23.91
N LEU E 334 10.37 3.24 -23.86
CA LEU E 334 11.27 3.42 -22.72
C LEU E 334 10.99 4.70 -21.94
N GLY E 335 9.93 5.42 -22.28
CA GLY E 335 9.60 6.66 -21.59
C GLY E 335 8.11 6.79 -21.43
N ASN E 336 7.62 7.95 -20.99
CA ASN E 336 6.18 8.13 -20.83
C ASN E 336 5.54 9.24 -21.65
N LYS E 337 6.10 10.45 -21.61
CA LYS E 337 5.52 11.55 -22.39
C LYS E 337 5.75 11.35 -23.89
N ALA E 338 4.74 10.79 -24.55
CA ALA E 338 4.79 10.46 -25.97
C ALA E 338 5.15 11.55 -26.98
N ILE E 339 4.60 12.76 -26.84
CA ILE E 339 4.94 13.80 -27.81
C ILE E 339 6.44 14.00 -27.90
N PHE E 340 7.09 14.15 -26.74
CA PHE E 340 8.54 14.36 -26.71
C PHE E 340 9.26 13.43 -27.67
N HIS E 341 8.72 12.24 -27.88
CA HIS E 341 9.35 11.27 -28.77
C HIS E 341 8.89 11.39 -30.22
N LEU E 342 7.60 11.61 -30.42
CA LEU E 342 7.07 11.76 -31.77
C LEU E 342 7.57 13.05 -32.40
N GLU E 343 7.67 14.11 -31.59
CA GLU E 343 8.15 15.39 -32.08
C GLU E 343 9.61 15.28 -32.52
N GLY E 344 10.44 14.67 -31.67
CA GLY E 344 11.84 14.52 -31.99
C GLY E 344 12.00 13.71 -33.27
N PHE E 345 11.02 12.85 -33.55
CA PHE E 345 11.05 12.02 -34.73
C PHE E 345 10.85 12.89 -35.96
N ILE E 346 9.87 13.78 -35.87
CA ILE E 346 9.57 14.67 -36.98
C ILE E 346 10.73 15.63 -37.25
N ALA E 347 11.37 16.11 -36.19
CA ALA E 347 12.50 17.03 -36.32
C ALA E 347 13.66 16.41 -37.10
N LYS E 348 13.95 15.14 -36.82
CA LYS E 348 15.03 14.44 -37.51
C LYS E 348 14.65 14.21 -38.96
N VAL E 349 13.35 14.19 -39.22
CA VAL E 349 12.86 13.99 -40.58
C VAL E 349 12.98 15.29 -41.36
N MET E 350 12.44 16.37 -40.81
CA MET E 350 12.51 17.66 -41.48
C MET E 350 13.96 18.02 -41.82
N CYS E 351 14.92 17.38 -41.15
CA CYS E 351 16.32 17.66 -41.43
C CYS E 351 16.81 16.71 -42.50
N CYS E 352 16.32 15.48 -42.46
CA CYS E 352 16.72 14.49 -43.44
C CYS E 352 16.26 14.93 -44.82
N LEU E 353 15.20 15.74 -44.84
CA LEU E 353 14.65 16.25 -46.07
C LEU E 353 15.30 17.58 -46.46
N ASP E 354 14.81 18.65 -45.85
CA ASP E 354 15.30 20.00 -46.09
C ASP E 354 16.80 20.03 -46.37
N ALA F 24 7.11 -39.63 43.08
CA ALA F 24 7.83 -38.42 43.58
C ALA F 24 7.84 -37.30 42.54
N SER F 25 7.77 -36.06 43.00
CA SER F 25 7.76 -34.91 42.11
C SER F 25 8.88 -33.94 42.52
N LEU F 27 9.21 -31.10 41.71
CA LEU F 27 8.59 -29.81 41.93
C LEU F 27 7.15 -29.99 42.42
N GLU F 28 6.99 -29.94 43.75
CA GLU F 28 5.70 -30.10 44.39
C GLU F 28 5.28 -28.76 44.97
N ALA F 29 4.41 -28.04 44.27
CA ALA F 29 3.98 -26.73 44.73
C ALA F 29 2.47 -26.59 44.88
N LYS F 30 1.99 -26.60 46.13
CA LYS F 30 0.56 -26.45 46.39
C LYS F 30 0.26 -25.07 46.95
N PHE F 31 -0.57 -24.32 46.23
CA PHE F 31 -0.97 -22.99 46.63
C PHE F 31 -2.12 -23.08 47.63
N GLU F 32 -2.02 -22.33 48.71
CA GLU F 32 -3.06 -22.33 49.73
C GLU F 32 -4.41 -22.21 49.04
N GLU F 33 -4.49 -21.26 48.09
CA GLU F 33 -5.72 -21.03 47.34
C GLU F 33 -5.41 -20.79 45.87
N ALA F 34 -6.08 -21.53 45.00
CA ALA F 34 -5.87 -21.40 43.56
C ALA F 34 -6.15 -19.98 43.09
N SER F 35 -6.89 -19.23 43.91
CA SER F 35 -7.24 -17.85 43.61
C SER F 35 -6.07 -16.90 43.84
N LEU F 36 -4.93 -17.45 44.25
CA LEU F 36 -3.74 -16.66 44.52
C LEU F 36 -2.86 -16.52 43.28
N PHE F 37 -2.44 -17.65 42.72
CA PHE F 37 -1.59 -17.67 41.55
C PHE F 37 -2.31 -16.98 40.40
N LYS F 38 -3.60 -16.75 40.57
CA LYS F 38 -4.40 -16.10 39.53
C LYS F 38 -4.19 -14.59 39.52
N ARG F 39 -4.32 -13.96 40.68
CA ARG F 39 -4.14 -12.50 40.78
C ARG F 39 -2.70 -12.14 40.41
N ILE F 40 -1.78 -13.06 40.71
CA ILE F 40 -0.37 -12.86 40.45
C ILE F 40 -0.03 -12.68 38.99
N ILE F 41 -0.31 -13.71 38.20
CA ILE F 41 0.00 -13.67 36.78
C ILE F 41 -0.73 -12.55 36.04
N ASP F 42 -1.75 -11.96 36.67
CA ASP F 42 -2.46 -10.88 36.03
C ASP F 42 -1.59 -9.63 35.86
N GLY F 43 -0.52 -9.54 36.64
CA GLY F 43 0.38 -8.41 36.53
C GLY F 43 1.20 -8.52 35.25
N PHE F 44 1.80 -9.69 35.02
CA PHE F 44 2.59 -9.91 33.81
C PHE F 44 1.70 -9.81 32.59
N LYS F 45 0.88 -10.83 32.45
CA LYS F 45 -0.06 -11.02 31.34
C LYS F 45 -0.02 -10.03 30.19
N ASP F 46 -0.23 -8.75 30.47
CA ASP F 46 -0.27 -7.76 29.42
C ASP F 46 1.02 -7.09 28.95
N CYS F 47 1.84 -6.59 29.87
CA CYS F 47 3.08 -5.93 29.51
C CYS F 47 4.21 -6.89 29.16
N VAL F 48 4.21 -8.06 29.78
CA VAL F 48 5.26 -9.05 29.51
C VAL F 48 4.76 -10.22 28.65
N GLN F 49 5.58 -10.61 27.67
CA GLN F 49 5.25 -11.70 26.75
C GLN F 49 5.50 -13.09 27.33
N LEU F 50 6.77 -13.51 27.33
CA LEU F 50 7.15 -14.82 27.84
C LEU F 50 8.02 -14.65 29.09
N VAL F 51 7.82 -15.53 30.07
CA VAL F 51 8.59 -15.45 31.31
C VAL F 51 9.07 -16.79 31.85
N ASN F 52 10.39 -16.99 31.86
CA ASN F 52 10.97 -18.22 32.39
C ASN F 52 10.88 -18.19 33.91
N PHE F 53 10.23 -19.21 34.49
CA PHE F 53 10.07 -19.30 35.94
C PHE F 53 11.12 -20.22 36.56
N GLN F 54 12.02 -19.63 37.36
CA GLN F 54 13.05 -20.42 38.02
C GLN F 54 12.64 -20.73 39.45
N CYS F 55 12.56 -22.02 39.76
CA CYS F 55 12.17 -22.48 41.08
C CYS F 55 13.39 -22.90 41.90
N LYS F 56 13.25 -22.84 43.21
CA LYS F 56 14.34 -23.21 44.12
C LYS F 56 13.80 -23.92 45.36
N GLU F 57 14.53 -23.83 46.46
CA GLU F 57 14.13 -24.49 47.70
C GLU F 57 13.42 -23.56 48.68
N ASP F 58 13.39 -22.27 48.35
CA ASP F 58 12.75 -21.29 49.21
C ASP F 58 11.51 -20.66 48.57
N GLY F 59 11.29 -20.96 47.30
CA GLY F 59 10.14 -20.40 46.60
C GLY F 59 10.36 -20.24 45.12
N ILE F 60 9.63 -19.32 44.51
CA ILE F 60 9.74 -19.09 43.07
C ILE F 60 10.14 -17.66 42.75
N ILE F 61 10.89 -17.50 41.67
CA ILE F 61 11.35 -16.19 41.23
C ILE F 61 11.34 -16.17 39.70
N ALA F 62 11.11 -14.99 39.13
CA ALA F 62 11.08 -14.84 37.68
C ALA F 62 11.12 -13.38 37.27
N GLN F 63 11.67 -13.12 36.07
CA GLN F 63 11.77 -11.76 35.56
C GLN F 63 11.69 -11.78 34.04
N ALA F 64 11.52 -10.60 33.46
CA ALA F 64 11.44 -10.45 32.01
C ALA F 64 11.40 -8.96 31.69
N VAL F 65 11.55 -8.63 30.41
CA VAL F 65 11.56 -7.23 30.01
C VAL F 65 10.81 -6.94 28.72
N ASP F 66 10.32 -5.72 28.58
CA ASP F 66 9.59 -5.29 27.40
C ASP F 66 10.48 -5.33 26.18
N ASP F 67 9.87 -5.60 25.03
CA ASP F 67 10.61 -5.66 23.77
C ASP F 67 11.20 -4.29 23.49
N SER F 68 10.84 -3.31 24.32
CA SER F 68 11.33 -1.96 24.18
C SER F 68 12.46 -1.72 25.17
N ARG F 69 12.53 -2.58 26.18
CA ARG F 69 13.54 -2.49 27.22
C ARG F 69 13.32 -1.22 28.03
N VAL F 70 12.06 -1.01 28.41
CA VAL F 70 11.68 0.16 29.18
C VAL F 70 11.18 -0.26 30.56
N LEU F 71 10.57 -1.44 30.62
CA LEU F 71 10.06 -1.95 31.88
C LEU F 71 10.44 -3.41 32.06
N LEU F 72 10.76 -3.76 33.30
CA LEU F 72 11.16 -5.12 33.64
C LEU F 72 10.37 -5.54 34.87
N VAL F 73 9.84 -6.75 34.84
CA VAL F 73 9.07 -7.24 35.98
C VAL F 73 9.87 -8.28 36.76
N SER F 74 9.77 -8.19 38.09
CA SER F 74 10.47 -9.12 38.98
C SER F 74 9.50 -9.73 39.97
N LEU F 75 9.32 -11.04 39.86
CA LEU F 75 8.41 -11.76 40.74
C LEU F 75 9.13 -12.64 41.75
N GLU F 76 8.67 -12.57 42.98
CA GLU F 76 9.23 -13.37 44.06
C GLU F 76 8.10 -13.97 44.90
N ILE F 77 8.00 -15.29 44.87
CA ILE F 77 6.97 -16.01 45.63
C ILE F 77 7.63 -16.84 46.71
N GLY F 78 7.32 -16.53 47.96
CA GLY F 78 7.88 -17.26 49.08
C GLY F 78 7.03 -18.45 49.46
N VAL F 79 7.66 -19.46 50.09
CA VAL F 79 6.93 -20.66 50.50
C VAL F 79 5.83 -20.34 51.51
N GLU F 80 5.98 -19.25 52.26
CA GLU F 80 4.99 -18.87 53.25
C GLU F 80 3.58 -18.79 52.66
N ALA F 81 3.51 -18.60 51.34
CA ALA F 81 2.22 -18.53 50.65
C ALA F 81 1.93 -19.85 49.97
N PHE F 82 2.41 -20.92 50.57
CA PHE F 82 2.21 -22.27 50.05
C PHE F 82 1.74 -23.17 51.20
N GLN F 83 0.85 -24.09 50.90
CA GLN F 83 0.34 -25.01 51.91
C GLN F 83 1.31 -26.18 51.98
N GLU F 84 2.29 -26.16 51.06
CA GLU F 84 3.30 -27.20 50.98
C GLU F 84 4.21 -26.93 49.78
N TYR F 85 5.51 -26.92 50.01
CA TYR F 85 6.47 -26.67 48.94
C TYR F 85 7.66 -27.63 49.03
N ARG F 86 8.03 -28.22 47.90
CA ARG F 86 9.14 -29.15 47.83
C ARG F 86 9.74 -29.17 46.42
N CYS F 87 10.82 -28.43 46.23
CA CYS F 87 11.48 -28.38 44.92
C CYS F 87 12.94 -28.77 45.06
N ASP F 88 13.17 -29.91 45.71
CA ASP F 88 14.51 -30.45 45.94
C ASP F 88 15.59 -29.73 45.14
N HIS F 89 15.66 -30.03 43.86
CA HIS F 89 16.65 -29.43 42.97
C HIS F 89 16.01 -28.33 42.12
N PRO F 90 16.64 -27.14 42.06
CA PRO F 90 16.14 -25.99 41.29
C PRO F 90 15.69 -26.35 39.86
N VAL F 91 14.68 -25.63 39.38
CA VAL F 91 14.13 -25.88 38.04
C VAL F 91 14.00 -24.60 37.22
N THR F 92 13.74 -24.78 35.92
CA THR F 92 13.56 -23.68 34.98
C THR F 92 12.28 -23.91 34.20
N LEU F 93 11.21 -23.21 34.58
CA LEU F 93 9.92 -23.33 33.92
C LEU F 93 9.58 -22.21 32.94
N GLY F 94 9.90 -22.40 31.67
CA GLY F 94 9.59 -21.39 30.68
C GLY F 94 8.16 -21.61 30.21
N ASP F 96 4.27 -19.51 28.47
CA ASP F 96 3.54 -18.36 27.93
C ASP F 96 2.38 -17.95 28.83
N LEU F 97 2.37 -16.68 29.22
CA LEU F 97 1.32 -16.16 30.10
C LEU F 97 -0.11 -16.26 29.55
N THR F 98 -0.29 -16.01 28.25
CA THR F 98 -1.64 -16.10 27.68
C THR F 98 -2.15 -17.53 27.76
N SER F 99 -1.26 -18.49 27.53
CA SER F 99 -1.63 -19.89 27.59
C SER F 99 -1.84 -20.30 29.04
N LEU F 100 -0.93 -19.83 29.90
CA LEU F 100 -1.00 -20.13 31.32
C LEU F 100 -2.21 -19.48 31.98
N SER F 101 -2.45 -18.22 31.66
CA SER F 101 -3.56 -17.46 32.23
C SER F 101 -4.88 -18.17 31.94
N LYS F 102 -4.92 -18.93 30.85
CA LYS F 102 -6.11 -19.68 30.50
C LYS F 102 -6.25 -20.79 31.51
N ILE F 103 -5.28 -21.71 31.50
CA ILE F 103 -5.26 -22.85 32.42
C ILE F 103 -5.60 -22.39 33.84
N LEU F 104 -5.17 -21.19 34.19
CA LEU F 104 -5.40 -20.66 35.53
C LEU F 104 -6.85 -20.22 35.79
N ARG F 105 -7.63 -20.03 34.74
CA ARG F 105 -9.01 -19.61 34.91
C ARG F 105 -9.94 -20.81 35.15
N CYS F 106 -9.47 -21.98 34.76
CA CYS F 106 -10.23 -23.22 34.91
C CYS F 106 -10.33 -23.68 36.36
N GLY F 107 -10.10 -22.76 37.29
CA GLY F 107 -10.16 -23.11 38.70
C GLY F 107 -11.30 -22.46 39.47
N ASN F 108 -12.06 -23.30 40.17
CA ASN F 108 -13.18 -22.82 40.96
C ASN F 108 -12.63 -22.22 42.25
N ASN F 109 -13.45 -21.42 42.94
CA ASN F 109 -13.01 -20.79 44.19
C ASN F 109 -13.03 -21.77 45.36
N THR F 110 -13.18 -23.06 45.05
CA THR F 110 -13.22 -24.09 46.06
C THR F 110 -12.12 -25.13 45.83
N ASP F 111 -11.27 -24.87 44.85
CA ASP F 111 -10.19 -25.80 44.54
C ASP F 111 -8.84 -25.34 45.07
N THR F 112 -7.83 -26.19 44.90
CA THR F 112 -6.47 -25.90 45.33
C THR F 112 -5.53 -26.22 44.18
N LEU F 113 -4.66 -25.28 43.85
CA LEU F 113 -3.71 -25.47 42.74
C LEU F 113 -2.42 -26.14 43.21
N THR F 114 -1.86 -26.99 42.36
CA THR F 114 -0.63 -27.70 42.68
C THR F 114 0.28 -27.80 41.46
N LEU F 115 1.39 -27.08 41.48
CA LEU F 115 2.36 -27.10 40.39
C LEU F 115 3.16 -28.38 40.47
N ILE F 116 3.23 -29.11 39.37
CA ILE F 116 3.96 -30.38 39.36
C ILE F 116 4.84 -30.55 38.12
N ALA F 117 6.15 -30.59 38.34
CA ALA F 117 7.11 -30.75 37.25
C ALA F 117 8.09 -31.87 37.59
N ASP F 118 8.41 -32.67 36.58
CA ASP F 118 9.34 -33.78 36.74
C ASP F 118 10.78 -33.32 36.50
N ASN F 119 11.71 -34.28 36.48
CA ASN F 119 13.11 -33.97 36.26
C ASN F 119 13.29 -33.38 34.86
N THR F 120 13.75 -32.14 34.78
CA THR F 120 13.93 -31.46 33.50
C THR F 120 12.58 -31.47 32.77
N PRO F 121 11.66 -30.60 33.20
CA PRO F 121 10.31 -30.44 32.66
C PRO F 121 10.20 -30.24 31.15
N ASP F 122 9.24 -30.94 30.55
CA ASP F 122 8.97 -30.86 29.12
C ASP F 122 7.57 -30.28 29.01
N SER F 123 7.02 -29.93 30.17
CA SER F 123 5.69 -29.36 30.31
C SER F 123 5.33 -29.40 31.80
N ILE F 124 4.70 -28.34 32.30
CA ILE F 124 4.32 -28.28 33.70
C ILE F 124 2.87 -28.72 33.92
N ILE F 125 2.57 -29.16 35.13
CA ILE F 125 1.23 -29.62 35.47
C ILE F 125 0.57 -28.82 36.60
N LEU F 126 -0.68 -28.43 36.37
CA LEU F 126 -1.44 -27.70 37.38
C LEU F 126 -2.57 -28.62 37.80
N LEU F 127 -2.73 -28.80 39.10
CA LEU F 127 -3.76 -29.68 39.62
C LEU F 127 -4.74 -28.95 40.54
N PHE F 128 -6.02 -29.04 40.19
CA PHE F 128 -7.07 -28.41 40.99
C PHE F 128 -7.82 -29.53 41.69
N GLU F 129 -8.15 -29.34 42.96
CA GLU F 129 -8.86 -30.35 43.72
C GLU F 129 -9.78 -29.72 44.77
N ASP F 130 -10.86 -30.42 45.10
CA ASP F 130 -11.79 -29.93 46.10
C ASP F 130 -11.44 -30.60 47.42
N THR F 131 -12.28 -30.42 48.43
CA THR F 131 -12.03 -31.02 49.74
C THR F 131 -13.27 -31.73 50.28
N LYS F 132 -14.25 -31.96 49.41
CA LYS F 132 -15.49 -32.63 49.80
C LYS F 132 -15.97 -33.63 48.75
N LYS F 133 -15.86 -33.25 47.49
CA LYS F 133 -16.29 -34.10 46.38
C LYS F 133 -15.14 -34.43 45.45
N ASP F 134 -15.06 -35.70 45.05
CA ASP F 134 -14.00 -36.15 44.15
C ASP F 134 -14.08 -35.47 42.79
N ARG F 135 -13.24 -34.45 42.62
CA ARG F 135 -13.17 -33.71 41.37
C ARG F 135 -11.72 -33.33 41.13
N ILE F 136 -11.09 -34.02 40.19
CA ILE F 136 -9.69 -33.77 39.87
C ILE F 136 -9.50 -33.13 38.50
N ALA F 137 -9.00 -31.91 38.51
CA ALA F 137 -8.76 -31.18 37.27
C ALA F 137 -7.26 -31.04 37.03
N GLU F 138 -6.73 -31.85 36.11
CA GLU F 138 -5.31 -31.83 35.78
C GLU F 138 -5.07 -31.32 34.36
N TYR F 139 -4.39 -30.18 34.26
CA TYR F 139 -4.08 -29.63 32.95
C TYR F 139 -2.60 -29.72 32.63
N SER F 140 -2.30 -30.06 31.38
CA SER F 140 -0.93 -30.15 30.91
C SER F 140 -0.60 -28.82 30.25
N LEU F 141 0.68 -28.46 30.23
CA LEU F 141 1.08 -27.20 29.63
C LEU F 141 2.51 -27.24 29.11
N LYS F 142 2.66 -27.30 27.80
CA LYS F 142 3.99 -27.31 27.18
C LYS F 142 4.79 -26.15 27.74
N LEU F 143 6.11 -26.28 27.74
CA LEU F 143 6.96 -25.21 28.25
C LEU F 143 7.61 -24.40 27.14
N ASP F 145 10.68 -22.35 25.75
CA ASP F 145 12.13 -22.19 25.87
C ASP F 145 12.56 -21.11 24.90
N ILE F 146 13.06 -20.00 25.45
CA ILE F 146 13.49 -18.87 24.64
C ILE F 146 15.01 -18.70 24.65
N ASP F 147 15.69 -19.58 25.38
CA ASP F 147 17.15 -19.54 25.47
C ASP F 147 17.63 -18.19 26.02
N ALA F 148 16.96 -17.71 27.05
CA ALA F 148 17.31 -16.45 27.69
C ALA F 148 16.95 -16.53 29.17
N ASP F 149 17.84 -16.03 30.02
CA ASP F 149 17.63 -16.07 31.46
C ASP F 149 18.41 -14.95 32.13
N PHE F 150 18.41 -13.77 31.53
CA PHE F 150 19.15 -12.63 32.06
C PHE F 150 18.37 -11.91 33.16
N LEU F 151 18.74 -12.17 34.41
CA LEU F 151 18.09 -11.54 35.56
C LEU F 151 19.03 -10.49 36.12
N LYS F 152 18.70 -9.22 35.90
CA LYS F 152 19.55 -8.12 36.39
C LYS F 152 18.83 -7.04 37.20
N ILE F 153 19.33 -6.78 38.40
CA ILE F 153 18.79 -5.75 39.28
C ILE F 153 19.98 -5.04 39.91
N GLU F 154 19.93 -3.71 39.98
CA GLU F 154 21.05 -2.96 40.53
C GLU F 154 20.70 -1.88 41.56
N GLU F 155 19.55 -1.23 41.41
CA GLU F 155 19.14 -0.18 42.34
C GLU F 155 18.65 -0.76 43.67
N LEU F 156 19.06 -0.13 44.77
CA LEU F 156 18.66 -0.58 46.10
C LEU F 156 18.63 0.54 47.14
N GLN F 157 18.43 1.77 46.67
CA GLN F 157 18.36 2.94 47.55
C GLN F 157 17.86 4.15 46.77
N TYR F 158 16.59 4.51 46.98
CA TYR F 158 16.02 5.64 46.25
C TYR F 158 15.88 6.90 47.07
N ASP F 159 15.86 8.03 46.38
CA ASP F 159 15.74 9.34 47.01
C ASP F 159 14.37 9.55 47.62
N SER F 160 13.40 8.73 47.23
CA SER F 160 12.03 8.85 47.76
C SER F 160 11.24 7.55 47.70
N THR F 161 10.46 7.31 48.75
CA THR F 161 9.61 6.13 48.83
C THR F 161 8.21 6.55 49.26
N LEU F 162 7.21 6.07 48.54
CA LEU F 162 5.84 6.40 48.86
C LEU F 162 4.94 5.19 48.70
N SER F 163 3.75 5.25 49.30
CA SER F 163 2.80 4.16 49.20
C SER F 163 1.38 4.69 49.29
N LEU F 164 0.48 4.03 48.56
CA LEU F 164 -0.93 4.39 48.53
C LEU F 164 -1.68 3.14 48.06
N PRO F 165 -3.01 3.12 48.20
CA PRO F 165 -3.81 1.95 47.78
C PRO F 165 -3.74 1.71 46.26
N SER F 166 -3.53 0.45 45.87
CA SER F 166 -3.46 0.11 44.46
C SER F 166 -4.62 0.65 43.63
N SER F 167 -5.79 0.76 44.24
CA SER F 167 -6.95 1.29 43.52
C SER F 167 -6.85 2.81 43.43
N GLU F 168 -6.47 3.44 44.54
CA GLU F 168 -6.35 4.90 44.56
C GLU F 168 -5.33 5.36 43.51
N PHE F 169 -4.41 4.48 43.15
CA PHE F 169 -3.40 4.81 42.15
C PHE F 169 -3.95 4.61 40.75
N SER F 170 -4.27 3.36 40.41
CA SER F 170 -4.81 3.03 39.09
C SER F 170 -5.79 4.07 38.58
N LYS F 171 -6.45 4.76 39.50
CA LYS F 171 -7.39 5.81 39.15
C LYS F 171 -6.62 6.99 38.57
N ILE F 172 -5.87 7.66 39.45
CA ILE F 172 -5.07 8.81 39.06
C ILE F 172 -4.42 8.59 37.71
N VAL F 173 -3.95 7.37 37.50
CA VAL F 173 -3.27 6.99 36.26
C VAL F 173 -4.15 7.06 35.02
N ARG F 174 -5.25 6.33 35.01
CA ARG F 174 -6.13 6.33 33.85
C ARG F 174 -6.83 7.67 33.62
N ASP F 175 -6.97 8.44 34.68
CA ASP F 175 -7.58 9.76 34.55
C ASP F 175 -6.70 10.56 33.61
N LEU F 176 -5.47 10.79 34.06
CA LEU F 176 -4.49 11.55 33.30
C LEU F 176 -4.13 10.96 31.93
N SER F 177 -4.21 9.64 31.82
CA SER F 177 -3.90 8.98 30.56
C SER F 177 -4.73 9.54 29.42
N GLN F 178 -5.87 10.12 29.77
CA GLN F 178 -6.79 10.68 28.80
C GLN F 178 -6.27 11.97 28.16
N LEU F 179 -5.36 12.67 28.82
CA LEU F 179 -4.88 13.93 28.29
C LEU F 179 -3.44 13.94 27.81
N SER F 180 -2.74 12.83 27.87
CA SER F 180 -1.35 12.82 27.42
C SER F 180 -0.80 11.43 27.28
N ASP F 181 0.33 11.31 26.58
CA ASP F 181 0.98 10.03 26.39
C ASP F 181 2.00 9.87 27.51
N SER F 182 2.29 10.99 28.16
CA SER F 182 3.25 11.02 29.24
C SER F 182 2.65 11.54 30.55
N ILE F 183 3.07 10.93 31.66
CA ILE F 183 2.61 11.33 32.98
C ILE F 183 3.87 11.59 33.83
N ASN F 184 3.89 12.72 34.52
CA ASN F 184 5.04 13.08 35.33
C ASN F 184 4.79 13.00 36.84
N ILE F 185 5.43 12.03 37.49
CA ILE F 185 5.28 11.87 38.94
C ILE F 185 6.30 12.80 39.59
N ILE F 187 7.80 14.43 42.73
CA ILE F 187 7.91 14.35 44.19
C ILE F 187 8.55 15.62 44.75
N THR F 188 7.73 16.47 45.38
CA THR F 188 8.23 17.71 45.97
C THR F 188 8.00 17.67 47.48
N LYS F 189 8.65 18.58 48.19
CA LYS F 189 8.55 18.67 49.65
C LYS F 189 7.21 18.20 50.22
N GLU F 190 7.19 16.95 50.67
CA GLU F 190 6.01 16.30 51.24
C GLU F 190 4.73 16.44 50.43
N THR F 191 4.87 16.35 49.11
CA THR F 191 3.73 16.47 48.20
C THR F 191 3.92 15.56 47.00
N ILE F 192 3.11 14.53 46.90
CA ILE F 192 3.16 13.61 45.77
C ILE F 192 2.32 14.27 44.66
N LYS F 193 2.95 14.57 43.53
CA LYS F 193 2.27 15.24 42.43
C LYS F 193 2.34 14.52 41.08
N PHE F 194 1.17 14.25 40.50
CA PHE F 194 1.06 13.60 39.21
C PHE F 194 0.52 14.62 38.21
N VAL F 195 1.23 14.80 37.10
CA VAL F 195 0.78 15.78 36.11
C VAL F 195 0.83 15.27 34.67
N ALA F 196 -0.06 15.81 33.85
CA ALA F 196 -0.16 15.45 32.44
C ALA F 196 -0.58 16.66 31.61
N ASP F 197 0.20 16.95 30.57
CA ASP F 197 -0.10 18.08 29.70
C ASP F 197 -0.31 17.56 28.28
N GLY F 198 -1.45 17.91 27.68
CA GLY F 198 -1.74 17.44 26.34
C GLY F 198 -2.47 18.39 25.40
N ASP F 199 -3.00 17.81 24.33
CA ASP F 199 -3.69 18.55 23.30
C ASP F 199 -5.00 19.20 23.72
N ILE F 200 -5.87 18.45 24.38
CA ILE F 200 -7.16 19.00 24.79
C ILE F 200 -7.09 19.80 26.09
N GLY F 201 -6.02 19.62 26.84
CA GLY F 201 -5.87 20.33 28.10
C GLY F 201 -4.82 19.73 29.02
N SER F 202 -4.84 20.10 30.29
CA SER F 202 -3.87 19.59 31.24
C SER F 202 -4.58 18.88 32.39
N GLY F 203 -3.81 18.18 33.21
CA GLY F 203 -4.39 17.47 34.34
C GLY F 203 -3.39 17.32 35.45
N SER F 204 -3.81 17.64 36.68
CA SER F 204 -2.90 17.54 37.83
C SER F 204 -3.56 17.06 39.12
N VAL F 205 -3.06 15.95 39.65
CA VAL F 205 -3.58 15.39 40.89
C VAL F 205 -2.50 15.42 41.96
N ILE F 206 -2.73 16.18 43.03
CA ILE F 206 -1.75 16.30 44.11
C ILE F 206 -2.28 15.72 45.42
N ILE F 207 -1.87 14.52 45.78
CA ILE F 207 -2.32 13.90 47.03
C ILE F 207 -1.18 13.93 48.06
N LYS F 208 -1.54 14.15 49.32
CA LYS F 208 -0.55 14.23 50.40
C LYS F 208 -0.53 13.00 51.30
N PRO F 209 0.54 12.86 52.11
CA PRO F 209 0.66 11.72 53.02
C PRO F 209 -0.29 11.93 54.19
N PHE F 210 -1.30 11.07 54.30
CA PHE F 210 -2.25 11.18 55.39
C PHE F 210 -2.58 9.79 55.92
N VAL F 211 -3.03 9.73 57.16
CA VAL F 211 -3.39 8.45 57.76
C VAL F 211 -4.72 8.55 58.47
N ASP F 212 -5.63 7.65 58.13
CA ASP F 212 -6.95 7.62 58.76
C ASP F 212 -6.94 6.52 59.81
N GLU F 214 -8.97 5.17 61.44
CA GLU F 214 -10.04 4.18 61.28
C GLU F 214 -9.89 3.37 60.00
N HIS F 215 -9.10 3.88 59.06
CA HIS F 215 -8.89 3.19 57.79
C HIS F 215 -7.41 3.25 57.41
N PRO F 216 -6.56 2.47 58.09
CA PRO F 216 -5.12 2.42 57.84
C PRO F 216 -4.74 2.06 56.40
N GLU F 217 -5.57 1.24 55.76
CA GLU F 217 -5.30 0.83 54.39
C GLU F 217 -5.33 1.98 53.39
N THR F 218 -6.32 2.86 53.53
CA THR F 218 -6.46 4.01 52.63
C THR F 218 -5.50 5.12 53.00
N SER F 219 -4.63 4.85 53.98
CA SER F 219 -3.66 5.84 54.41
C SER F 219 -2.62 6.00 53.32
N ILE F 220 -1.97 7.16 53.28
CA ILE F 220 -0.96 7.42 52.27
C ILE F 220 0.32 7.90 52.94
N LYS F 221 1.36 7.07 52.87
CA LYS F 221 2.65 7.40 53.46
C LYS F 221 3.67 7.81 52.41
N LEU F 222 4.54 8.75 52.77
CA LEU F 222 5.57 9.24 51.87
C LEU F 222 6.80 9.72 52.64
N GLU F 223 7.94 9.08 52.40
CA GLU F 223 9.17 9.48 53.05
C GLU F 223 10.08 10.05 51.98
N ASP F 225 13.60 12.47 50.79
CA ASP F 225 14.95 12.87 51.16
C ASP F 225 15.38 13.97 50.21
N GLN F 226 15.55 13.61 48.94
CA GLN F 226 15.93 14.56 47.90
C GLN F 226 14.80 14.63 46.89
N PRO F 227 14.46 15.85 46.44
CA PRO F 227 13.38 16.01 45.46
C PRO F 227 13.56 15.10 44.24
N VAL F 228 12.44 14.74 43.62
CA VAL F 228 12.46 13.88 42.44
C VAL F 228 11.54 14.45 41.38
N ASP F 229 11.97 14.34 40.12
CA ASP F 229 11.19 14.85 38.99
C ASP F 229 11.48 14.01 37.75
N LEU F 230 10.55 13.12 37.41
CA LEU F 230 10.73 12.28 36.24
C LEU F 230 9.41 11.88 35.58
N THR F 231 9.41 12.00 34.25
CA THR F 231 8.25 11.68 33.41
C THR F 231 8.29 10.27 32.86
N PHE F 232 7.12 9.68 32.69
CA PHE F 232 7.03 8.32 32.15
C PHE F 232 6.05 8.27 30.98
N GLY F 233 5.99 7.11 30.34
CA GLY F 233 5.08 6.92 29.22
C GLY F 233 3.86 6.20 29.74
N ALA F 234 2.75 6.92 29.82
CA ALA F 234 1.48 6.39 30.30
C ALA F 234 1.22 4.97 29.81
N LYS F 235 1.69 4.67 28.60
CA LYS F 235 1.52 3.35 28.02
C LYS F 235 1.80 2.32 29.10
N TYR F 236 3.06 2.25 29.49
CA TYR F 236 3.51 1.31 30.49
C TYR F 236 2.83 1.53 31.83
N LEU F 237 2.93 2.76 32.33
CA LEU F 237 2.32 3.11 33.60
C LEU F 237 0.94 2.45 33.77
N LEU F 238 0.21 2.33 32.66
CA LEU F 238 -1.11 1.69 32.66
C LEU F 238 -1.00 0.19 32.93
N ASP F 239 -0.25 -0.51 32.08
CA ASP F 239 -0.09 -1.94 32.26
C ASP F 239 0.40 -2.23 33.69
N ILE F 240 1.04 -1.25 34.31
CA ILE F 240 1.54 -1.42 35.67
C ILE F 240 0.38 -1.53 36.67
N ILE F 241 -0.53 -0.57 36.64
CA ILE F 241 -1.64 -0.56 37.58
C ILE F 241 -2.57 -1.77 37.48
N LYS F 242 -2.14 -2.79 36.74
CA LYS F 242 -2.94 -4.00 36.63
C LYS F 242 -2.52 -4.95 37.74
N GLY F 243 -1.36 -4.68 38.33
CA GLY F 243 -0.88 -5.50 39.42
C GLY F 243 -1.67 -5.14 40.66
N SER F 244 -2.59 -4.20 40.50
CA SER F 244 -3.43 -3.75 41.61
C SER F 244 -4.32 -4.90 42.04
N SER F 245 -4.27 -5.98 41.26
CA SER F 245 -5.05 -7.19 41.53
C SER F 245 -4.31 -8.11 42.48
N LEU F 246 -3.00 -7.90 42.57
CA LEU F 246 -2.17 -8.72 43.44
C LEU F 246 -2.22 -8.27 44.89
N SER F 247 -2.61 -7.01 45.12
CA SER F 247 -2.69 -6.49 46.47
C SER F 247 -3.65 -5.32 46.55
N ASP F 248 -3.75 -4.73 47.74
CA ASP F 248 -4.62 -3.59 47.98
C ASP F 248 -3.79 -2.36 48.36
N ARG F 249 -2.53 -2.36 47.93
CA ARG F 249 -1.65 -1.24 48.24
C ARG F 249 -0.34 -1.34 47.45
N VAL F 250 -0.02 -0.27 46.73
CA VAL F 250 1.19 -0.23 45.90
C VAL F 250 2.28 0.70 46.45
N GLY F 251 3.52 0.22 46.40
CA GLY F 251 4.64 1.01 46.88
C GLY F 251 5.38 1.55 45.67
N ILE F 252 5.86 2.79 45.78
CA ILE F 252 6.57 3.40 44.67
C ILE F 252 7.81 4.15 45.13
N ARG F 253 8.97 3.80 44.56
CA ARG F 253 10.23 4.43 44.90
C ARG F 253 10.84 5.16 43.69
N LEU F 254 11.11 6.45 43.85
CA LEU F 254 11.69 7.27 42.78
C LEU F 254 13.11 7.74 43.03
N SER F 255 13.83 8.02 41.94
CA SER F 255 15.21 8.50 42.00
C SER F 255 15.59 9.02 40.62
N SER F 256 15.86 10.33 40.53
CA SER F 256 16.22 10.96 39.27
C SER F 256 17.19 10.13 38.43
N GLU F 257 16.96 10.14 37.12
CA GLU F 257 17.77 9.39 36.15
C GLU F 257 17.93 7.93 36.55
N ALA F 258 16.87 7.33 37.07
CA ALA F 258 16.90 5.94 37.52
C ALA F 258 15.54 5.29 37.42
N PRO F 259 15.48 4.06 36.89
CA PRO F 259 14.21 3.36 36.74
C PRO F 259 13.39 3.39 38.04
N ALA F 260 12.13 3.81 37.93
CA ALA F 260 11.25 3.87 39.08
C ALA F 260 10.82 2.45 39.41
N LEU F 261 10.63 2.19 40.70
CA LEU F 261 10.22 0.87 41.15
C LEU F 261 8.83 0.86 41.78
N PHE F 262 7.92 0.12 41.16
CA PHE F 262 6.56 0.00 41.66
C PHE F 262 6.46 -1.42 42.21
N GLN F 263 6.28 -1.55 43.52
CA GLN F 263 6.19 -2.87 44.13
C GLN F 263 4.81 -3.16 44.70
N PHE F 264 4.38 -4.41 44.53
CA PHE F 264 3.08 -4.85 45.02
C PHE F 264 3.28 -5.91 46.09
N ASP F 265 3.07 -5.53 47.34
CA ASP F 265 3.26 -6.42 48.46
C ASP F 265 2.38 -7.66 48.44
N LEU F 266 2.95 -8.78 48.88
CA LEU F 266 2.25 -10.04 48.95
C LEU F 266 2.81 -10.80 50.15
N LYS F 267 1.93 -11.53 50.85
CA LYS F 267 2.31 -12.28 52.04
C LYS F 267 3.71 -12.90 52.07
N SER F 268 4.09 -13.64 51.04
CA SER F 268 5.41 -14.27 51.04
C SER F 268 6.30 -13.84 49.88
N GLY F 269 5.89 -12.80 49.15
CA GLY F 269 6.67 -12.35 48.02
C GLY F 269 6.20 -11.02 47.50
N PHE F 270 6.28 -10.83 46.19
CA PHE F 270 5.86 -9.58 45.58
C PHE F 270 6.07 -9.51 44.06
N LEU F 271 5.36 -8.57 43.45
CA LEU F 271 5.47 -8.32 42.01
C LEU F 271 5.98 -6.90 41.87
N GLN F 272 7.16 -6.72 41.30
CA GLN F 272 7.71 -5.38 41.13
C GLN F 272 8.02 -4.99 39.70
N PHE F 273 7.66 -3.76 39.36
CA PHE F 273 7.88 -3.21 38.04
C PHE F 273 8.97 -2.14 38.04
N PHE F 274 9.92 -2.28 37.12
CA PHE F 274 10.99 -1.31 37.00
C PHE F 274 10.80 -0.59 35.69
N LEU F 275 10.31 0.64 35.78
CA LEU F 275 10.04 1.45 34.60
C LEU F 275 11.07 2.56 34.35
N ALA F 276 11.64 2.57 33.14
CA ALA F 276 12.63 3.57 32.78
C ALA F 276 11.91 4.87 32.41
N PRO F 277 12.47 6.03 32.80
CA PRO F 277 11.88 7.34 32.51
C PRO F 277 12.14 7.80 31.08
N LYS F 278 12.24 9.12 30.91
CA LYS F 278 12.51 9.72 29.62
C LYS F 278 13.47 10.87 29.84
N PHE F 279 14.50 10.95 29.03
CA PHE F 279 15.48 12.02 29.17
C PHE F 279 14.75 13.35 28.98
N ASN F 280 14.65 14.14 30.05
CA ASN F 280 13.96 15.42 29.97
C ASN F 280 14.80 16.65 30.27
N ASP F 281 15.06 17.43 29.23
CA ASP F 281 15.84 18.66 29.36
C ASP F 281 15.35 19.68 28.33
N ALA G 24 -8.11 34.80 41.10
CA ALA G 24 -7.84 35.35 39.78
C ALA G 24 -8.82 34.80 38.76
N SER G 25 -10.05 35.28 38.80
CA SER G 25 -11.07 34.80 37.88
C SER G 25 -12.26 35.74 37.70
N LEU G 27 -15.14 34.14 36.64
CA LEU G 27 -16.19 33.15 36.85
C LEU G 27 -15.71 32.08 37.81
N GLU G 28 -16.47 31.84 38.87
CA GLU G 28 -16.10 30.82 39.84
C GLU G 28 -17.33 30.16 40.48
N ALA G 29 -17.79 29.09 39.87
CA ALA G 29 -18.94 28.37 40.40
C ALA G 29 -18.44 27.13 41.14
N LYS G 30 -19.21 26.65 42.11
CA LYS G 30 -18.83 25.47 42.87
C LYS G 30 -20.00 24.49 43.02
N PHE G 31 -20.06 23.52 42.12
CA PHE G 31 -21.13 22.54 42.15
C PHE G 31 -21.32 21.86 43.50
N GLU G 32 -22.56 21.92 43.99
CA GLU G 32 -22.93 21.31 45.25
C GLU G 32 -22.45 19.87 45.20
N GLU G 33 -22.80 19.19 44.11
CA GLU G 33 -22.40 17.80 43.87
C GLU G 33 -21.67 17.72 42.55
N ALA G 34 -20.47 17.15 42.57
CA ALA G 34 -19.67 17.04 41.36
C ALA G 34 -20.43 16.24 40.30
N SER G 35 -20.91 15.06 40.70
CA SER G 35 -21.64 14.16 39.81
C SER G 35 -22.71 14.87 39.00
N LEU G 36 -23.25 15.96 39.53
CA LEU G 36 -24.28 16.71 38.85
C LEU G 36 -23.86 17.19 37.46
N PHE G 37 -22.88 18.08 37.41
CA PHE G 37 -22.41 18.61 36.12
C PHE G 37 -22.10 17.51 35.12
N LYS G 38 -21.67 16.36 35.61
CA LYS G 38 -21.37 15.22 34.74
C LYS G 38 -22.69 14.72 34.14
N ARG G 39 -23.62 14.33 35.01
CA ARG G 39 -24.90 13.82 34.55
C ARG G 39 -25.55 14.83 33.60
N ILE G 40 -25.36 16.12 33.88
CA ILE G 40 -25.91 17.19 33.05
C ILE G 40 -25.31 17.17 31.64
N ILE G 41 -24.03 16.86 31.56
CA ILE G 41 -23.37 16.84 30.25
C ILE G 41 -23.46 15.49 29.56
N ASP G 42 -23.48 14.41 30.34
CA ASP G 42 -23.61 13.09 29.75
C ASP G 42 -25.03 13.04 29.20
N GLY G 43 -25.82 14.01 29.64
CA GLY G 43 -27.21 14.10 29.21
C GLY G 43 -27.40 14.43 27.74
N PHE G 44 -26.39 15.00 27.10
CA PHE G 44 -26.51 15.34 25.68
C PHE G 44 -25.19 15.37 24.92
N LYS G 45 -24.14 14.79 25.50
CA LYS G 45 -22.85 14.79 24.83
C LYS G 45 -22.72 13.74 23.73
N ASP G 46 -23.84 13.14 23.34
CA ASP G 46 -23.81 12.12 22.29
C ASP G 46 -24.38 12.64 20.98
N CYS G 47 -25.26 13.65 21.06
CA CYS G 47 -25.85 14.24 19.86
C CYS G 47 -25.24 15.59 19.50
N VAL G 48 -24.58 16.22 20.47
CA VAL G 48 -23.94 17.51 20.25
C VAL G 48 -22.45 17.41 20.61
N GLN G 49 -21.60 18.07 19.82
CA GLN G 49 -20.16 18.04 20.05
C GLN G 49 -19.65 19.35 20.63
N LEU G 50 -19.80 20.44 19.87
CA LEU G 50 -19.37 21.75 20.35
C LEU G 50 -20.55 22.53 20.88
N VAL G 51 -20.41 23.13 22.06
CA VAL G 51 -21.50 23.89 22.64
C VAL G 51 -21.03 25.10 23.44
N ASN G 52 -21.69 26.24 23.24
CA ASN G 52 -21.37 27.48 23.93
C ASN G 52 -22.13 27.68 25.23
N PHE G 53 -21.41 27.79 26.34
CA PHE G 53 -22.02 28.00 27.63
C PHE G 53 -22.00 29.48 28.01
N GLN G 54 -23.17 30.13 27.93
CA GLN G 54 -23.31 31.55 28.26
C GLN G 54 -23.41 31.67 29.76
N CYS G 55 -22.45 32.38 30.37
CA CYS G 55 -22.46 32.56 31.82
C CYS G 55 -22.76 34.00 32.21
N LYS G 56 -23.68 34.16 33.16
CA LYS G 56 -24.08 35.49 33.62
C LYS G 56 -24.43 35.47 35.11
N GLU G 57 -24.93 36.59 35.61
CA GLU G 57 -25.31 36.73 37.02
C GLU G 57 -26.18 35.61 37.57
N ASP G 58 -27.35 35.43 36.98
CA ASP G 58 -28.29 34.40 37.44
C ASP G 58 -27.80 32.96 37.31
N GLY G 59 -27.16 32.63 36.17
CA GLY G 59 -26.68 31.27 36.00
C GLY G 59 -26.06 30.97 34.65
N ILE G 60 -26.13 29.70 34.26
CA ILE G 60 -25.55 29.26 32.99
C ILE G 60 -26.63 28.78 32.01
N ILE G 61 -26.58 29.30 30.78
CA ILE G 61 -27.53 28.96 29.73
C ILE G 61 -26.80 28.49 28.48
N ALA G 62 -27.33 27.48 27.80
CA ALA G 62 -26.66 26.99 26.59
C ALA G 62 -27.54 26.17 25.65
N GLN G 63 -27.55 26.56 24.37
CA GLN G 63 -28.31 25.83 23.37
C GLN G 63 -27.37 25.42 22.25
N ALA G 64 -27.63 24.28 21.64
CA ALA G 64 -26.79 23.79 20.55
C ALA G 64 -27.58 22.88 19.61
N VAL G 65 -27.39 23.08 18.32
CA VAL G 65 -28.08 22.29 17.33
C VAL G 65 -27.32 21.00 17.05
N ASP G 66 -28.06 19.98 16.65
CA ASP G 66 -27.52 18.66 16.33
C ASP G 66 -26.63 18.71 15.09
N ASP G 67 -25.82 17.67 14.89
CA ASP G 67 -24.94 17.59 13.74
C ASP G 67 -25.79 17.37 12.49
N SER G 68 -26.87 16.62 12.64
CA SER G 68 -27.77 16.36 11.52
C SER G 68 -28.81 17.47 11.41
N ARG G 69 -28.71 18.45 12.30
CA ARG G 69 -29.60 19.61 12.31
C ARG G 69 -31.07 19.24 12.48
N VAL G 70 -31.32 18.25 13.32
CA VAL G 70 -32.68 17.77 13.57
C VAL G 70 -33.10 17.99 15.01
N LEU G 71 -32.14 17.95 15.91
CA LEU G 71 -32.42 18.12 17.32
C LEU G 71 -31.76 19.37 17.89
N LEU G 72 -32.55 20.22 18.57
CA LEU G 72 -32.00 21.41 19.19
C LEU G 72 -31.92 21.12 20.69
N VAL G 73 -30.79 21.42 21.30
CA VAL G 73 -30.63 21.14 22.72
C VAL G 73 -30.46 22.43 23.50
N SER G 74 -31.28 22.59 24.53
CA SER G 74 -31.21 23.79 25.37
C SER G 74 -31.04 23.45 26.84
N LEU G 75 -30.09 24.10 27.47
CA LEU G 75 -29.81 23.88 28.86
C LEU G 75 -30.06 25.17 29.63
N GLU G 76 -30.14 25.05 30.95
CA GLU G 76 -30.36 26.19 31.84
C GLU G 76 -29.97 25.76 33.24
N ILE G 77 -28.86 26.30 33.74
CA ILE G 77 -28.40 26.00 35.08
C ILE G 77 -28.55 27.23 35.98
N GLY G 78 -29.48 27.15 36.92
CA GLY G 78 -29.73 28.27 37.82
C GLY G 78 -28.73 28.37 38.96
N VAL G 79 -28.51 29.61 39.41
CA VAL G 79 -27.56 29.90 40.48
C VAL G 79 -27.84 29.12 41.77
N GLU G 80 -28.93 28.36 41.80
CA GLU G 80 -29.25 27.61 43.01
C GLU G 80 -28.67 26.20 43.03
N ALA G 81 -27.81 25.89 42.07
CA ALA G 81 -27.20 24.56 42.01
C ALA G 81 -25.75 24.60 42.50
N PHE G 82 -25.27 25.81 42.84
CA PHE G 82 -23.90 25.96 43.29
C PHE G 82 -23.80 26.38 44.76
N GLN G 83 -22.93 25.71 45.49
CA GLN G 83 -22.67 26.01 46.89
C GLN G 83 -22.14 27.45 46.96
N GLU G 84 -21.78 27.96 45.79
CA GLU G 84 -21.26 29.32 45.63
C GLU G 84 -21.10 29.57 44.14
N TYR G 85 -21.63 30.70 43.68
CA TYR G 85 -21.54 31.04 42.26
C TYR G 85 -21.21 32.51 42.10
N ARG G 86 -20.07 32.80 41.49
CA ARG G 86 -19.67 34.18 41.28
C ARG G 86 -20.05 34.69 39.90
N CYS G 87 -19.10 34.65 38.97
CA CYS G 87 -19.32 35.13 37.62
C CYS G 87 -19.63 36.63 37.61
N ASP G 88 -18.58 37.43 37.56
CA ASP G 88 -18.71 38.88 37.54
C ASP G 88 -19.35 39.33 36.23
N HIS G 89 -18.56 39.42 35.17
CA HIS G 89 -19.08 39.82 33.86
C HIS G 89 -19.59 38.61 33.05
N PRO G 90 -20.37 38.86 31.99
CA PRO G 90 -20.91 37.79 31.13
C PRO G 90 -19.82 37.20 30.23
N VAL G 91 -19.63 35.89 30.31
CA VAL G 91 -18.60 35.22 29.51
C VAL G 91 -19.09 33.99 28.74
N THR G 92 -18.55 33.81 27.53
CA THR G 92 -18.90 32.67 26.69
C THR G 92 -17.83 31.56 26.79
N LEU G 93 -18.27 30.36 27.14
CA LEU G 93 -17.37 29.22 27.26
C LEU G 93 -17.67 28.17 26.19
N GLY G 94 -17.11 28.34 25.00
CA GLY G 94 -17.32 27.38 23.93
C GLY G 94 -16.45 26.16 24.16
N ASP G 96 -15.78 21.66 23.75
CA ASP G 96 -16.05 20.35 23.16
C ASP G 96 -16.42 19.35 24.25
N LEU G 97 -17.67 18.90 24.21
CA LEU G 97 -18.21 17.96 25.19
C LEU G 97 -17.45 16.66 25.36
N THR G 98 -16.74 16.22 24.32
CA THR G 98 -15.98 14.99 24.44
C THR G 98 -14.78 15.20 25.32
N SER G 99 -14.12 16.34 25.14
CA SER G 99 -12.95 16.67 25.96
C SER G 99 -13.46 16.91 27.39
N LEU G 100 -14.35 17.89 27.54
CA LEU G 100 -14.91 18.22 28.85
C LEU G 100 -15.39 16.97 29.56
N SER G 101 -15.93 16.02 28.81
CA SER G 101 -16.43 14.81 29.40
C SER G 101 -15.29 13.94 29.94
N LYS G 102 -14.15 13.95 29.26
CA LYS G 102 -13.01 13.16 29.72
C LYS G 102 -12.56 13.70 31.06
N ILE G 103 -12.53 15.02 31.18
CA ILE G 103 -12.12 15.65 32.42
C ILE G 103 -13.06 15.35 33.58
N LEU G 104 -14.34 15.71 33.44
CA LEU G 104 -15.30 15.45 34.50
C LEU G 104 -15.23 14.00 34.99
N ARG G 105 -14.86 13.09 34.10
CA ARG G 105 -14.75 11.68 34.46
C ARG G 105 -13.72 11.47 35.57
N CYS G 106 -12.80 12.42 35.72
CA CYS G 106 -11.76 12.35 36.73
C CYS G 106 -12.31 12.39 38.15
N GLY G 107 -12.95 13.51 38.48
CA GLY G 107 -13.52 13.71 39.81
C GLY G 107 -14.17 12.50 40.46
N ASN G 108 -13.90 12.33 41.74
CA ASN G 108 -14.47 11.22 42.50
C ASN G 108 -15.72 11.66 43.26
N ASN G 109 -16.19 10.80 44.15
CA ASN G 109 -17.39 11.06 44.95
C ASN G 109 -17.23 12.34 45.77
N THR G 110 -16.59 12.22 46.93
CA THR G 110 -16.38 13.35 47.83
C THR G 110 -15.51 14.40 47.16
N ASP G 111 -16.08 15.13 46.22
CA ASP G 111 -15.35 16.17 45.50
C ASP G 111 -16.24 17.34 45.15
N THR G 112 -15.70 18.54 45.34
CA THR G 112 -16.43 19.76 45.04
C THR G 112 -15.91 20.40 43.77
N LEU G 113 -16.51 20.04 42.64
CA LEU G 113 -16.10 20.59 41.36
C LEU G 113 -16.34 22.10 41.31
N THR G 114 -15.31 22.85 40.98
CA THR G 114 -15.40 24.30 40.89
C THR G 114 -15.00 24.77 39.50
N LEU G 115 -15.94 25.41 38.80
CA LEU G 115 -15.68 25.94 37.47
C LEU G 115 -14.94 27.25 37.66
N ILE G 116 -13.90 27.47 36.87
CA ILE G 116 -13.12 28.70 36.97
C ILE G 116 -12.76 29.20 35.59
N ALA G 117 -13.02 30.47 35.33
CA ALA G 117 -12.71 31.07 34.05
C ALA G 117 -12.20 32.48 34.25
N ASP G 118 -11.06 32.81 33.64
CA ASP G 118 -10.48 34.13 33.76
C ASP G 118 -11.20 35.10 32.82
N ASN G 119 -10.50 36.18 32.47
CA ASN G 119 -11.06 37.18 31.57
C ASN G 119 -10.72 36.82 30.13
N THR G 120 -11.73 36.85 29.26
CA THR G 120 -11.54 36.53 27.85
C THR G 120 -10.70 35.25 27.77
N PRO G 121 -11.16 34.18 28.44
CA PRO G 121 -10.50 32.88 28.49
C PRO G 121 -10.06 32.22 27.19
N ASP G 122 -9.08 31.34 27.33
CA ASP G 122 -8.52 30.57 26.24
C ASP G 122 -8.74 29.16 26.72
N SER G 123 -9.01 29.04 28.01
CA SER G 123 -9.22 27.76 28.65
C SER G 123 -10.24 27.88 29.77
N ILE G 124 -10.20 26.94 30.71
CA ILE G 124 -11.12 26.92 31.84
C ILE G 124 -10.57 25.92 32.85
N ILE G 125 -10.68 26.22 34.12
CA ILE G 125 -10.17 25.31 35.13
C ILE G 125 -11.31 24.59 35.83
N LEU G 126 -11.05 23.34 36.19
CA LEU G 126 -12.03 22.52 36.90
C LEU G 126 -11.32 21.97 38.12
N LEU G 127 -11.58 22.58 39.28
CA LEU G 127 -10.95 22.18 40.52
C LEU G 127 -11.73 21.13 41.32
N PHE G 128 -11.13 19.96 41.46
CA PHE G 128 -11.74 18.87 42.22
C PHE G 128 -11.09 18.76 43.61
N GLU G 129 -11.63 19.52 44.56
CA GLU G 129 -11.13 19.50 45.92
C GLU G 129 -11.83 18.42 46.70
N ASP G 130 -11.38 18.20 47.94
CA ASP G 130 -11.96 17.18 48.80
C ASP G 130 -12.06 17.70 50.23
N THR G 131 -13.02 17.18 50.98
CA THR G 131 -13.22 17.58 52.37
C THR G 131 -11.84 17.61 53.01
N LYS G 132 -11.18 16.46 52.99
CA LYS G 132 -9.84 16.33 53.52
C LYS G 132 -8.93 17.11 52.59
N LYS G 133 -8.60 18.34 52.99
CA LYS G 133 -7.75 19.22 52.19
C LYS G 133 -6.37 18.67 51.88
N ASP G 134 -6.22 17.35 51.95
CA ASP G 134 -4.94 16.70 51.65
C ASP G 134 -4.94 16.17 50.22
N ARG G 135 -6.02 16.41 49.49
CA ARG G 135 -6.15 15.96 48.10
C ARG G 135 -6.81 17.00 47.21
N ILE G 136 -6.03 17.56 46.29
CA ILE G 136 -6.52 18.57 45.36
C ILE G 136 -6.18 18.15 43.92
N ALA G 137 -7.14 18.27 43.02
CA ALA G 137 -6.92 17.89 41.62
C ALA G 137 -7.56 18.92 40.68
N GLU G 138 -6.73 19.70 40.00
CA GLU G 138 -7.25 20.70 39.07
C GLU G 138 -6.86 20.44 37.61
N TYR G 139 -7.84 20.55 36.73
CA TYR G 139 -7.64 20.33 35.29
C TYR G 139 -7.95 21.59 34.50
N SER G 140 -7.18 21.82 33.44
CA SER G 140 -7.39 22.97 32.56
C SER G 140 -8.00 22.43 31.28
N LEU G 141 -8.93 23.18 30.68
CA LEU G 141 -9.56 22.72 29.45
C LEU G 141 -9.63 23.81 28.41
N LYS G 142 -8.90 23.64 27.31
CA LYS G 142 -8.86 24.63 26.24
C LYS G 142 -10.22 24.80 25.61
N LEU G 143 -10.68 26.04 25.58
CA LEU G 143 -11.99 26.36 25.00
C LEU G 143 -11.94 26.34 23.49
N ASP G 145 -13.65 27.74 19.63
CA ASP G 145 -14.19 28.93 19.01
C ASP G 145 -15.44 28.44 18.27
N ILE G 146 -16.60 28.75 18.82
CA ILE G 146 -17.83 28.29 18.20
C ILE G 146 -18.70 29.42 17.65
N ASP G 147 -19.03 29.32 16.36
CA ASP G 147 -19.88 30.31 15.70
C ASP G 147 -21.30 29.77 15.74
N ALA G 148 -21.90 29.78 16.93
CA ALA G 148 -23.25 29.28 17.15
C ALA G 148 -24.37 30.02 16.43
N ASP G 149 -25.14 29.26 15.64
CA ASP G 149 -26.28 29.82 14.93
C ASP G 149 -27.39 29.93 15.98
N PHE G 150 -27.34 31.02 16.74
CA PHE G 150 -28.31 31.27 17.81
C PHE G 150 -29.75 31.29 17.32
N LEU G 151 -30.56 30.37 17.85
CA LEU G 151 -31.96 30.27 17.47
C LEU G 151 -32.87 30.99 18.47
N LYS G 152 -34.05 31.39 18.00
CA LYS G 152 -35.01 32.09 18.84
C LYS G 152 -36.10 31.16 19.38
N ILE G 153 -35.81 30.47 20.46
CA ILE G 153 -36.77 29.55 21.07
C ILE G 153 -37.82 30.38 21.77
N GLU G 154 -39.09 30.12 21.44
CA GLU G 154 -40.19 30.86 22.04
C GLU G 154 -41.25 29.93 22.61
N GLU G 155 -41.64 30.19 23.85
CA GLU G 155 -42.65 29.38 24.54
C GLU G 155 -43.92 29.37 23.69
N LEU G 156 -44.26 28.19 23.18
CA LEU G 156 -45.45 28.06 22.34
C LEU G 156 -46.58 27.32 23.04
N GLN G 157 -47.74 27.30 22.40
CA GLN G 157 -48.90 26.61 22.93
C GLN G 157 -49.05 25.30 22.17
N TYR G 158 -48.57 24.21 22.76
CA TYR G 158 -48.62 22.91 22.11
C TYR G 158 -50.01 22.29 22.25
N ASP G 159 -50.39 21.51 21.23
CA ASP G 159 -51.69 20.84 21.21
C ASP G 159 -51.87 19.87 22.38
N SER G 160 -50.78 19.26 22.82
CA SER G 160 -50.83 18.30 23.92
C SER G 160 -49.61 18.42 24.81
N THR G 161 -49.79 18.16 26.11
CA THR G 161 -48.69 18.25 27.07
C THR G 161 -48.77 17.16 28.13
N LEU G 162 -48.02 16.08 27.94
CA LEU G 162 -48.02 14.99 28.91
C LEU G 162 -46.77 15.03 29.78
N SER G 163 -46.63 14.01 30.60
CA SER G 163 -45.51 13.88 31.52
C SER G 163 -45.55 12.48 32.11
N LEU G 164 -44.38 11.87 32.29
CA LEU G 164 -44.32 10.52 32.86
C LEU G 164 -42.91 10.24 33.37
N PRO G 165 -42.74 9.14 34.13
CA PRO G 165 -41.42 8.78 34.66
C PRO G 165 -40.42 8.63 33.52
N SER G 166 -39.24 9.22 33.67
CA SER G 166 -38.24 9.13 32.62
C SER G 166 -37.79 7.68 32.41
N SER G 167 -37.74 6.89 33.48
CA SER G 167 -37.33 5.50 33.33
C SER G 167 -38.30 4.73 32.45
N GLU G 168 -39.56 5.14 32.44
CA GLU G 168 -40.58 4.49 31.63
C GLU G 168 -40.48 4.87 30.17
N PHE G 169 -40.36 6.18 29.92
CA PHE G 169 -40.22 6.70 28.57
C PHE G 169 -39.01 6.06 27.92
N SER G 170 -37.97 5.84 28.74
CA SER G 170 -36.75 5.19 28.28
C SER G 170 -37.07 3.80 27.77
N LYS G 171 -37.59 2.94 28.67
CA LYS G 171 -37.94 1.57 28.30
C LYS G 171 -38.79 1.54 27.03
N ILE G 172 -39.84 2.35 26.99
CA ILE G 172 -40.72 2.42 25.82
C ILE G 172 -39.91 2.70 24.56
N VAL G 173 -39.08 3.76 24.61
CA VAL G 173 -38.28 4.14 23.45
C VAL G 173 -37.29 3.08 23.08
N ARG G 174 -36.63 2.49 24.06
CA ARG G 174 -35.65 1.45 23.76
C ARG G 174 -36.34 0.22 23.14
N ASP G 175 -37.48 -0.17 23.70
CA ASP G 175 -38.22 -1.32 23.19
C ASP G 175 -38.61 -1.16 21.71
N LEU G 176 -39.40 -0.12 21.44
CA LEU G 176 -39.88 0.15 20.09
C LEU G 176 -38.79 0.34 19.05
N SER G 177 -37.68 0.95 19.45
CA SER G 177 -36.59 1.19 18.51
C SER G 177 -36.01 -0.07 17.90
N GLN G 178 -36.29 -1.22 18.50
CA GLN G 178 -35.79 -2.49 17.98
C GLN G 178 -36.64 -2.93 16.81
N LEU G 179 -37.82 -2.33 16.68
CA LEU G 179 -38.74 -2.67 15.61
C LEU G 179 -38.73 -1.77 14.38
N SER G 180 -38.55 -0.48 14.59
CA SER G 180 -38.55 0.47 13.47
C SER G 180 -37.56 1.61 13.66
N ASP G 181 -37.22 2.27 12.56
CA ASP G 181 -36.31 3.41 12.57
C ASP G 181 -37.12 4.66 12.91
N SER G 182 -38.45 4.48 12.95
CA SER G 182 -39.38 5.58 13.23
C SER G 182 -40.35 5.18 14.33
N ILE G 183 -40.64 6.12 15.22
CA ILE G 183 -41.60 5.88 16.30
C ILE G 183 -42.68 6.96 16.27
N ASN G 184 -43.93 6.51 16.09
CA ASN G 184 -45.06 7.40 16.02
C ASN G 184 -45.70 7.60 17.39
N ILE G 185 -45.83 8.86 17.79
CA ILE G 185 -46.44 9.21 19.06
C ILE G 185 -47.83 9.81 18.81
N ILE G 187 -51.48 11.06 20.52
CA ILE G 187 -52.20 11.49 21.71
C ILE G 187 -53.64 11.70 21.27
N THR G 188 -54.47 10.68 21.47
CA THR G 188 -55.87 10.75 21.07
C THR G 188 -56.81 10.41 22.22
N LYS G 189 -57.81 11.26 22.42
CA LYS G 189 -58.82 11.08 23.48
C LYS G 189 -58.17 10.84 24.84
N GLU G 190 -57.29 11.74 25.23
CA GLU G 190 -56.59 11.62 26.51
C GLU G 190 -56.09 10.20 26.70
N THR G 191 -55.10 9.85 25.88
CA THR G 191 -54.47 8.53 25.87
C THR G 191 -53.14 8.67 25.15
N ILE G 192 -52.07 8.15 25.76
CA ILE G 192 -50.74 8.21 25.16
C ILE G 192 -50.46 6.90 24.44
N LYS G 193 -50.23 6.98 23.13
CA LYS G 193 -49.96 5.78 22.33
C LYS G 193 -48.72 5.89 21.46
N PHE G 194 -47.77 4.97 21.66
CA PHE G 194 -46.54 4.96 20.88
C PHE G 194 -46.56 3.76 19.94
N VAL G 195 -46.30 3.99 18.66
CA VAL G 195 -46.30 2.88 17.71
C VAL G 195 -45.04 2.85 16.90
N ALA G 196 -44.65 1.63 16.52
CA ALA G 196 -43.47 1.39 15.71
C ALA G 196 -43.79 0.31 14.69
N ASP G 197 -43.78 0.67 13.41
CA ASP G 197 -44.09 -0.31 12.37
C ASP G 197 -42.88 -0.61 11.51
N GLY G 198 -42.32 -1.79 11.69
CA GLY G 198 -41.14 -2.17 10.92
C GLY G 198 -41.44 -3.25 9.90
N ASP G 199 -40.42 -4.00 9.52
CA ASP G 199 -40.59 -5.06 8.55
C ASP G 199 -40.82 -6.38 9.28
N ILE G 200 -40.10 -6.59 10.37
CA ILE G 200 -40.25 -7.81 11.15
C ILE G 200 -41.62 -7.88 11.84
N GLY G 201 -42.19 -6.71 12.13
CA GLY G 201 -43.48 -6.66 12.78
C GLY G 201 -43.78 -5.25 13.27
N SER G 202 -44.75 -5.10 14.17
CA SER G 202 -45.08 -3.78 14.70
C SER G 202 -44.98 -3.77 16.22
N GLY G 203 -44.97 -2.56 16.78
CA GLY G 203 -44.88 -2.41 18.22
C GLY G 203 -45.84 -1.34 18.70
N SER G 204 -46.75 -1.70 19.59
CA SER G 204 -47.70 -0.72 20.10
C SER G 204 -47.74 -0.69 21.61
N VAL G 205 -47.66 0.51 22.17
CA VAL G 205 -47.69 0.71 23.61
C VAL G 205 -48.68 1.84 23.90
N ILE G 206 -49.58 1.62 24.85
CA ILE G 206 -50.55 2.65 25.21
C ILE G 206 -50.62 2.79 26.73
N ILE G 207 -50.61 4.03 27.20
CA ILE G 207 -50.67 4.30 28.63
C ILE G 207 -51.74 5.35 28.92
N LYS G 208 -52.59 5.07 29.91
CA LYS G 208 -53.67 5.96 30.32
C LYS G 208 -53.30 6.74 31.58
N PRO G 209 -53.57 8.06 31.58
CA PRO G 209 -53.28 8.93 32.72
C PRO G 209 -53.86 8.46 34.05
N PHE G 210 -53.16 8.80 35.14
CA PHE G 210 -53.60 8.47 36.49
C PHE G 210 -52.67 9.16 37.49
N VAL G 211 -53.00 9.07 38.78
CA VAL G 211 -52.17 9.70 39.80
C VAL G 211 -52.17 8.85 41.08
N ASP G 212 -51.03 8.24 41.37
CA ASP G 212 -50.89 7.41 42.55
C ASP G 212 -50.38 8.24 43.73
N GLU G 214 -49.68 7.25 46.46
CA GLU G 214 -48.67 6.44 47.14
C GLU G 214 -47.30 6.95 46.69
N HIS G 215 -47.14 7.09 45.38
CA HIS G 215 -45.90 7.60 44.80
C HIS G 215 -46.24 8.53 43.63
N PRO G 216 -46.36 9.83 43.91
CA PRO G 216 -46.68 10.84 42.90
C PRO G 216 -45.76 10.81 41.69
N GLU G 217 -44.53 10.37 41.89
CA GLU G 217 -43.56 10.33 40.80
C GLU G 217 -43.80 9.25 39.73
N THR G 218 -44.69 8.30 40.00
CA THR G 218 -44.96 7.24 39.02
C THR G 218 -46.26 7.48 38.29
N SER G 219 -46.81 8.69 38.45
CA SER G 219 -48.07 9.05 37.82
C SER G 219 -47.93 9.58 36.40
N ILE G 220 -48.89 9.25 35.55
CA ILE G 220 -48.90 9.68 34.16
C ILE G 220 -49.90 10.83 34.01
N LYS G 221 -49.42 12.00 33.61
CA LYS G 221 -50.28 13.16 33.42
C LYS G 221 -50.68 13.25 31.95
N LEU G 222 -51.45 14.28 31.60
CA LEU G 222 -51.89 14.49 30.22
C LEU G 222 -52.90 15.63 30.07
N GLU G 223 -52.43 16.75 29.52
CA GLU G 223 -53.29 17.92 29.30
C GLU G 223 -53.53 18.11 27.81
N ASP G 225 -55.52 19.27 24.35
CA ASP G 225 -56.38 20.37 23.93
C ASP G 225 -56.78 20.11 22.49
N GLN G 226 -55.97 19.31 21.80
CA GLN G 226 -56.19 18.94 20.41
C GLN G 226 -55.39 17.67 20.14
N PRO G 227 -55.89 16.77 19.29
CA PRO G 227 -55.17 15.53 18.97
C PRO G 227 -53.81 15.83 18.33
N VAL G 228 -52.89 14.88 18.42
CA VAL G 228 -51.56 15.02 17.83
C VAL G 228 -51.03 13.69 17.30
N ASP G 229 -50.56 13.71 16.05
CA ASP G 229 -50.02 12.50 15.44
C ASP G 229 -48.71 12.84 14.74
N LEU G 230 -47.61 12.61 15.45
CA LEU G 230 -46.28 12.90 14.91
C LEU G 230 -45.39 11.66 14.91
N THR G 231 -44.40 11.64 14.02
CA THR G 231 -43.47 10.53 13.94
C THR G 231 -42.04 11.06 14.06
N PHE G 232 -41.26 10.47 14.96
CA PHE G 232 -39.90 10.90 15.18
C PHE G 232 -38.89 9.81 14.84
N GLY G 233 -37.68 10.22 14.49
CA GLY G 233 -36.62 9.27 14.19
C GLY G 233 -36.22 8.57 15.47
N ALA G 234 -36.25 7.24 15.44
CA ALA G 234 -35.91 6.43 16.60
C ALA G 234 -34.54 6.77 17.17
N LYS G 235 -33.61 7.11 16.28
CA LYS G 235 -32.26 7.43 16.72
C LYS G 235 -32.21 8.63 17.65
N TYR G 236 -33.00 9.65 17.35
CA TYR G 236 -32.99 10.85 18.17
C TYR G 236 -33.69 10.66 19.51
N LEU G 237 -34.62 9.73 19.58
CA LEU G 237 -35.32 9.50 20.84
C LEU G 237 -34.39 8.71 21.73
N LEU G 238 -33.64 7.78 21.13
CA LEU G 238 -32.68 6.97 21.87
C LEU G 238 -31.60 7.85 22.48
N ASP G 239 -31.42 9.03 21.88
CA ASP G 239 -30.40 9.96 22.34
C ASP G 239 -30.98 10.90 23.41
N ILE G 240 -32.25 11.25 23.26
CA ILE G 240 -32.93 12.14 24.20
C ILE G 240 -33.19 11.45 25.54
N ILE G 241 -33.50 10.17 25.49
CA ILE G 241 -33.79 9.41 26.69
C ILE G 241 -32.57 9.35 27.61
N LYS G 242 -31.44 9.86 27.14
CA LYS G 242 -30.23 9.85 27.96
C LYS G 242 -30.28 10.90 29.04
N GLY G 243 -31.26 11.79 28.94
CA GLY G 243 -31.41 12.82 29.94
C GLY G 243 -32.13 12.22 31.13
N SER G 244 -32.40 10.92 31.04
CA SER G 244 -33.09 10.18 32.09
C SER G 244 -32.15 9.82 33.23
N SER G 245 -31.50 10.84 33.79
CA SER G 245 -30.59 10.64 34.90
C SER G 245 -30.56 11.97 35.63
N LEU G 246 -31.31 12.93 35.09
CA LEU G 246 -31.39 14.27 35.65
C LEU G 246 -32.72 14.48 36.36
N SER G 247 -33.78 13.94 35.78
CA SER G 247 -35.12 14.07 36.34
C SER G 247 -35.84 12.73 36.27
N ASP G 248 -36.54 12.37 37.34
CA ASP G 248 -37.27 11.10 37.36
C ASP G 248 -38.51 11.18 36.48
N ARG G 249 -38.78 12.38 35.97
CA ARG G 249 -39.94 12.57 35.11
C ARG G 249 -39.53 13.30 33.84
N VAL G 250 -40.28 13.10 32.76
CA VAL G 250 -39.99 13.75 31.50
C VAL G 250 -41.23 14.44 30.93
N GLY G 251 -41.09 15.71 30.62
CA GLY G 251 -42.21 16.45 30.06
C GLY G 251 -42.14 16.41 28.55
N ILE G 252 -43.28 16.16 27.90
CA ILE G 252 -43.34 16.09 26.46
C ILE G 252 -44.49 16.98 25.98
N ARG G 253 -44.16 17.95 25.13
CA ARG G 253 -45.14 18.87 24.56
C ARG G 253 -45.15 18.69 23.05
N LEU G 254 -46.30 18.30 22.49
CA LEU G 254 -46.42 18.06 21.05
C LEU G 254 -47.42 18.95 20.33
N SER G 255 -47.08 19.33 19.10
CA SER G 255 -47.94 20.18 18.28
C SER G 255 -47.69 19.88 16.79
N SER G 256 -48.76 19.65 16.05
CA SER G 256 -48.67 19.33 14.63
C SER G 256 -47.74 20.22 13.80
N GLU G 257 -47.55 21.45 14.24
CA GLU G 257 -46.70 22.39 13.50
C GLU G 257 -45.50 22.92 14.26
N ALA G 258 -44.71 22.03 14.85
CA ALA G 258 -43.54 22.43 15.61
C ALA G 258 -42.77 21.23 16.13
N PRO G 259 -41.48 21.41 16.43
CA PRO G 259 -40.66 20.32 16.94
C PRO G 259 -41.17 19.86 18.29
N ALA G 260 -41.06 18.57 18.57
CA ALA G 260 -41.51 18.06 19.85
C ALA G 260 -40.59 18.63 20.91
N LEU G 261 -41.04 18.64 22.15
CA LEU G 261 -40.23 19.18 23.23
C LEU G 261 -40.16 18.20 24.40
N PHE G 262 -38.98 17.65 24.61
CA PHE G 262 -38.79 16.71 25.71
C PHE G 262 -37.97 17.46 26.75
N GLN G 263 -38.48 17.50 27.98
CA GLN G 263 -37.77 18.22 29.03
C GLN G 263 -37.57 17.48 30.33
N PHE G 264 -36.39 17.69 30.92
CA PHE G 264 -36.02 17.08 32.18
C PHE G 264 -35.80 18.22 33.16
N ASP G 265 -36.39 18.10 34.35
CA ASP G 265 -36.27 19.15 35.34
C ASP G 265 -35.12 19.03 36.32
N LEU G 266 -34.40 20.13 36.51
CA LEU G 266 -33.27 20.18 37.43
C LEU G 266 -33.61 21.14 38.56
N LYS G 267 -33.27 20.76 39.79
CA LYS G 267 -33.55 21.58 40.96
C LYS G 267 -33.39 23.08 40.71
N SER G 268 -32.55 23.44 39.74
CA SER G 268 -32.33 24.84 39.42
C SER G 268 -32.29 25.11 37.93
N GLY G 269 -33.02 24.31 37.16
CA GLY G 269 -33.02 24.51 35.73
C GLY G 269 -33.67 23.39 34.94
N PHE G 270 -33.10 23.06 33.79
CA PHE G 270 -33.65 22.01 32.95
C PHE G 270 -32.78 21.72 31.74
N LEU G 271 -33.01 20.54 31.16
CA LEU G 271 -32.32 20.11 29.96
C LEU G 271 -33.44 19.78 29.00
N GLN G 272 -33.67 20.61 27.99
CA GLN G 272 -34.74 20.35 27.05
C GLN G 272 -34.27 20.03 25.64
N PHE G 273 -35.04 19.19 24.94
CA PHE G 273 -34.73 18.80 23.58
C PHE G 273 -35.87 19.15 22.63
N PHE G 274 -35.52 19.73 21.49
CA PHE G 274 -36.50 20.08 20.48
C PHE G 274 -36.20 19.20 19.28
N LEU G 275 -37.07 18.24 19.04
CA LEU G 275 -36.91 17.28 17.95
C LEU G 275 -37.84 17.57 16.77
N ALA G 276 -37.27 17.79 15.60
CA ALA G 276 -38.07 18.04 14.42
C ALA G 276 -38.64 16.70 13.97
N PRO G 277 -39.92 16.67 13.54
CA PRO G 277 -40.62 15.47 13.07
C PRO G 277 -40.22 15.03 11.67
N LYS G 278 -40.81 13.94 11.19
CA LYS G 278 -40.53 13.44 9.85
C LYS G 278 -41.60 13.91 8.88
N PHE G 279 -41.48 13.49 7.62
CA PHE G 279 -42.45 13.90 6.60
C PHE G 279 -43.76 13.13 6.72
N ASN G 280 -44.85 13.77 6.31
CA ASN G 280 -46.18 13.16 6.36
C ASN G 280 -46.46 12.36 5.09
N GLY H 13 -58.57 6.98 14.91
CA GLY H 13 -58.97 7.86 16.05
C GLY H 13 -59.57 7.08 17.20
N LEU H 14 -60.78 6.57 17.00
CA LEU H 14 -61.48 5.79 18.02
C LEU H 14 -61.10 4.32 17.97
N GLU H 15 -60.35 3.94 16.94
CA GLU H 15 -59.91 2.55 16.76
C GLU H 15 -58.49 2.39 17.32
N VAL H 16 -58.20 3.12 18.40
CA VAL H 16 -56.89 3.06 19.04
C VAL H 16 -56.90 2.00 20.13
N LEU H 17 -57.63 0.92 19.88
CA LEU H 17 -57.72 -0.18 20.82
C LEU H 17 -56.97 -1.31 20.15
N PHE H 18 -56.01 -1.90 20.86
CA PHE H 18 -55.23 -3.01 20.30
C PHE H 18 -56.17 -4.02 19.68
N GLN H 19 -55.64 -4.91 18.86
CA GLN H 19 -56.49 -5.91 18.20
C GLN H 19 -56.44 -7.26 18.88
N GLY H 20 -55.22 -7.72 19.18
CA GLY H 20 -55.02 -9.01 19.82
C GLY H 20 -56.14 -9.63 20.65
N PRO H 21 -56.63 -8.93 21.68
CA PRO H 21 -57.71 -9.40 22.56
C PRO H 21 -59.07 -9.72 21.91
N HIS H 22 -59.52 -8.82 21.03
CA HIS H 22 -60.81 -8.95 20.37
C HIS H 22 -60.89 -9.75 19.09
N ALA H 24 -60.76 -12.77 16.30
CA ALA H 24 -61.15 -14.17 16.29
C ALA H 24 -59.84 -14.95 16.31
N SER H 25 -59.58 -15.66 17.41
CA SER H 25 -58.32 -16.39 17.55
C SER H 25 -58.43 -17.89 17.79
N LEU H 27 -55.54 -19.47 18.69
CA LEU H 27 -54.53 -19.64 19.72
C LEU H 27 -54.51 -18.45 20.67
N GLU H 28 -54.59 -18.74 21.96
CA GLU H 28 -54.57 -17.70 22.97
C GLU H 28 -53.97 -18.33 24.23
N ALA H 29 -52.66 -18.16 24.39
CA ALA H 29 -51.94 -18.71 25.53
C ALA H 29 -51.23 -17.67 26.39
N LYS H 30 -51.68 -17.55 27.63
CA LYS H 30 -51.09 -16.61 28.58
C LYS H 30 -50.06 -17.38 29.41
N PHE H 31 -48.86 -16.83 29.54
CA PHE H 31 -47.79 -17.45 30.30
C PHE H 31 -47.94 -17.29 31.81
N GLU H 32 -47.19 -18.08 32.55
CA GLU H 32 -47.20 -18.01 34.00
C GLU H 32 -46.40 -16.74 34.32
N GLU H 33 -45.33 -16.55 33.56
CA GLU H 33 -44.46 -15.39 33.68
C GLU H 33 -43.84 -15.13 32.31
N ALA H 34 -43.83 -13.87 31.91
CA ALA H 34 -43.27 -13.47 30.62
C ALA H 34 -41.85 -14.01 30.47
N SER H 35 -41.01 -13.66 31.44
CA SER H 35 -39.61 -14.07 31.47
C SER H 35 -39.38 -15.53 31.08
N LEU H 36 -40.29 -16.41 31.51
CA LEU H 36 -40.19 -17.83 31.21
C LEU H 36 -39.85 -18.02 29.73
N PHE H 37 -40.78 -17.59 28.88
CA PHE H 37 -40.62 -17.69 27.43
C PHE H 37 -39.36 -16.97 26.98
N LYS H 38 -39.17 -15.76 27.48
CA LYS H 38 -37.99 -14.97 27.15
C LYS H 38 -36.77 -15.86 27.39
N ARG H 39 -36.70 -16.45 28.57
CA ARG H 39 -35.60 -17.35 28.93
C ARG H 39 -35.54 -18.53 27.98
N ILE H 40 -36.66 -19.24 27.83
CA ILE H 40 -36.74 -20.39 26.93
C ILE H 40 -35.99 -20.12 25.63
N ILE H 41 -36.54 -19.23 24.82
CA ILE H 41 -35.96 -18.88 23.53
C ILE H 41 -34.47 -18.59 23.56
N ASP H 42 -33.98 -18.07 24.69
CA ASP H 42 -32.55 -17.76 24.79
C ASP H 42 -31.70 -19.01 24.85
N GLY H 43 -32.19 -20.04 25.54
CA GLY H 43 -31.46 -21.27 25.66
C GLY H 43 -31.05 -21.91 24.33
N PHE H 44 -31.80 -21.65 23.28
CA PHE H 44 -31.48 -22.24 21.98
C PHE H 44 -31.38 -21.16 20.90
N LYS H 45 -31.49 -19.92 21.33
CA LYS H 45 -31.43 -18.75 20.47
C LYS H 45 -30.18 -18.65 19.61
N ASP H 46 -29.02 -18.98 20.19
CA ASP H 46 -27.76 -18.88 19.49
C ASP H 46 -27.45 -19.96 18.45
N CYS H 47 -28.04 -21.14 18.62
CA CYS H 47 -27.80 -22.22 17.67
C CYS H 47 -28.67 -22.04 16.43
N VAL H 48 -29.98 -22.08 16.65
CA VAL H 48 -30.94 -21.94 15.57
C VAL H 48 -31.24 -20.50 15.21
N GLN H 49 -31.98 -20.33 14.12
CA GLN H 49 -32.33 -19.01 13.63
C GLN H 49 -33.83 -18.95 13.34
N LEU H 50 -34.29 -19.86 12.47
CA LEU H 50 -35.69 -19.94 12.08
C LEU H 50 -36.28 -21.27 12.52
N VAL H 51 -37.29 -21.22 13.39
CA VAL H 51 -37.91 -22.46 13.84
C VAL H 51 -39.43 -22.39 13.73
N ASN H 52 -40.05 -23.55 13.54
CA ASN H 52 -41.50 -23.65 13.43
C ASN H 52 -42.09 -24.10 14.76
N PHE H 53 -42.91 -23.25 15.36
CA PHE H 53 -43.53 -23.56 16.63
C PHE H 53 -44.90 -24.20 16.44
N GLN H 54 -44.94 -25.53 16.36
CA GLN H 54 -46.18 -26.25 16.17
C GLN H 54 -46.99 -26.26 17.46
N CYS H 55 -48.13 -25.57 17.45
CA CYS H 55 -49.00 -25.49 18.61
C CYS H 55 -50.15 -26.48 18.45
N LYS H 56 -50.40 -27.25 19.51
CA LYS H 56 -51.48 -28.23 19.51
C LYS H 56 -52.33 -27.98 20.75
N GLU H 57 -53.33 -28.82 20.95
CA GLU H 57 -54.23 -28.67 22.09
C GLU H 57 -53.51 -28.97 23.40
N ASP H 58 -52.39 -29.70 23.30
CA ASP H 58 -51.61 -30.08 24.49
C ASP H 58 -50.53 -29.09 24.90
N GLY H 59 -50.01 -28.32 23.94
CA GLY H 59 -48.98 -27.35 24.25
C GLY H 59 -48.20 -26.88 23.04
N ILE H 60 -46.90 -26.66 23.21
CA ILE H 60 -46.04 -26.20 22.13
C ILE H 60 -44.92 -27.20 21.82
N ILE H 61 -44.68 -27.44 20.54
CA ILE H 61 -43.64 -28.36 20.11
C ILE H 61 -42.78 -27.74 19.01
N ALA H 62 -41.53 -27.44 19.33
CA ALA H 62 -40.61 -26.84 18.37
C ALA H 62 -39.34 -27.66 18.20
N GLN H 63 -38.83 -27.69 16.97
CA GLN H 63 -37.61 -28.40 16.66
C GLN H 63 -36.83 -27.65 15.60
N ALA H 64 -35.54 -27.95 15.46
CA ALA H 64 -34.71 -27.29 14.47
C ALA H 64 -33.30 -27.88 14.41
N VAL H 65 -32.72 -27.88 13.22
CA VAL H 65 -31.38 -28.40 13.00
C VAL H 65 -30.52 -27.29 12.44
N ASP H 66 -29.36 -27.05 13.05
CA ASP H 66 -28.44 -26.00 12.61
C ASP H 66 -28.09 -26.12 11.14
N ASP H 67 -27.59 -25.04 10.56
CA ASP H 67 -27.21 -25.03 9.15
C ASP H 67 -26.13 -26.07 8.88
N SER H 68 -25.21 -26.23 9.82
CA SER H 68 -24.14 -27.20 9.68
C SER H 68 -24.76 -28.59 9.59
N ARG H 69 -25.95 -28.74 10.16
CA ARG H 69 -26.70 -29.98 10.16
C ARG H 69 -26.07 -31.05 11.06
N VAL H 70 -25.73 -30.67 12.28
CA VAL H 70 -25.11 -31.61 13.21
C VAL H 70 -25.63 -31.46 14.64
N LEU H 71 -26.52 -30.49 14.85
CA LEU H 71 -27.11 -30.22 16.15
C LEU H 71 -28.62 -30.21 15.93
N LEU H 72 -29.39 -30.62 16.93
CA LEU H 72 -30.83 -30.64 16.81
C LEU H 72 -31.47 -30.21 18.12
N VAL H 73 -32.25 -29.12 18.06
CA VAL H 73 -32.92 -28.63 19.25
C VAL H 73 -34.35 -29.13 19.25
N SER H 74 -34.86 -29.41 20.45
CA SER H 74 -36.22 -29.89 20.57
C SER H 74 -36.83 -29.31 21.84
N LEU H 75 -37.81 -28.43 21.64
CA LEU H 75 -38.50 -27.80 22.74
C LEU H 75 -39.85 -28.46 22.91
N GLU H 76 -40.51 -28.15 24.02
CA GLU H 76 -41.81 -28.71 24.31
C GLU H 76 -42.34 -28.07 25.58
N ILE H 77 -43.26 -27.12 25.42
CA ILE H 77 -43.84 -26.44 26.57
C ILE H 77 -45.19 -27.08 26.85
N GLY H 78 -45.30 -27.77 27.99
CA GLY H 78 -46.55 -28.40 28.35
C GLY H 78 -47.61 -27.38 28.73
N VAL H 79 -48.87 -27.76 28.57
CA VAL H 79 -49.98 -26.87 28.90
C VAL H 79 -49.92 -26.35 30.34
N GLU H 80 -49.07 -26.95 31.16
CA GLU H 80 -48.93 -26.54 32.55
C GLU H 80 -48.13 -25.27 32.76
N ALA H 81 -47.43 -24.83 31.72
CA ALA H 81 -46.63 -23.62 31.81
C ALA H 81 -47.48 -22.37 31.65
N PHE H 82 -48.75 -22.56 31.31
CA PHE H 82 -49.65 -21.45 31.07
C PHE H 82 -50.71 -21.16 32.12
N GLN H 83 -50.93 -19.87 32.35
CA GLN H 83 -51.92 -19.37 33.29
C GLN H 83 -53.28 -19.76 32.71
N GLU H 84 -53.37 -19.68 31.39
CA GLU H 84 -54.58 -20.04 30.65
C GLU H 84 -54.13 -20.34 29.23
N TYR H 85 -54.55 -21.47 28.69
CA TYR H 85 -54.15 -21.88 27.34
C TYR H 85 -55.36 -22.48 26.63
N ARG H 86 -55.57 -22.12 25.37
CA ARG H 86 -56.72 -22.67 24.66
C ARG H 86 -56.58 -22.92 23.17
N CYS H 87 -55.36 -23.18 22.69
CA CYS H 87 -55.20 -23.46 21.27
C CYS H 87 -56.22 -24.55 20.96
N ASP H 88 -57.11 -24.31 20.01
CA ASP H 88 -58.14 -25.30 19.69
C ASP H 88 -58.01 -25.97 18.34
N HIS H 89 -56.86 -25.80 17.70
CA HIS H 89 -56.59 -26.41 16.41
C HIS H 89 -55.10 -26.32 16.06
N PRO H 90 -54.53 -27.40 15.52
CA PRO H 90 -53.11 -27.43 15.16
C PRO H 90 -52.69 -26.31 14.20
N VAL H 91 -51.79 -25.46 14.67
CA VAL H 91 -51.27 -24.36 13.86
C VAL H 91 -49.75 -24.32 13.95
N THR H 92 -49.09 -24.19 12.81
CA THR H 92 -47.64 -24.11 12.76
C THR H 92 -47.25 -22.64 12.59
N LEU H 93 -46.42 -22.14 13.49
CA LEU H 93 -45.99 -20.75 13.44
C LEU H 93 -44.48 -20.61 13.26
N GLY H 94 -44.05 -20.37 12.03
CA GLY H 94 -42.63 -20.20 11.77
C GLY H 94 -42.20 -18.77 12.10
N ASP H 96 -38.55 -16.05 13.10
CA ASP H 96 -37.14 -15.76 13.37
C ASP H 96 -36.92 -15.39 14.83
N LEU H 97 -36.08 -16.18 15.50
CA LEU H 97 -35.77 -15.95 16.92
C LEU H 97 -35.12 -14.61 17.19
N THR H 98 -34.42 -14.07 16.21
CA THR H 98 -33.77 -12.78 16.38
C THR H 98 -34.85 -11.72 16.61
N SER H 99 -35.92 -11.79 15.82
CA SER H 99 -37.03 -10.87 15.94
C SER H 99 -37.78 -11.21 17.22
N LEU H 100 -37.99 -12.50 17.44
CA LEU H 100 -38.69 -12.96 18.64
C LEU H 100 -37.99 -12.46 19.91
N SER H 101 -36.66 -12.51 19.89
CA SER H 101 -35.86 -12.07 21.02
C SER H 101 -36.16 -10.62 21.34
N LYS H 102 -36.20 -9.79 20.30
CA LYS H 102 -36.46 -8.37 20.44
C LYS H 102 -37.82 -8.13 21.11
N ILE H 103 -38.86 -8.73 20.56
CA ILE H 103 -40.18 -8.57 21.13
C ILE H 103 -40.14 -8.97 22.59
N LEU H 104 -39.58 -10.15 22.86
CA LEU H 104 -39.48 -10.67 24.21
C LEU H 104 -38.71 -9.80 25.20
N ARG H 105 -37.94 -8.84 24.70
CA ARG H 105 -37.15 -7.96 25.56
C ARG H 105 -37.94 -6.77 26.05
N CYS H 106 -39.15 -6.60 25.52
CA CYS H 106 -40.01 -5.48 25.88
C CYS H 106 -40.84 -5.79 27.11
N GLY H 107 -40.83 -7.06 27.51
CA GLY H 107 -41.60 -7.47 28.66
C GLY H 107 -40.97 -7.08 29.99
N ASN H 108 -41.80 -6.55 30.88
CA ASN H 108 -41.34 -6.15 32.21
C ASN H 108 -41.35 -7.36 33.15
N ASN H 109 -41.32 -7.08 34.44
CA ASN H 109 -41.33 -8.12 35.45
C ASN H 109 -42.77 -8.46 35.84
N THR H 110 -43.55 -7.42 36.10
CA THR H 110 -44.95 -7.59 36.49
C THR H 110 -45.87 -7.47 35.27
N ASP H 111 -45.46 -8.10 34.18
CA ASP H 111 -46.23 -8.10 32.95
C ASP H 111 -46.54 -9.53 32.50
N THR H 112 -47.79 -9.77 32.15
CA THR H 112 -48.20 -11.09 31.69
C THR H 112 -47.98 -11.15 30.18
N LEU H 113 -47.66 -12.33 29.67
CA LEU H 113 -47.42 -12.49 28.24
C LEU H 113 -48.43 -13.43 27.58
N THR H 114 -49.21 -12.90 26.65
CA THR H 114 -50.17 -13.72 25.94
C THR H 114 -49.86 -13.83 24.46
N LEU H 115 -49.78 -15.07 23.98
CA LEU H 115 -49.53 -15.35 22.58
C LEU H 115 -50.89 -15.51 21.93
N ILE H 116 -51.16 -14.72 20.90
CA ILE H 116 -52.44 -14.81 20.23
C ILE H 116 -52.27 -14.91 18.72
N ALA H 117 -53.13 -15.69 18.08
CA ALA H 117 -53.11 -15.86 16.64
C ALA H 117 -54.55 -16.03 16.16
N ASP H 118 -54.88 -15.50 14.98
CA ASP H 118 -56.24 -15.63 14.49
C ASP H 118 -56.37 -16.89 13.64
N ASN H 119 -57.59 -17.38 13.47
CA ASN H 119 -57.86 -18.59 12.71
C ASN H 119 -57.17 -18.67 11.34
N THR H 120 -56.63 -17.55 10.86
CA THR H 120 -55.91 -17.49 9.58
C THR H 120 -54.72 -16.57 9.79
N PRO H 121 -53.70 -17.04 10.53
CA PRO H 121 -52.48 -16.31 10.85
C PRO H 121 -51.47 -16.06 9.73
N ASP H 122 -50.99 -14.82 9.68
CA ASP H 122 -49.99 -14.40 8.72
C ASP H 122 -48.92 -13.73 9.57
N SER H 123 -49.17 -13.73 10.88
CA SER H 123 -48.28 -13.14 11.89
C SER H 123 -48.76 -13.62 13.26
N ILE H 124 -48.05 -13.24 14.31
CA ILE H 124 -48.41 -13.67 15.66
C ILE H 124 -48.40 -12.49 16.62
N ILE H 125 -49.36 -12.45 17.53
CA ILE H 125 -49.41 -11.33 18.47
C ILE H 125 -48.84 -11.73 19.85
N LEU H 126 -48.08 -10.82 20.43
CA LEU H 126 -47.50 -11.03 21.75
C LEU H 126 -47.97 -9.84 22.58
N LEU H 127 -48.98 -10.08 23.40
CA LEU H 127 -49.59 -9.04 24.20
C LEU H 127 -49.05 -9.00 25.63
N PHE H 128 -48.65 -7.83 26.09
CA PHE H 128 -48.14 -7.67 27.44
C PHE H 128 -49.11 -6.87 28.29
N GLU H 129 -49.66 -7.54 29.31
CA GLU H 129 -50.63 -6.95 30.23
C GLU H 129 -49.93 -6.70 31.56
N ASP H 130 -50.35 -5.65 32.27
CA ASP H 130 -49.75 -5.31 33.56
C ASP H 130 -50.80 -5.32 34.67
N THR H 131 -50.33 -5.27 35.91
CA THR H 131 -51.22 -5.25 37.08
C THR H 131 -52.16 -4.07 36.88
N LYS H 132 -51.60 -2.86 36.91
CA LYS H 132 -52.37 -1.65 36.69
C LYS H 132 -52.66 -1.63 35.19
N LYS H 133 -53.84 -2.12 34.83
CA LYS H 133 -54.28 -2.19 33.44
C LYS H 133 -53.91 -0.97 32.60
N ASP H 134 -53.45 0.09 33.27
CA ASP H 134 -53.06 1.32 32.58
C ASP H 134 -51.96 1.12 31.55
N ARG H 135 -51.35 -0.06 31.54
CA ARG H 135 -50.27 -0.32 30.59
C ARG H 135 -50.43 -1.61 29.79
N ILE H 136 -50.79 -1.44 28.52
CA ILE H 136 -50.95 -2.58 27.61
C ILE H 136 -49.98 -2.35 26.45
N ALA H 137 -49.28 -3.40 26.05
CA ALA H 137 -48.34 -3.29 24.96
C ALA H 137 -48.54 -4.47 24.02
N GLU H 138 -48.82 -4.18 22.76
CA GLU H 138 -49.04 -5.25 21.80
C GLU H 138 -48.05 -5.25 20.66
N TYR H 139 -47.32 -6.35 20.56
CA TYR H 139 -46.35 -6.53 19.51
C TYR H 139 -46.85 -7.59 18.54
N SER H 140 -46.68 -7.30 17.26
CA SER H 140 -47.09 -8.22 16.21
C SER H 140 -45.82 -8.63 15.48
N LEU H 141 -45.71 -9.91 15.14
CA LEU H 141 -44.54 -10.42 14.45
C LEU H 141 -44.94 -11.18 13.20
N LYS H 142 -44.35 -10.83 12.07
CA LYS H 142 -44.63 -11.50 10.79
C LYS H 142 -44.10 -12.94 10.78
N LEU H 143 -44.97 -13.89 10.48
CA LEU H 143 -44.59 -15.30 10.44
C LEU H 143 -43.72 -15.63 9.23
N ASP H 145 -42.21 -18.72 6.58
CA ASP H 145 -42.64 -20.01 6.05
C ASP H 145 -41.46 -20.96 5.91
N ILE H 146 -41.32 -21.85 6.89
CA ILE H 146 -40.22 -22.82 6.89
C ILE H 146 -40.74 -24.22 6.56
N ASP H 147 -39.86 -25.06 6.02
CA ASP H 147 -40.22 -26.43 5.68
C ASP H 147 -40.15 -27.29 6.94
N ALA H 148 -41.25 -27.35 7.67
CA ALA H 148 -41.34 -28.11 8.91
C ALA H 148 -40.81 -29.54 8.77
N ASP H 149 -39.98 -29.92 9.73
CA ASP H 149 -39.40 -31.26 9.75
C ASP H 149 -40.15 -32.12 10.75
N PHE H 150 -40.56 -33.31 10.32
CA PHE H 150 -41.31 -34.22 11.17
C PHE H 150 -40.49 -34.63 12.40
N LEU H 151 -41.18 -34.83 13.51
CA LEU H 151 -40.55 -35.21 14.77
C LEU H 151 -39.67 -36.46 14.64
N LYS H 152 -38.46 -36.37 15.18
CA LYS H 152 -37.51 -37.49 15.17
C LYS H 152 -37.55 -38.06 16.59
N ILE H 153 -38.74 -38.51 16.99
CA ILE H 153 -38.96 -39.08 18.32
C ILE H 153 -38.08 -40.28 18.66
N GLU H 154 -37.06 -40.53 17.84
CA GLU H 154 -36.15 -41.66 18.06
C GLU H 154 -35.52 -41.62 19.46
N GLU H 155 -35.86 -42.61 20.29
CA GLU H 155 -35.34 -42.67 21.65
C GLU H 155 -34.37 -43.84 21.83
N LEU H 156 -33.32 -43.89 21.01
CA LEU H 156 -32.34 -44.98 21.12
C LEU H 156 -31.70 -44.97 22.50
N GLN H 157 -31.73 -46.12 23.17
CA GLN H 157 -31.16 -46.24 24.52
C GLN H 157 -29.70 -45.79 24.51
N TYR H 158 -29.33 -44.99 25.50
CA TYR H 158 -27.97 -44.48 25.61
C TYR H 158 -27.14 -45.31 26.59
N ASP H 159 -25.94 -45.69 26.17
CA ASP H 159 -25.03 -46.48 26.98
C ASP H 159 -24.86 -45.96 28.40
N SER H 160 -24.81 -44.64 28.56
CA SER H 160 -24.64 -44.05 29.88
C SER H 160 -25.57 -42.85 30.07
N THR H 161 -26.00 -42.64 31.32
CA THR H 161 -26.90 -41.54 31.66
C THR H 161 -26.49 -40.86 32.96
N LEU H 162 -26.25 -39.55 32.89
CA LEU H 162 -25.83 -38.80 34.06
C LEU H 162 -26.47 -37.41 34.14
N SER H 163 -26.30 -36.75 35.28
CA SER H 163 -26.84 -35.41 35.50
C SER H 163 -26.04 -34.68 36.56
N LEU H 164 -25.79 -33.40 36.35
CA LEU H 164 -25.03 -32.59 37.28
C LEU H 164 -25.51 -31.14 37.19
N PRO H 165 -25.13 -30.31 38.17
CA PRO H 165 -25.55 -28.90 38.15
C PRO H 165 -25.16 -28.25 36.83
N SER H 166 -26.05 -27.44 36.26
CA SER H 166 -25.80 -26.77 34.98
C SER H 166 -24.67 -25.75 35.08
N SER H 167 -24.57 -25.09 36.23
CA SER H 167 -23.53 -24.08 36.44
C SER H 167 -22.13 -24.70 36.42
N GLU H 168 -21.99 -25.86 37.03
CA GLU H 168 -20.70 -26.55 37.08
C GLU H 168 -20.38 -27.25 35.77
N PHE H 169 -21.42 -27.61 35.02
CA PHE H 169 -21.21 -28.28 33.74
C PHE H 169 -20.78 -27.29 32.69
N SER H 170 -21.37 -26.10 32.74
CA SER H 170 -21.05 -25.05 31.78
C SER H 170 -19.56 -24.71 31.83
N LYS H 171 -19.05 -24.45 33.03
CA LYS H 171 -17.64 -24.11 33.19
C LYS H 171 -16.79 -25.17 32.51
N ILE H 172 -16.92 -26.41 32.95
CA ILE H 172 -16.17 -27.51 32.39
C ILE H 172 -16.05 -27.34 30.88
N VAL H 173 -17.19 -27.18 30.22
CA VAL H 173 -17.23 -27.01 28.78
C VAL H 173 -16.49 -25.77 28.32
N ARG H 174 -16.78 -24.65 28.97
CA ARG H 174 -16.17 -23.37 28.64
C ARG H 174 -14.67 -23.34 28.93
N ASP H 175 -14.26 -23.92 30.06
CA ASP H 175 -12.85 -23.96 30.46
C ASP H 175 -12.00 -24.76 29.48
N LEU H 176 -12.44 -25.98 29.17
CA LEU H 176 -11.71 -26.84 28.25
C LEU H 176 -11.74 -26.30 26.82
N SER H 177 -12.87 -25.70 26.45
CA SER H 177 -13.03 -25.14 25.11
C SER H 177 -11.96 -24.09 24.81
N GLN H 178 -11.15 -23.77 25.82
CA GLN H 178 -10.08 -22.80 25.66
C GLN H 178 -8.86 -23.52 25.09
N LEU H 179 -8.69 -24.76 25.51
CA LEU H 179 -7.56 -25.58 25.09
C LEU H 179 -7.71 -26.22 23.71
N SER H 180 -8.92 -26.65 23.36
CA SER H 180 -9.13 -27.28 22.07
C SER H 180 -10.51 -27.00 21.45
N ASP H 181 -10.64 -27.33 20.17
CA ASP H 181 -11.87 -27.13 19.43
C ASP H 181 -12.67 -28.43 19.44
N SER H 182 -12.20 -29.40 20.22
CA SER H 182 -12.86 -30.70 20.32
C SER H 182 -12.77 -31.25 21.74
N ILE H 183 -13.90 -31.24 22.45
CA ILE H 183 -13.97 -31.75 23.81
C ILE H 183 -14.34 -33.23 23.79
N ASN H 184 -13.71 -34.01 24.67
CA ASN H 184 -13.96 -35.44 24.74
C ASN H 184 -14.65 -35.76 26.06
N ILE H 185 -15.51 -36.78 26.04
CA ILE H 185 -16.24 -37.20 27.23
C ILE H 185 -16.21 -38.71 27.38
N ILE H 187 -16.92 -42.20 29.96
CA ILE H 187 -17.66 -42.75 31.09
C ILE H 187 -17.09 -44.13 31.39
N THR H 188 -15.80 -44.18 31.74
CA THR H 188 -15.13 -45.43 32.03
C THR H 188 -15.16 -45.74 33.52
N LYS H 189 -15.49 -46.98 33.85
CA LYS H 189 -15.55 -47.44 35.23
C LYS H 189 -16.39 -46.51 36.12
N GLU H 190 -17.62 -46.27 35.70
CA GLU H 190 -18.55 -45.42 36.44
C GLU H 190 -17.84 -44.18 37.00
N THR H 191 -17.23 -43.42 36.08
CA THR H 191 -16.51 -42.21 36.43
C THR H 191 -16.56 -41.27 35.21
N ILE H 192 -17.01 -40.05 35.42
CA ILE H 192 -17.13 -39.08 34.33
C ILE H 192 -15.83 -38.31 34.09
N LYS H 193 -15.38 -38.29 32.84
CA LYS H 193 -14.16 -37.60 32.46
C LYS H 193 -14.32 -36.68 31.24
N PHE H 194 -13.71 -35.51 31.31
CA PHE H 194 -13.74 -34.54 30.22
C PHE H 194 -12.31 -34.22 29.79
N VAL H 195 -11.95 -34.63 28.58
CA VAL H 195 -10.60 -34.42 28.07
C VAL H 195 -10.55 -33.40 26.94
N ALA H 196 -9.45 -32.66 26.89
CA ALA H 196 -9.23 -31.64 25.86
C ALA H 196 -7.75 -31.52 25.47
N ASP H 197 -7.37 -32.22 24.39
CA ASP H 197 -5.99 -32.17 23.92
C ASP H 197 -5.85 -31.04 22.90
N GLY H 198 -5.16 -29.98 23.31
CA GLY H 198 -4.97 -28.84 22.42
C GLY H 198 -3.56 -28.65 21.92
N ASP H 199 -3.35 -27.54 21.22
CA ASP H 199 -2.05 -27.21 20.66
C ASP H 199 -1.06 -26.79 21.74
N ILE H 200 -1.51 -25.97 22.68
CA ILE H 200 -0.64 -25.49 23.75
C ILE H 200 -0.51 -26.45 24.92
N GLY H 201 -1.55 -27.24 25.19
CA GLY H 201 -1.46 -28.17 26.30
C GLY H 201 -2.50 -29.27 26.35
N SER H 202 -3.12 -29.41 27.51
CA SER H 202 -4.15 -30.43 27.74
C SER H 202 -5.04 -30.12 28.93
N GLY H 203 -6.23 -30.71 28.92
CA GLY H 203 -7.18 -30.52 30.00
C GLY H 203 -7.83 -31.84 30.38
N SER H 204 -8.14 -32.01 31.66
CA SER H 204 -8.75 -33.24 32.12
C SER H 204 -9.55 -33.05 33.40
N VAL H 205 -10.87 -33.00 33.28
CA VAL H 205 -11.73 -32.84 34.45
C VAL H 205 -12.44 -34.17 34.67
N ILE H 206 -12.30 -34.71 35.87
CA ILE H 206 -12.91 -35.98 36.22
C ILE H 206 -13.79 -35.85 37.46
N ILE H 207 -15.04 -36.28 37.34
CA ILE H 207 -15.99 -36.21 38.44
C ILE H 207 -16.72 -37.52 38.65
N LYS H 208 -16.61 -38.07 39.86
CA LYS H 208 -17.27 -39.33 40.18
C LYS H 208 -18.65 -39.05 40.73
N PRO H 209 -19.57 -40.02 40.61
CA PRO H 209 -20.92 -39.86 41.12
C PRO H 209 -20.96 -39.47 42.60
N PHE H 210 -21.21 -38.19 42.86
CA PHE H 210 -21.28 -37.65 44.21
C PHE H 210 -22.74 -37.39 44.59
N VAL H 211 -23.10 -37.68 45.83
CA VAL H 211 -24.46 -37.47 46.29
C VAL H 211 -24.52 -36.83 47.67
N ASP H 212 -24.75 -35.52 47.71
CA ASP H 212 -24.85 -34.80 48.97
C ASP H 212 -26.27 -34.96 49.48
N GLU H 214 -27.46 -32.69 52.26
CA GLU H 214 -27.86 -31.39 52.76
C GLU H 214 -28.28 -30.51 51.59
N HIS H 215 -27.53 -30.62 50.48
CA HIS H 215 -27.82 -29.87 49.27
C HIS H 215 -27.99 -30.84 48.10
N PRO H 216 -29.06 -31.65 48.11
CA PRO H 216 -29.36 -32.63 47.06
C PRO H 216 -29.32 -32.00 45.67
N GLU H 217 -29.52 -30.69 45.63
CA GLU H 217 -29.50 -29.93 44.38
C GLU H 217 -28.20 -30.24 43.64
N THR H 218 -27.08 -30.08 44.35
CA THR H 218 -25.76 -30.35 43.79
C THR H 218 -25.41 -31.82 43.97
N SER H 219 -25.53 -32.59 42.89
CA SER H 219 -25.23 -34.01 42.94
C SER H 219 -24.94 -34.52 41.55
N ILE H 220 -24.16 -35.60 41.47
CA ILE H 220 -23.82 -36.18 40.18
C ILE H 220 -24.30 -37.63 40.11
N LYS H 221 -25.41 -37.84 39.42
CA LYS H 221 -25.98 -39.17 39.27
C LYS H 221 -25.41 -39.78 37.99
N LEU H 222 -25.08 -41.07 38.04
CA LEU H 222 -24.55 -41.74 36.86
C LEU H 222 -25.07 -43.16 36.70
N GLU H 223 -25.13 -43.60 35.45
CA GLU H 223 -25.60 -44.95 35.12
C GLU H 223 -24.74 -45.49 33.98
N ASP H 225 -23.37 -48.54 31.59
CA ASP H 225 -23.82 -49.80 31.02
C ASP H 225 -22.75 -50.31 30.05
N GLN H 226 -22.21 -49.39 29.27
CA GLN H 226 -21.16 -49.69 28.30
C GLN H 226 -20.15 -48.56 28.29
N PRO H 227 -18.84 -48.90 28.30
CA PRO H 227 -17.79 -47.88 28.28
C PRO H 227 -18.09 -46.82 27.23
N VAL H 228 -18.02 -45.56 27.62
CA VAL H 228 -18.31 -44.46 26.70
C VAL H 228 -17.08 -43.61 26.38
N ASP H 229 -17.02 -43.14 25.14
CA ASP H 229 -15.93 -42.30 24.66
C ASP H 229 -16.37 -41.61 23.37
N LEU H 230 -16.76 -40.34 23.49
CA LEU H 230 -17.21 -39.57 22.33
C LEU H 230 -16.54 -38.20 22.22
N THR H 231 -16.47 -37.69 20.99
CA THR H 231 -15.87 -36.38 20.71
C THR H 231 -16.82 -35.52 19.89
N PHE H 232 -17.19 -34.37 20.44
CA PHE H 232 -18.09 -33.44 19.77
C PHE H 232 -17.39 -32.12 19.52
N GLY H 233 -18.04 -31.24 18.76
CA GLY H 233 -17.46 -29.93 18.49
C GLY H 233 -17.71 -29.00 19.66
N ALA H 234 -16.63 -28.50 20.26
CA ALA H 234 -16.73 -27.61 21.40
C ALA H 234 -17.58 -26.38 21.10
N LYS H 235 -17.38 -25.81 19.92
CA LYS H 235 -18.14 -24.64 19.49
C LYS H 235 -19.62 -24.88 19.76
N TYR H 236 -20.07 -26.08 19.45
CA TYR H 236 -21.45 -26.46 19.66
C TYR H 236 -21.77 -26.50 21.14
N LEU H 237 -21.06 -27.34 21.88
CA LEU H 237 -21.27 -27.47 23.31
C LEU H 237 -21.38 -26.12 24.01
N LEU H 238 -20.65 -25.14 23.50
CA LEU H 238 -20.67 -23.79 24.08
C LEU H 238 -22.06 -23.20 24.03
N ASP H 239 -22.82 -23.53 22.99
CA ASP H 239 -24.18 -23.02 22.84
C ASP H 239 -25.12 -23.90 23.65
N ILE H 240 -24.89 -25.21 23.61
CA ILE H 240 -25.71 -26.18 24.33
C ILE H 240 -25.84 -25.84 25.81
N ILE H 241 -24.78 -25.29 26.40
CA ILE H 241 -24.80 -24.95 27.82
C ILE H 241 -25.71 -23.77 28.15
N LYS H 242 -26.20 -23.10 27.12
CA LYS H 242 -27.07 -21.95 27.31
C LYS H 242 -28.35 -22.34 28.05
N GLY H 243 -28.73 -23.61 27.93
CA GLY H 243 -29.92 -24.08 28.60
C GLY H 243 -29.79 -23.85 30.10
N SER H 244 -28.56 -23.58 30.53
CA SER H 244 -28.28 -23.33 31.94
C SER H 244 -29.18 -22.22 32.47
N SER H 245 -29.87 -21.54 31.57
CA SER H 245 -30.75 -20.44 31.95
C SER H 245 -32.20 -20.87 32.15
N LEU H 246 -32.43 -22.17 32.32
CA LEU H 246 -33.78 -22.69 32.52
C LEU H 246 -33.84 -23.72 33.62
N SER H 247 -32.87 -24.63 33.64
CA SER H 247 -32.82 -25.69 34.64
C SER H 247 -31.55 -25.62 35.50
N ASP H 248 -31.72 -25.94 36.78
CA ASP H 248 -30.61 -25.93 37.74
C ASP H 248 -29.56 -26.97 37.39
N ARG H 249 -30.03 -28.15 36.97
CA ARG H 249 -29.13 -29.24 36.58
C ARG H 249 -29.52 -29.79 35.22
N VAL H 250 -28.51 -30.15 34.44
CA VAL H 250 -28.72 -30.68 33.11
C VAL H 250 -28.40 -32.18 33.02
N GLY H 251 -29.29 -32.93 32.40
CA GLY H 251 -29.06 -34.36 32.26
C GLY H 251 -28.50 -34.70 30.89
N ILE H 252 -27.45 -35.51 30.88
CA ILE H 252 -26.84 -35.91 29.62
C ILE H 252 -26.95 -37.43 29.44
N ARG H 253 -27.04 -37.84 28.18
CA ARG H 253 -27.13 -39.26 27.82
C ARG H 253 -26.23 -39.45 26.62
N LEU H 254 -25.39 -40.48 26.64
CA LEU H 254 -24.48 -40.71 25.54
C LEU H 254 -24.58 -42.13 24.99
N SER H 255 -24.54 -42.25 23.66
CA SER H 255 -24.62 -43.53 22.98
C SER H 255 -23.48 -43.72 22.00
N SER H 256 -23.10 -44.97 21.77
CA SER H 256 -22.01 -45.30 20.86
C SER H 256 -22.34 -44.98 19.40
N GLU H 257 -23.63 -44.88 19.09
CA GLU H 257 -24.07 -44.58 17.73
C GLU H 257 -25.06 -43.42 17.68
N ALA H 258 -25.90 -43.30 18.69
CA ALA H 258 -26.90 -42.23 18.76
C ALA H 258 -26.29 -40.93 19.26
N PRO H 259 -26.72 -39.80 18.70
CA PRO H 259 -26.20 -38.49 19.11
C PRO H 259 -26.31 -38.29 20.62
N ALA H 260 -25.71 -37.21 21.12
CA ALA H 260 -25.74 -36.92 22.55
C ALA H 260 -26.99 -36.12 22.91
N LEU H 261 -27.58 -36.45 24.06
CA LEU H 261 -28.78 -35.79 24.52
C LEU H 261 -28.52 -35.00 25.80
N PHE H 262 -28.71 -33.68 25.73
CA PHE H 262 -28.54 -32.82 26.88
C PHE H 262 -29.93 -32.24 27.15
N GLN H 263 -30.46 -32.47 28.35
CA GLN H 263 -31.79 -31.98 28.66
C GLN H 263 -31.82 -31.03 29.85
N PHE H 264 -32.65 -30.00 29.73
CA PHE H 264 -32.84 -29.02 30.78
C PHE H 264 -34.31 -29.06 31.14
N ASP H 265 -34.60 -29.71 32.26
CA ASP H 265 -35.97 -29.86 32.71
C ASP H 265 -36.67 -28.56 33.06
N LEU H 266 -37.95 -28.51 32.71
CA LEU H 266 -38.80 -27.37 32.99
C LEU H 266 -40.12 -27.94 33.51
N LYS H 267 -40.76 -27.24 34.42
CA LYS H 267 -42.02 -27.72 34.99
C LYS H 267 -42.95 -28.33 33.95
N SER H 268 -43.30 -27.54 32.95
CA SER H 268 -44.20 -27.99 31.90
C SER H 268 -43.57 -28.98 30.93
N GLY H 269 -42.36 -28.68 30.48
CA GLY H 269 -41.70 -29.56 29.54
C GLY H 269 -40.20 -29.62 29.66
N PHE H 270 -39.50 -29.16 28.62
CA PHE H 270 -38.05 -29.21 28.64
C PHE H 270 -37.43 -28.73 27.33
N LEU H 271 -36.14 -28.41 27.42
CA LEU H 271 -35.36 -27.98 26.27
C LEU H 271 -34.30 -29.06 26.16
N GLN H 272 -34.08 -29.59 24.97
CA GLN H 272 -33.07 -30.62 24.82
C GLN H 272 -32.33 -30.57 23.49
N PHE H 273 -31.01 -30.66 23.56
CA PHE H 273 -30.19 -30.64 22.37
C PHE H 273 -29.73 -32.04 22.00
N PHE H 274 -29.69 -32.31 20.70
CA PHE H 274 -29.26 -33.60 20.19
C PHE H 274 -28.05 -33.36 19.29
N LEU H 275 -26.87 -33.37 19.89
CA LEU H 275 -25.63 -33.13 19.16
C LEU H 275 -25.02 -34.42 18.61
N ALA H 276 -24.72 -34.42 17.31
CA ALA H 276 -24.15 -35.58 16.64
C ALA H 276 -22.62 -35.55 16.66
N PRO H 277 -22.00 -36.55 17.32
CA PRO H 277 -20.54 -36.68 17.43
C PRO H 277 -19.79 -36.40 16.12
N LYS H 278 -18.56 -35.92 16.22
CA LYS H 278 -17.77 -35.62 15.04
C LYS H 278 -16.82 -36.74 14.63
N PHE H 279 -17.16 -37.40 13.52
CA PHE H 279 -16.38 -38.50 12.98
C PHE H 279 -15.83 -38.13 11.61
#